data_7DAS
#
_entry.id   7DAS
#
_cell.length_a   1.00
_cell.length_b   1.00
_cell.length_c   1.00
_cell.angle_alpha   90.00
_cell.angle_beta   90.00
_cell.angle_gamma   90.00
#
_symmetry.space_group_name_H-M   'P 1'
#
loop_
_entity.id
_entity.type
_entity.pdbx_description
1 polymer 'Toll-like receptor 3'
2 polymer 'RNA component of mitochondrial RNAase P (Rmrp), RNase MRP RNA'
#
loop_
_entity_poly.entity_id
_entity_poly.type
_entity_poly.pdbx_seq_one_letter_code
_entity_poly.pdbx_strand_id
1 'polypeptide(L)'
;HHHHHHENLYFQSQCTVRYNVADCSHLKLTHIPDDLPSNITVLNLTHNQLRRLPPTNFTRYSQLAILDAGFNSISKLEPE
LCQILPLLKVLNLQHNELSQISDQTFVFCTNLTELDLMSNSIHKIKSNPFKNQKNLIKLDLSHNGLSSTKLGTGVQLENL
QELLLAKNKILALRSEELEFLGNSSLRKLDLSSNPLKEFSPGCFQTIGKLFALLLNNAQLNPHLTEKLCWELSNTSIQNL
SLANNQLLATSESTFSGLKWTNLTQLDLSYNNLHDVGNGSFSYLPSLRYLSLEYNNIQRLSPRSFYGLSNLRYLSLKRAF
TKQSVSLASHPNIDDFSFQWLKYLEYLNMDDNNIPSTKSNTFTGLVSLKYLSLSKTFTSLQTLTNETFVSLAHSPLLTLN
LTKNHISKIANGTFSWLGQLRILDLGLNEIEQKLSGQEWRGLRNIFEIYLSYNKYLQLSTSSFALVPSLQRLMLRRVALK
NVDISPSPFRPLRNLTILDLSNNNIANINEDLLEGLENLEILDFQHNNLARLWKRANPGGPVNFLKGLSHLHILNLESNG
LDEIPVGVFKNLFELKSINLGLNNLNKLEPFIFDDQTSLRSLNLQKNLITSVEKDVFGPPFQNLNSLDMRFNPFDCTCES
ISWFVNWINQTHTNISELSTHYLCNTPHHYYGFPLKLFDTSSCK
;
A,B
2 'polyribonucleotide'
;GCUCGCUCUGAAGGCCUGUUUCCUAGGCUACAUACGAGGGACAUGUUCCUUAUCCUUUCGCCUAGGGGAAAGUCCCCGGA
AGCUCACAUAGUGACGCAGGCAGUGCGACCUGGCUCGCACCAACCACACGGGGCUCAUUCUCAGCGCGGC
;
C
#
loop_
_chem_comp.id
_chem_comp.type
_chem_comp.name
_chem_comp.formula
A RNA linking ADENOSINE-5'-MONOPHOSPHATE 'C10 H14 N5 O7 P'
C RNA linking CYTIDINE-5'-MONOPHOSPHATE 'C9 H14 N3 O8 P'
G RNA linking GUANOSINE-5'-MONOPHOSPHATE 'C10 H14 N5 O8 P'
U RNA linking URIDINE-5'-MONOPHOSPHATE 'C9 H13 N2 O9 P'
#
# COMPACT_ATOMS: atom_id res chain seq x y z
N ASN A 8 -21.51 1.45 -0.95
CA ASN A 8 -22.56 2.49 -1.14
C ASN A 8 -23.87 1.81 -1.57
N LEU A 9 -25.00 2.51 -1.50
CA LEU A 9 -26.30 1.86 -1.82
C LEU A 9 -27.29 2.89 -2.37
N TYR A 10 -28.04 3.55 -1.49
CA TYR A 10 -29.05 4.55 -1.90
C TYR A 10 -30.02 3.91 -2.90
N PHE A 11 -30.22 2.59 -2.80
CA PHE A 11 -31.18 1.89 -3.70
C PHE A 11 -32.58 2.40 -3.38
N GLN A 12 -32.72 3.10 -2.24
CA GLN A 12 -34.01 3.74 -1.88
C GLN A 12 -35.17 2.74 -1.85
N SER A 13 -36.39 3.25 -2.04
CA SER A 13 -37.58 2.39 -1.95
C SER A 13 -37.88 1.81 -3.33
N GLN A 14 -38.51 2.60 -4.20
CA GLN A 14 -38.90 2.10 -5.54
C GLN A 14 -37.68 2.14 -6.46
N CYS A 15 -37.74 1.39 -7.55
CA CYS A 15 -36.63 1.30 -8.49
C CYS A 15 -36.64 2.47 -9.47
N THR A 16 -35.45 2.88 -9.89
CA THR A 16 -35.27 4.02 -10.78
C THR A 16 -35.72 3.62 -12.18
N VAL A 17 -36.97 3.93 -12.51
CA VAL A 17 -37.52 3.62 -13.82
C VAL A 17 -36.98 4.62 -14.84
N ARG A 18 -36.72 4.12 -16.05
CA ARG A 18 -36.13 4.93 -17.12
C ARG A 18 -37.00 4.84 -18.36
N TYR A 19 -36.48 5.27 -19.50
CA TYR A 19 -37.26 5.28 -20.74
C TYR A 19 -37.54 3.86 -21.18
N ASN A 20 -38.72 3.35 -20.81
CA ASN A 20 -39.19 1.99 -21.14
C ASN A 20 -38.11 0.93 -20.88
N VAL A 21 -37.22 1.21 -19.93
CA VAL A 21 -36.26 0.23 -19.42
C VAL A 21 -36.31 0.32 -17.89
N ALA A 22 -37.09 -0.57 -17.28
CA ALA A 22 -37.36 -0.51 -15.84
C ALA A 22 -36.39 -1.44 -15.12
N ASP A 23 -35.24 -0.89 -14.73
CA ASP A 23 -34.27 -1.63 -13.93
C ASP A 23 -34.69 -1.56 -12.47
N CYS A 24 -34.84 -2.72 -11.84
CA CYS A 24 -35.23 -2.81 -10.43
C CYS A 24 -34.37 -3.83 -9.70
N SER A 25 -33.06 -3.71 -9.89
CA SER A 25 -32.13 -4.66 -9.29
C SER A 25 -31.90 -4.34 -7.82
N HIS A 26 -31.40 -5.36 -7.10
CA HIS A 26 -31.01 -5.23 -5.66
C HIS A 26 -32.03 -4.47 -4.81
N LEU A 27 -33.31 -4.81 -4.88
CA LEU A 27 -34.31 -4.19 -4.03
C LEU A 27 -34.94 -5.18 -3.05
N LYS A 28 -34.39 -6.38 -2.96
CA LYS A 28 -35.00 -7.43 -2.10
C LYS A 28 -36.51 -7.49 -2.36
N LEU A 29 -36.94 -7.52 -3.63
CA LEU A 29 -38.35 -7.58 -3.96
C LEU A 29 -38.92 -8.96 -3.66
N THR A 30 -40.24 -9.01 -3.48
CA THR A 30 -40.96 -10.26 -3.35
C THR A 30 -42.19 -10.32 -4.24
N HIS A 31 -42.73 -9.17 -4.66
CA HIS A 31 -43.82 -9.11 -5.62
C HIS A 31 -43.29 -8.49 -6.91
N ILE A 32 -44.17 -8.42 -7.91
CA ILE A 32 -43.85 -7.78 -9.17
C ILE A 32 -44.49 -6.38 -9.15
N PRO A 33 -43.71 -5.32 -9.35
CA PRO A 33 -44.31 -3.99 -9.37
C PRO A 33 -45.21 -3.80 -10.57
N ASP A 34 -46.35 -3.14 -10.35
CA ASP A 34 -47.35 -2.94 -11.39
C ASP A 34 -47.58 -1.48 -11.76
N ASP A 35 -47.29 -0.54 -10.86
CA ASP A 35 -47.50 0.88 -11.07
C ASP A 35 -46.82 1.38 -12.35
N LEU A 36 -45.81 0.65 -12.81
CA LEU A 36 -44.98 1.04 -13.94
C LEU A 36 -45.84 1.27 -15.19
N PRO A 37 -45.39 2.11 -16.12
CA PRO A 37 -46.21 2.39 -17.30
C PRO A 37 -46.37 1.15 -18.17
N SER A 38 -47.38 1.21 -19.04
CA SER A 38 -47.66 0.13 -19.96
C SER A 38 -46.93 0.27 -21.29
N ASN A 39 -45.93 1.15 -21.37
CA ASN A 39 -45.14 1.34 -22.58
C ASN A 39 -43.72 0.79 -22.43
N ILE A 40 -43.47 0.02 -21.38
CA ILE A 40 -42.13 -0.49 -21.09
C ILE A 40 -41.87 -1.71 -21.95
N THR A 41 -40.59 -1.99 -22.18
CA THR A 41 -40.16 -3.12 -22.99
C THR A 41 -39.13 -3.97 -22.26
N VAL A 42 -38.61 -3.48 -21.14
CA VAL A 42 -37.54 -4.14 -20.42
C VAL A 42 -37.89 -4.18 -18.94
N LEU A 43 -37.51 -5.28 -18.28
CA LEU A 43 -37.66 -5.40 -16.83
C LEU A 43 -36.41 -6.07 -16.29
N ASN A 44 -35.43 -5.28 -15.88
CA ASN A 44 -34.20 -5.82 -15.28
C ASN A 44 -34.49 -6.10 -13.82
N LEU A 45 -35.09 -7.26 -13.55
CA LEU A 45 -35.44 -7.70 -12.20
C LEU A 45 -34.30 -8.47 -11.55
N THR A 46 -33.08 -8.23 -12.01
CA THR A 46 -31.91 -8.98 -11.54
C THR A 46 -31.69 -8.78 -10.05
N HIS A 47 -31.10 -9.79 -9.41
CA HIS A 47 -30.67 -9.69 -8.00
C HIS A 47 -31.81 -9.39 -7.04
N ASN A 48 -32.82 -10.24 -7.00
CA ASN A 48 -33.87 -10.10 -6.00
C ASN A 48 -34.17 -11.45 -5.37
N GLN A 49 -35.25 -11.53 -4.58
CA GLN A 49 -35.56 -12.76 -3.87
C GLN A 49 -37.00 -13.17 -4.15
N LEU A 50 -37.37 -13.18 -5.43
CA LEU A 50 -38.71 -13.57 -5.84
C LEU A 50 -38.86 -15.08 -5.75
N ARG A 51 -40.09 -15.54 -5.58
CA ARG A 51 -40.33 -17.02 -5.51
C ARG A 51 -40.99 -17.52 -6.79
N ARG A 52 -41.90 -16.74 -7.38
CA ARG A 52 -42.50 -17.15 -8.67
C ARG A 52 -42.97 -15.94 -9.45
N LEU A 53 -43.34 -16.14 -10.72
CA LEU A 53 -43.86 -15.05 -11.57
C LEU A 53 -45.33 -15.33 -11.90
N PRO A 54 -46.36 -15.06 -11.05
CA PRO A 54 -47.74 -15.29 -11.50
C PRO A 54 -47.99 -14.61 -12.84
N PRO A 55 -48.45 -15.36 -13.85
CA PRO A 55 -48.62 -14.77 -15.18
C PRO A 55 -49.75 -13.77 -15.28
N THR A 56 -50.40 -13.48 -14.15
CA THR A 56 -51.48 -12.51 -14.10
C THR A 56 -51.04 -11.12 -13.67
N ASN A 57 -50.00 -11.02 -12.84
CA ASN A 57 -49.49 -9.74 -12.38
C ASN A 57 -48.75 -8.96 -13.47
N PHE A 58 -48.76 -9.46 -14.71
CA PHE A 58 -48.17 -8.76 -15.84
C PHE A 58 -49.23 -8.27 -16.81
N THR A 59 -50.52 -8.49 -16.50
CA THR A 59 -51.59 -8.05 -17.37
C THR A 59 -51.56 -6.54 -17.60
N ARG A 60 -50.98 -5.80 -16.65
CA ARG A 60 -50.89 -4.34 -16.78
C ARG A 60 -50.23 -3.93 -18.08
N TYR A 61 -49.08 -4.51 -18.40
CA TYR A 61 -48.30 -4.13 -19.57
C TYR A 61 -48.06 -5.34 -20.45
N SER A 62 -48.82 -5.43 -21.54
CA SER A 62 -48.59 -6.41 -22.60
C SER A 62 -47.59 -5.91 -23.62
N GLN A 63 -46.77 -4.91 -23.26
CA GLN A 63 -45.84 -4.27 -24.18
C GLN A 63 -44.40 -4.70 -23.94
N LEU A 64 -44.16 -5.57 -22.96
CA LEU A 64 -42.81 -6.03 -22.66
C LEU A 64 -42.18 -6.66 -23.89
N ALA A 65 -40.89 -6.37 -24.08
CA ALA A 65 -40.12 -6.97 -25.17
C ALA A 65 -39.08 -7.96 -24.69
N ILE A 66 -38.31 -7.62 -23.66
CA ILE A 66 -37.29 -8.51 -23.10
C ILE A 66 -37.50 -8.57 -21.59
N LEU A 67 -37.47 -9.77 -21.04
CA LEU A 67 -37.65 -9.97 -19.61
C LEU A 67 -36.38 -10.57 -19.02
N ASP A 68 -35.78 -9.86 -18.06
CA ASP A 68 -34.56 -10.32 -17.39
C ASP A 68 -34.90 -10.59 -15.92
N ALA A 69 -35.13 -11.85 -15.59
CA ALA A 69 -35.45 -12.22 -14.22
C ALA A 69 -34.33 -13.04 -13.58
N GLY A 70 -33.09 -12.78 -14.00
CA GLY A 70 -31.96 -13.49 -13.46
C GLY A 70 -31.75 -13.22 -11.98
N PHE A 71 -31.04 -14.14 -11.33
CA PHE A 71 -30.65 -14.02 -9.94
C PHE A 71 -31.87 -13.82 -9.04
N ASN A 72 -32.71 -14.85 -9.03
CA ASN A 72 -33.89 -14.90 -8.17
C ASN A 72 -34.06 -16.30 -7.62
N SER A 73 -35.22 -16.59 -7.02
CA SER A 73 -35.51 -17.95 -6.59
C SER A 73 -36.78 -18.48 -7.26
N ILE A 74 -36.94 -18.23 -8.56
CA ILE A 74 -38.10 -18.71 -9.28
C ILE A 74 -38.02 -20.22 -9.42
N SER A 75 -39.12 -20.90 -9.13
CA SER A 75 -39.17 -22.36 -9.15
C SER A 75 -40.09 -22.93 -10.21
N LYS A 76 -40.98 -22.13 -10.79
CA LYS A 76 -41.90 -22.61 -11.80
C LYS A 76 -42.44 -21.44 -12.61
N LEU A 77 -42.45 -21.63 -13.93
CA LEU A 77 -43.00 -20.66 -14.87
C LEU A 77 -44.33 -21.20 -15.38
N GLU A 78 -45.13 -20.32 -15.96
CA GLU A 78 -46.46 -20.75 -16.42
C GLU A 78 -46.60 -20.51 -17.92
N PRO A 79 -47.26 -21.40 -18.65
CA PRO A 79 -47.45 -21.17 -20.09
C PRO A 79 -48.25 -19.91 -20.40
N GLU A 80 -49.11 -19.48 -19.47
CA GLU A 80 -49.90 -18.28 -19.71
C GLU A 80 -49.03 -17.02 -19.76
N LEU A 81 -47.85 -17.07 -19.13
CA LEU A 81 -46.92 -15.94 -19.16
C LEU A 81 -46.57 -15.56 -20.59
N CYS A 82 -46.40 -16.55 -21.45
CA CYS A 82 -46.04 -16.29 -22.84
C CYS A 82 -47.17 -15.56 -23.57
N GLN A 83 -48.40 -16.09 -23.49
CA GLN A 83 -49.49 -15.49 -24.23
C GLN A 83 -49.92 -14.15 -23.65
N ILE A 84 -49.69 -13.92 -22.35
CA ILE A 84 -49.96 -12.61 -21.78
C ILE A 84 -48.94 -11.58 -22.26
N LEU A 85 -47.72 -12.02 -22.57
CA LEU A 85 -46.65 -11.16 -23.05
C LEU A 85 -46.30 -11.58 -24.48
N PRO A 86 -47.14 -11.22 -25.46
CA PRO A 86 -46.94 -11.71 -26.83
C PRO A 86 -45.76 -11.09 -27.56
N LEU A 87 -45.22 -9.98 -27.06
CA LEU A 87 -44.11 -9.30 -27.73
C LEU A 87 -42.77 -9.62 -27.05
N LEU A 88 -42.68 -10.80 -26.45
CA LEU A 88 -41.47 -11.20 -25.74
C LEU A 88 -40.44 -11.71 -26.74
N LYS A 89 -39.20 -11.26 -26.60
CA LYS A 89 -38.13 -11.64 -27.52
C LYS A 89 -36.94 -12.28 -26.82
N VAL A 90 -36.58 -11.79 -25.63
CA VAL A 90 -35.41 -12.29 -24.90
C VAL A 90 -35.87 -12.61 -23.48
N LEU A 91 -35.47 -13.78 -22.99
CA LEU A 91 -35.75 -14.20 -21.62
C LEU A 91 -34.44 -14.56 -20.94
N ASN A 92 -34.40 -14.40 -19.62
CA ASN A 92 -33.19 -14.67 -18.85
C ASN A 92 -33.58 -15.14 -17.46
N LEU A 93 -33.14 -16.35 -17.10
CA LEU A 93 -33.49 -16.98 -15.83
C LEU A 93 -32.27 -17.64 -15.20
N GLN A 94 -31.12 -17.01 -15.41
CA GLN A 94 -29.85 -17.57 -14.91
C GLN A 94 -29.83 -17.57 -13.39
N HIS A 95 -29.08 -18.49 -12.82
CA HIS A 95 -28.95 -18.56 -11.34
C HIS A 95 -30.33 -18.60 -10.69
N ASN A 96 -31.29 -19.27 -11.31
CA ASN A 96 -32.60 -19.44 -10.66
C ASN A 96 -32.65 -20.89 -10.19
N GLU A 97 -33.81 -21.38 -9.76
CA GLU A 97 -33.89 -22.72 -9.20
C GLU A 97 -34.99 -23.54 -9.86
N LEU A 98 -35.10 -23.48 -11.18
CA LEU A 98 -36.03 -24.35 -11.89
C LEU A 98 -35.57 -25.79 -11.78
N SER A 99 -36.53 -26.71 -11.89
CA SER A 99 -36.23 -28.14 -11.79
C SER A 99 -36.86 -29.00 -12.87
N GLN A 100 -37.93 -28.55 -13.52
CA GLN A 100 -38.64 -29.38 -14.48
C GLN A 100 -39.15 -28.51 -15.62
N ILE A 101 -39.00 -29.00 -16.85
CA ILE A 101 -39.49 -28.32 -18.04
C ILE A 101 -40.50 -29.25 -18.70
N SER A 102 -41.78 -28.90 -18.59
CA SER A 102 -42.84 -29.71 -19.16
C SER A 102 -43.04 -29.37 -20.63
N ASP A 103 -43.77 -30.23 -21.33
CA ASP A 103 -44.00 -30.07 -22.76
C ASP A 103 -44.87 -28.87 -23.09
N GLN A 104 -45.56 -28.29 -22.10
CA GLN A 104 -46.50 -27.19 -22.34
C GLN A 104 -45.96 -25.85 -21.89
N THR A 105 -44.78 -25.80 -21.27
CA THR A 105 -44.27 -24.56 -20.69
C THR A 105 -44.02 -23.50 -21.76
N PHE A 106 -43.22 -23.83 -22.77
CA PHE A 106 -42.84 -22.88 -23.81
C PHE A 106 -43.72 -22.96 -25.04
N VAL A 107 -45.00 -23.38 -24.89
CA VAL A 107 -45.85 -23.55 -26.05
C VAL A 107 -46.26 -22.21 -26.66
N PHE A 108 -46.65 -21.24 -25.85
CA PHE A 108 -47.17 -19.98 -26.38
C PHE A 108 -46.08 -18.99 -26.79
N CYS A 109 -44.87 -19.13 -26.26
CA CYS A 109 -43.78 -18.27 -26.68
C CYS A 109 -43.33 -18.63 -28.09
N THR A 110 -43.56 -17.71 -29.03
CA THR A 110 -43.12 -17.91 -30.41
C THR A 110 -42.28 -16.78 -30.95
N ASN A 111 -42.42 -15.56 -30.44
CA ASN A 111 -41.57 -14.44 -30.81
C ASN A 111 -40.24 -14.46 -30.06
N LEU A 112 -39.92 -15.57 -29.41
CA LEU A 112 -38.69 -15.68 -28.64
C LEU A 112 -37.50 -15.94 -29.57
N THR A 113 -36.42 -15.21 -29.36
CA THR A 113 -35.18 -15.41 -30.10
C THR A 113 -34.03 -15.90 -29.23
N GLU A 114 -33.87 -15.34 -28.04
CA GLU A 114 -32.84 -15.78 -27.11
C GLU A 114 -33.52 -16.31 -25.86
N LEU A 115 -33.01 -17.41 -25.32
CA LEU A 115 -33.57 -18.05 -24.14
C LEU A 115 -32.42 -18.59 -23.30
N ASP A 116 -32.36 -18.19 -22.04
CA ASP A 116 -31.26 -18.56 -21.16
C ASP A 116 -31.82 -19.22 -19.90
N LEU A 117 -31.25 -20.37 -19.53
CA LEU A 117 -31.64 -21.14 -18.37
C LEU A 117 -30.42 -21.65 -17.63
N MET A 118 -29.41 -20.80 -17.49
CA MET A 118 -28.06 -21.27 -17.19
C MET A 118 -27.95 -22.09 -15.91
N SER A 119 -28.15 -21.47 -14.75
CA SER A 119 -27.79 -22.10 -13.49
C SER A 119 -29.05 -22.64 -12.80
N ASN A 120 -29.98 -23.15 -13.60
CA ASN A 120 -31.18 -23.80 -13.11
C ASN A 120 -30.84 -25.25 -12.74
N SER A 121 -31.80 -26.12 -12.47
CA SER A 121 -31.49 -27.49 -12.09
C SER A 121 -32.30 -28.48 -12.92
N ILE A 122 -32.28 -28.33 -14.25
CA ILE A 122 -33.01 -29.25 -15.11
C ILE A 122 -32.16 -30.50 -15.27
N HIS A 123 -32.35 -31.47 -14.38
CA HIS A 123 -31.55 -32.68 -14.44
C HIS A 123 -31.97 -33.59 -15.58
N LYS A 124 -33.13 -33.33 -16.18
CA LYS A 124 -33.64 -34.18 -17.24
C LYS A 124 -34.68 -33.44 -18.05
N ILE A 125 -34.82 -33.83 -19.31
CA ILE A 125 -35.81 -33.26 -20.21
C ILE A 125 -36.26 -34.36 -21.18
N LYS A 126 -37.56 -34.64 -21.17
CA LYS A 126 -38.12 -35.71 -21.98
C LYS A 126 -39.45 -35.26 -22.59
N SER A 127 -39.34 -34.55 -23.72
CA SER A 127 -40.50 -34.06 -24.45
C SER A 127 -40.04 -33.40 -25.74
N ASN A 128 -40.96 -32.74 -26.44
CA ASN A 128 -40.59 -31.85 -27.54
C ASN A 128 -40.94 -30.42 -27.13
N PRO A 129 -40.32 -29.88 -26.09
CA PRO A 129 -40.80 -28.63 -25.50
C PRO A 129 -40.47 -27.40 -26.33
N PHE A 130 -39.54 -27.51 -27.29
CA PHE A 130 -39.11 -26.38 -28.09
C PHE A 130 -39.78 -26.41 -29.47
N LYS A 131 -40.92 -27.09 -29.57
CA LYS A 131 -41.60 -27.23 -30.86
C LYS A 131 -42.01 -25.87 -31.41
N ASN A 132 -42.64 -25.04 -30.59
CA ASN A 132 -43.11 -23.73 -31.02
C ASN A 132 -41.98 -22.71 -31.13
N GLN A 133 -40.72 -23.14 -30.98
CA GLN A 133 -39.60 -22.21 -31.02
C GLN A 133 -38.99 -22.16 -32.42
N LYS A 134 -39.71 -21.62 -33.38
CA LYS A 134 -39.17 -21.46 -34.73
C LYS A 134 -38.38 -20.18 -34.90
N ASN A 135 -38.32 -19.33 -33.88
CA ASN A 135 -37.51 -18.12 -33.92
C ASN A 135 -36.35 -18.14 -32.94
N LEU A 136 -36.17 -19.22 -32.18
CA LEU A 136 -35.08 -19.30 -31.24
C LEU A 136 -33.75 -19.24 -31.97
N ILE A 137 -32.86 -18.37 -31.50
CA ILE A 137 -31.58 -18.16 -32.14
C ILE A 137 -30.45 -18.61 -31.22
N LYS A 138 -30.51 -18.21 -29.96
CA LYS A 138 -29.45 -18.52 -29.00
C LYS A 138 -30.07 -19.22 -27.80
N LEU A 139 -29.82 -20.52 -27.67
CA LEU A 139 -30.32 -21.31 -26.57
C LEU A 139 -29.18 -21.59 -25.60
N ASP A 140 -29.43 -21.44 -24.30
CA ASP A 140 -28.44 -21.67 -23.28
C ASP A 140 -28.93 -22.73 -22.32
N LEU A 141 -28.05 -23.69 -22.00
CA LEU A 141 -28.32 -24.65 -20.94
C LEU A 141 -27.06 -24.94 -20.13
N SER A 142 -26.08 -24.03 -20.16
CA SER A 142 -24.79 -24.24 -19.53
C SER A 142 -24.96 -24.34 -18.03
N HIS A 143 -24.39 -25.40 -17.44
CA HIS A 143 -24.32 -25.56 -15.99
C HIS A 143 -25.69 -25.70 -15.34
N ASN A 144 -26.46 -26.71 -15.75
CA ASN A 144 -27.70 -27.03 -15.07
C ASN A 144 -27.83 -28.52 -14.83
N GLY A 145 -26.71 -29.24 -14.80
CA GLY A 145 -26.69 -30.64 -14.49
C GLY A 145 -27.47 -31.53 -15.44
N LEU A 146 -27.10 -31.53 -16.72
CA LEU A 146 -27.68 -32.46 -17.68
C LEU A 146 -26.75 -33.65 -17.86
N SER A 147 -27.29 -34.71 -18.46
CA SER A 147 -26.51 -35.91 -18.73
C SER A 147 -26.76 -36.48 -20.12
N SER A 148 -27.54 -35.80 -20.96
CA SER A 148 -27.78 -36.23 -22.32
C SER A 148 -28.15 -35.02 -23.17
N THR A 149 -27.43 -34.84 -24.26
CA THR A 149 -27.64 -33.69 -25.14
C THR A 149 -28.97 -33.75 -25.89
N LYS A 150 -29.70 -34.87 -25.82
CA LYS A 150 -30.96 -34.99 -26.53
C LYS A 150 -31.97 -33.99 -25.99
N LEU A 151 -32.52 -33.16 -26.88
CA LEU A 151 -33.57 -32.22 -26.52
C LEU A 151 -34.85 -32.43 -27.32
N GLY A 152 -35.00 -33.56 -27.99
CA GLY A 152 -36.19 -33.81 -28.77
C GLY A 152 -36.01 -35.04 -29.62
N THR A 153 -37.01 -35.31 -30.44
CA THR A 153 -37.01 -36.49 -31.30
C THR A 153 -37.19 -36.18 -32.78
N GLY A 154 -37.73 -35.02 -33.13
CA GLY A 154 -37.83 -34.63 -34.53
C GLY A 154 -36.95 -33.42 -34.80
N VAL A 155 -36.76 -33.15 -36.08
CA VAL A 155 -35.94 -32.02 -36.49
C VAL A 155 -36.60 -30.73 -36.00
N GLN A 156 -35.96 -30.08 -35.03
CA GLN A 156 -36.54 -28.90 -34.40
C GLN A 156 -35.48 -27.80 -34.39
N LEU A 157 -35.85 -26.63 -33.89
CA LEU A 157 -34.96 -25.49 -33.76
C LEU A 157 -34.32 -25.16 -35.11
N GLU A 158 -35.16 -25.15 -36.15
CA GLU A 158 -34.68 -24.97 -37.52
C GLU A 158 -33.78 -23.75 -37.65
N ASN A 159 -34.15 -22.65 -36.99
CA ASN A 159 -33.38 -21.42 -37.06
C ASN A 159 -32.48 -21.22 -35.84
N LEU A 160 -32.15 -22.29 -35.12
CA LEU A 160 -31.18 -22.16 -34.04
C LEU A 160 -29.82 -21.74 -34.59
N GLN A 161 -29.10 -20.96 -33.80
CA GLN A 161 -27.83 -20.41 -34.27
C GLN A 161 -26.68 -20.53 -33.28
N GLU A 162 -26.92 -20.62 -31.98
CA GLU A 162 -25.85 -20.57 -30.99
C GLU A 162 -26.28 -21.39 -29.78
N LEU A 163 -25.85 -22.64 -29.73
CA LEU A 163 -26.23 -23.57 -28.66
C LEU A 163 -25.09 -23.65 -27.65
N LEU A 164 -25.43 -23.63 -26.37
CA LEU A 164 -24.44 -23.71 -25.30
C LEU A 164 -24.84 -24.82 -24.33
N LEU A 165 -23.89 -25.69 -24.00
CA LEU A 165 -24.14 -26.81 -23.09
C LEU A 165 -22.98 -26.99 -22.12
N ALA A 166 -22.45 -25.91 -21.56
CA ALA A 166 -21.29 -26.02 -20.70
C ALA A 166 -21.65 -26.63 -19.34
N LYS A 167 -20.61 -27.10 -18.65
CA LYS A 167 -20.68 -27.56 -17.27
C LYS A 167 -21.85 -28.51 -17.03
N ASN A 168 -21.84 -29.62 -17.75
CA ASN A 168 -22.84 -30.65 -17.54
C ASN A 168 -22.17 -32.00 -17.31
N LYS A 169 -22.94 -33.06 -17.26
CA LYS A 169 -22.43 -34.40 -17.03
C LYS A 169 -22.63 -35.27 -18.26
N ILE A 170 -22.44 -34.69 -19.45
CA ILE A 170 -22.50 -35.43 -20.70
C ILE A 170 -21.31 -36.38 -20.73
N LEU A 171 -21.57 -37.66 -21.01
CA LEU A 171 -20.53 -38.67 -21.03
C LEU A 171 -20.12 -39.07 -22.43
N ALA A 172 -20.97 -38.83 -23.43
CA ALA A 172 -20.65 -39.16 -24.81
C ALA A 172 -21.66 -38.48 -25.72
N LEU A 173 -21.37 -38.50 -27.01
CA LEU A 173 -22.24 -37.91 -28.02
C LEU A 173 -22.72 -39.03 -28.94
N ARG A 174 -23.90 -39.56 -28.64
CA ARG A 174 -24.50 -40.56 -29.51
C ARG A 174 -24.83 -39.96 -30.87
N SER A 175 -24.79 -40.80 -31.90
CA SER A 175 -25.16 -40.36 -33.23
C SER A 175 -26.63 -39.98 -33.32
N GLU A 176 -27.49 -40.63 -32.53
CA GLU A 176 -28.93 -40.45 -32.68
C GLU A 176 -29.44 -39.29 -31.83
N GLU A 177 -28.82 -39.03 -30.67
CA GLU A 177 -29.32 -38.02 -29.75
C GLU A 177 -28.96 -36.60 -30.17
N LEU A 178 -28.45 -36.42 -31.38
CA LEU A 178 -28.26 -35.09 -31.93
C LEU A 178 -28.97 -34.88 -33.25
N GLU A 179 -29.73 -35.86 -33.75
CA GLU A 179 -30.32 -35.76 -35.08
C GLU A 179 -31.46 -34.75 -35.14
N PHE A 180 -31.86 -34.14 -34.01
CA PHE A 180 -32.91 -33.14 -34.06
C PHE A 180 -32.45 -31.82 -34.66
N LEU A 181 -31.19 -31.73 -35.08
CA LEU A 181 -30.65 -30.53 -35.70
C LEU A 181 -30.41 -30.71 -37.20
N GLY A 182 -31.33 -31.39 -37.88
CA GLY A 182 -31.08 -31.83 -39.25
C GLY A 182 -30.71 -30.71 -40.20
N ASN A 183 -31.43 -29.58 -40.13
CA ASN A 183 -31.23 -28.47 -41.07
C ASN A 183 -31.13 -27.16 -40.30
N SER A 184 -30.32 -27.16 -39.24
CA SER A 184 -30.09 -25.98 -38.41
C SER A 184 -28.60 -25.66 -38.45
N SER A 185 -28.26 -24.46 -38.89
CA SER A 185 -26.87 -24.07 -39.04
C SER A 185 -26.28 -23.62 -37.71
N LEU A 186 -25.72 -24.55 -36.95
CA LEU A 186 -25.04 -24.21 -35.70
C LEU A 186 -23.79 -23.40 -36.01
N ARG A 187 -23.67 -22.23 -35.37
CA ARG A 187 -22.50 -21.40 -35.55
C ARG A 187 -21.63 -21.29 -34.30
N LYS A 188 -22.10 -21.84 -33.18
CA LYS A 188 -21.27 -21.96 -31.98
C LYS A 188 -21.86 -23.04 -31.11
N LEU A 189 -21.21 -24.20 -31.05
CA LEU A 189 -21.69 -25.33 -30.26
C LEU A 189 -20.77 -25.49 -29.06
N ASP A 190 -21.12 -24.85 -27.96
CA ASP A 190 -20.31 -24.88 -26.74
C ASP A 190 -20.54 -26.18 -26.01
N LEU A 191 -19.46 -26.89 -25.70
CA LEU A 191 -19.51 -28.11 -24.90
C LEU A 191 -18.41 -28.16 -23.87
N SER A 192 -17.95 -27.01 -23.38
CA SER A 192 -16.78 -26.98 -22.51
C SER A 192 -17.08 -27.65 -21.18
N SER A 193 -16.02 -28.16 -20.55
CA SER A 193 -16.06 -28.70 -19.19
C SER A 193 -17.12 -29.80 -19.05
N ASN A 194 -17.17 -30.67 -20.04
CA ASN A 194 -18.03 -31.85 -19.99
C ASN A 194 -17.17 -33.11 -20.04
N PRO A 195 -17.20 -33.93 -19.00
CA PRO A 195 -16.28 -35.09 -18.95
C PRO A 195 -16.67 -36.15 -19.98
N LEU A 196 -16.36 -35.86 -21.23
CA LEU A 196 -16.65 -36.77 -22.32
C LEU A 196 -15.69 -37.95 -22.29
N LYS A 197 -16.16 -39.13 -22.69
CA LYS A 197 -15.32 -40.32 -22.76
C LYS A 197 -15.45 -41.06 -24.08
N GLU A 198 -16.44 -40.72 -24.91
CA GLU A 198 -16.70 -41.50 -26.11
C GLU A 198 -17.27 -40.58 -27.18
N PHE A 199 -16.89 -40.85 -28.43
CA PHE A 199 -17.44 -40.19 -29.60
C PHE A 199 -17.89 -41.26 -30.58
N SER A 200 -19.19 -41.56 -30.59
CA SER A 200 -19.73 -42.56 -31.50
C SER A 200 -19.60 -42.08 -32.93
N PRO A 201 -19.45 -42.99 -33.90
CA PRO A 201 -19.32 -42.59 -35.30
C PRO A 201 -20.55 -41.84 -35.77
N GLY A 202 -20.31 -40.81 -36.60
CA GLY A 202 -21.38 -39.97 -37.11
C GLY A 202 -21.86 -38.91 -36.14
N CYS A 203 -21.16 -38.70 -35.03
CA CYS A 203 -21.66 -37.85 -33.95
C CYS A 203 -21.91 -36.42 -34.43
N PHE A 204 -20.99 -35.86 -35.20
CA PHE A 204 -21.12 -34.48 -35.63
C PHE A 204 -21.69 -34.32 -37.04
N GLN A 205 -21.43 -35.29 -37.93
CA GLN A 205 -21.97 -35.21 -39.28
C GLN A 205 -23.49 -35.12 -39.28
N THR A 206 -24.14 -35.56 -38.19
CA THR A 206 -25.58 -35.54 -38.11
C THR A 206 -26.15 -34.13 -38.06
N ILE A 207 -25.39 -33.16 -37.58
CA ILE A 207 -25.84 -31.77 -37.54
C ILE A 207 -25.87 -31.23 -38.96
N GLY A 208 -26.74 -30.26 -39.22
CA GLY A 208 -26.83 -29.64 -40.52
C GLY A 208 -25.53 -28.98 -40.93
N LYS A 209 -25.13 -27.94 -40.20
CA LYS A 209 -23.85 -27.29 -40.40
C LYS A 209 -23.22 -27.00 -39.05
N LEU A 210 -21.93 -27.20 -38.96
CA LEU A 210 -21.17 -26.92 -37.74
C LEU A 210 -20.00 -26.01 -38.10
N PHE A 211 -19.89 -24.90 -37.40
CA PHE A 211 -18.82 -23.94 -37.66
C PHE A 211 -17.78 -23.86 -36.56
N ALA A 212 -18.21 -23.61 -35.32
CA ALA A 212 -17.28 -23.55 -34.20
C ALA A 212 -17.63 -24.67 -33.23
N LEU A 213 -16.69 -25.03 -32.38
CA LEU A 213 -16.89 -26.05 -31.36
C LEU A 213 -15.91 -25.81 -30.23
N LEU A 214 -16.43 -25.70 -29.02
CA LEU A 214 -15.62 -25.38 -27.85
C LEU A 214 -15.57 -26.61 -26.94
N LEU A 215 -14.39 -27.15 -26.74
CA LEU A 215 -14.21 -28.30 -25.87
C LEU A 215 -13.23 -27.99 -24.75
N ASN A 216 -13.32 -26.78 -24.22
CA ASN A 216 -12.46 -26.35 -23.13
C ASN A 216 -12.70 -27.18 -21.89
N ASN A 217 -11.62 -27.57 -21.22
CA ASN A 217 -11.67 -28.22 -19.92
C ASN A 217 -12.45 -29.54 -19.99
N ALA A 218 -12.31 -30.22 -21.13
CA ALA A 218 -13.04 -31.47 -21.37
C ALA A 218 -12.20 -32.70 -21.07
N GLN A 219 -11.08 -32.55 -20.37
CA GLN A 219 -10.24 -33.65 -19.93
C GLN A 219 -9.84 -34.60 -21.05
N LEU A 220 -9.44 -34.06 -22.20
CA LEU A 220 -9.11 -34.90 -23.35
C LEU A 220 -7.70 -35.47 -23.22
N ASN A 221 -7.43 -36.51 -24.01
CA ASN A 221 -6.12 -37.13 -24.10
C ASN A 221 -5.81 -37.35 -25.58
N PRO A 222 -4.55 -37.65 -25.95
CA PRO A 222 -4.25 -37.84 -27.37
C PRO A 222 -5.12 -38.89 -28.06
N HIS A 223 -5.42 -40.01 -27.38
CA HIS A 223 -6.28 -41.02 -27.97
C HIS A 223 -7.69 -40.49 -28.17
N LEU A 224 -8.25 -39.85 -27.14
CA LEU A 224 -9.60 -39.32 -27.23
C LEU A 224 -9.71 -38.28 -28.34
N THR A 225 -8.77 -37.35 -28.41
CA THR A 225 -8.85 -36.32 -29.45
C THR A 225 -8.54 -36.91 -30.82
N GLU A 226 -7.79 -38.02 -30.87
CA GLU A 226 -7.59 -38.70 -32.14
C GLU A 226 -8.91 -39.27 -32.67
N LYS A 227 -9.63 -39.98 -31.81
CA LYS A 227 -10.96 -40.46 -32.19
C LYS A 227 -11.89 -39.30 -32.54
N LEU A 228 -11.84 -38.23 -31.74
CA LEU A 228 -12.66 -37.05 -32.00
C LEU A 228 -12.39 -36.49 -33.39
N CYS A 229 -11.11 -36.24 -33.72
CA CYS A 229 -10.78 -35.65 -35.01
C CYS A 229 -11.14 -36.60 -36.15
N TRP A 230 -11.04 -37.90 -35.91
CA TRP A 230 -11.43 -38.86 -36.96
C TRP A 230 -12.94 -38.81 -37.14
N GLU A 231 -13.66 -38.35 -36.12
CA GLU A 231 -15.10 -38.18 -36.25
C GLU A 231 -15.51 -36.76 -36.64
N LEU A 232 -14.56 -35.83 -36.73
CA LEU A 232 -14.86 -34.46 -37.13
C LEU A 232 -14.69 -34.22 -38.62
N SER A 233 -14.00 -35.12 -39.33
CA SER A 233 -13.70 -34.92 -40.74
C SER A 233 -14.97 -34.80 -41.56
N ASN A 234 -14.83 -34.19 -42.75
CA ASN A 234 -15.89 -34.13 -43.75
C ASN A 234 -17.05 -33.26 -43.27
N THR A 235 -16.72 -32.14 -42.64
CA THR A 235 -17.72 -31.17 -42.20
C THR A 235 -17.23 -29.78 -42.56
N SER A 236 -17.93 -28.77 -42.05
CA SER A 236 -17.64 -27.37 -42.33
C SER A 236 -17.12 -26.62 -41.12
N ILE A 237 -16.45 -27.30 -40.19
CA ILE A 237 -15.95 -26.65 -38.99
C ILE A 237 -14.90 -25.62 -39.37
N GLN A 238 -14.92 -24.49 -38.67
CA GLN A 238 -13.96 -23.43 -38.96
C GLN A 238 -13.17 -22.99 -37.73
N ASN A 239 -13.79 -22.95 -36.56
CA ASN A 239 -13.10 -22.65 -35.32
C ASN A 239 -13.17 -23.87 -34.41
N LEU A 240 -12.09 -24.15 -33.70
CA LEU A 240 -12.03 -25.27 -32.77
C LEU A 240 -11.05 -24.94 -31.66
N SER A 241 -11.48 -25.12 -30.42
CA SER A 241 -10.66 -24.81 -29.25
C SER A 241 -10.48 -26.06 -28.41
N LEU A 242 -9.29 -26.22 -27.82
CA LEU A 242 -8.96 -27.37 -27.00
C LEU A 242 -8.24 -26.93 -25.73
N ALA A 243 -8.60 -25.77 -25.20
CA ALA A 243 -7.95 -25.26 -24.01
C ALA A 243 -8.21 -26.16 -22.80
N ASN A 244 -7.30 -26.08 -21.83
CA ASN A 244 -7.47 -26.74 -20.53
C ASN A 244 -7.68 -28.25 -20.68
N ASN A 245 -6.66 -28.94 -21.18
CA ASN A 245 -6.76 -30.39 -21.33
C ASN A 245 -5.50 -31.10 -20.89
N GLN A 246 -5.40 -32.39 -21.19
CA GLN A 246 -4.21 -33.16 -20.87
C GLN A 246 -3.51 -33.58 -22.15
N LEU A 247 -3.51 -32.71 -23.15
CA LEU A 247 -2.90 -32.99 -24.45
C LEU A 247 -1.39 -32.82 -24.30
N LEU A 248 -0.78 -33.79 -23.61
CA LEU A 248 0.64 -33.67 -23.25
C LEU A 248 1.58 -33.85 -24.43
N ALA A 249 1.09 -34.38 -25.55
CA ALA A 249 1.96 -34.61 -26.69
C ALA A 249 1.11 -34.69 -27.95
N THR A 250 1.79 -34.62 -29.10
CA THR A 250 1.15 -34.69 -30.40
C THR A 250 2.08 -35.36 -31.40
N SER A 251 1.50 -36.00 -32.40
CA SER A 251 2.24 -36.62 -33.48
C SER A 251 1.50 -36.35 -34.80
N GLU A 252 1.93 -37.03 -35.85
CA GLU A 252 1.26 -36.88 -37.15
C GLU A 252 -0.16 -37.41 -37.11
N SER A 253 -0.38 -38.54 -36.43
CA SER A 253 -1.70 -39.15 -36.38
C SER A 253 -2.66 -38.43 -35.44
N THR A 254 -2.16 -37.49 -34.63
CA THR A 254 -3.03 -36.81 -33.67
C THR A 254 -4.16 -36.06 -34.38
N PHE A 255 -3.82 -35.24 -35.38
CA PHE A 255 -4.80 -34.50 -36.16
C PHE A 255 -5.00 -35.10 -37.55
N SER A 256 -4.80 -36.41 -37.68
CA SER A 256 -4.89 -37.05 -38.99
C SER A 256 -6.24 -36.82 -39.65
N GLY A 257 -7.31 -36.75 -38.85
CA GLY A 257 -8.64 -36.62 -39.42
C GLY A 257 -8.95 -35.24 -39.97
N LEU A 258 -8.27 -34.19 -39.50
CA LEU A 258 -8.58 -32.83 -39.89
C LEU A 258 -8.30 -32.53 -41.36
N LYS A 259 -7.73 -33.47 -42.11
CA LYS A 259 -7.35 -33.18 -43.49
C LYS A 259 -8.56 -32.92 -44.38
N TRP A 260 -9.74 -33.38 -44.01
CA TRP A 260 -10.94 -33.20 -44.82
C TRP A 260 -11.78 -32.01 -44.36
N THR A 261 -11.16 -31.05 -43.68
CA THR A 261 -11.88 -29.88 -43.20
C THR A 261 -11.13 -28.62 -43.59
N ASN A 262 -11.88 -27.55 -43.79
CA ASN A 262 -11.32 -26.22 -44.02
C ASN A 262 -11.11 -25.47 -42.71
N LEU A 263 -10.36 -26.07 -41.80
CA LEU A 263 -10.15 -25.45 -40.49
C LEU A 263 -9.47 -24.10 -40.64
N THR A 264 -9.87 -23.16 -39.80
CA THR A 264 -9.31 -21.81 -39.83
C THR A 264 -8.60 -21.42 -38.55
N GLN A 265 -9.21 -21.66 -37.39
CA GLN A 265 -8.58 -21.39 -36.11
C GLN A 265 -8.34 -22.71 -35.40
N LEU A 266 -7.41 -22.71 -34.44
CA LEU A 266 -7.20 -23.86 -33.57
C LEU A 266 -6.47 -23.38 -32.33
N ASP A 267 -7.12 -23.51 -31.18
CA ASP A 267 -6.53 -23.09 -29.90
C ASP A 267 -6.06 -24.32 -29.15
N LEU A 268 -4.83 -24.28 -28.65
CA LEU A 268 -4.28 -25.37 -27.86
C LEU A 268 -3.70 -24.87 -26.53
N SER A 269 -4.16 -23.72 -26.06
CA SER A 269 -3.63 -23.13 -24.85
C SER A 269 -3.91 -24.01 -23.64
N TYR A 270 -3.06 -23.88 -22.62
CA TYR A 270 -3.26 -24.55 -21.33
C TYR A 270 -3.41 -26.06 -21.49
N ASN A 271 -2.36 -26.70 -22.00
CA ASN A 271 -2.37 -28.14 -22.16
C ASN A 271 -1.14 -28.81 -21.60
N ASN A 272 -0.17 -28.06 -21.09
CA ASN A 272 1.17 -28.56 -20.82
C ASN A 272 1.72 -29.30 -22.02
N LEU A 273 1.33 -28.88 -23.23
CA LEU A 273 1.84 -29.44 -24.46
C LEU A 273 3.36 -29.45 -24.43
N HIS A 274 3.95 -30.64 -24.44
CA HIS A 274 5.35 -30.79 -24.08
C HIS A 274 6.26 -30.91 -25.29
N ASP A 275 5.90 -31.74 -26.27
CA ASP A 275 6.76 -31.98 -27.43
C ASP A 275 5.89 -32.06 -28.67
N VAL A 276 6.10 -31.10 -29.58
CA VAL A 276 5.41 -31.12 -30.87
C VAL A 276 6.10 -32.16 -31.77
N GLY A 277 5.32 -33.10 -32.28
CA GLY A 277 5.88 -34.13 -33.13
C GLY A 277 6.27 -33.60 -34.49
N ASN A 278 7.13 -34.37 -35.16
CA ASN A 278 7.61 -33.99 -36.48
C ASN A 278 6.48 -34.09 -37.49
N GLY A 279 6.14 -32.97 -38.12
CA GLY A 279 5.06 -32.96 -39.09
C GLY A 279 3.68 -33.02 -38.50
N SER A 280 3.53 -32.69 -37.21
CA SER A 280 2.27 -32.85 -36.52
C SER A 280 1.15 -31.97 -37.08
N PHE A 281 1.47 -30.97 -37.90
CA PHE A 281 0.46 -30.12 -38.51
C PHE A 281 0.46 -30.24 -40.02
N SER A 282 0.94 -31.36 -40.55
CA SER A 282 1.02 -31.56 -41.99
C SER A 282 -0.34 -31.59 -42.67
N TYR A 283 -1.44 -31.66 -41.91
CA TYR A 283 -2.76 -31.87 -42.47
C TYR A 283 -3.64 -30.62 -42.41
N LEU A 284 -3.04 -29.46 -42.21
CA LEU A 284 -3.84 -28.24 -42.11
C LEU A 284 -3.36 -27.18 -43.10
N PRO A 285 -3.54 -27.40 -44.40
CA PRO A 285 -3.11 -26.39 -45.38
C PRO A 285 -4.04 -25.19 -45.47
N SER A 286 -4.99 -25.06 -44.55
CA SER A 286 -5.88 -23.90 -44.52
C SER A 286 -5.90 -23.20 -43.17
N LEU A 287 -5.18 -23.71 -42.17
CA LEU A 287 -5.12 -23.06 -40.87
C LEU A 287 -4.63 -21.63 -41.02
N ARG A 288 -5.27 -20.72 -40.30
CA ARG A 288 -4.96 -19.30 -40.42
C ARG A 288 -4.73 -18.59 -39.10
N TYR A 289 -5.28 -19.11 -38.01
CA TYR A 289 -5.09 -18.53 -36.69
C TYR A 289 -4.81 -19.64 -35.70
N LEU A 290 -3.55 -19.74 -35.26
CA LEU A 290 -3.15 -20.79 -34.35
C LEU A 290 -2.69 -20.15 -33.05
N SER A 291 -2.91 -20.84 -31.93
CA SER A 291 -2.44 -20.39 -30.63
C SER A 291 -1.70 -21.54 -29.96
N LEU A 292 -0.71 -21.21 -29.13
CA LEU A 292 0.03 -22.19 -28.35
C LEU A 292 0.32 -21.70 -26.95
N GLU A 293 -0.45 -20.74 -26.45
CA GLU A 293 -0.13 -20.07 -25.19
C GLU A 293 -0.13 -21.05 -24.02
N TYR A 294 0.66 -20.72 -23.01
CA TYR A 294 0.65 -21.39 -21.71
C TYR A 294 0.79 -22.91 -21.84
N ASN A 295 1.93 -23.31 -22.38
CA ASN A 295 2.28 -24.73 -22.47
C ASN A 295 3.76 -24.87 -22.16
N ASN A 296 4.29 -26.06 -22.44
CA ASN A 296 5.66 -26.40 -22.06
C ASN A 296 6.40 -27.03 -23.23
N ILE A 297 6.33 -26.41 -24.41
CA ILE A 297 7.14 -26.86 -25.53
C ILE A 297 8.60 -26.84 -25.12
N GLN A 298 9.27 -27.98 -25.27
CA GLN A 298 10.66 -28.09 -24.87
C GLN A 298 11.61 -27.68 -26.00
N ARG A 299 11.37 -28.19 -27.21
CA ARG A 299 12.21 -27.89 -28.35
C ARG A 299 11.34 -27.71 -29.59
N LEU A 300 11.93 -27.09 -30.60
CA LEU A 300 11.31 -26.94 -31.90
C LEU A 300 12.30 -27.40 -32.96
N SER A 301 11.80 -28.11 -33.96
CA SER A 301 12.58 -28.61 -35.07
C SER A 301 12.05 -28.03 -36.38
N PRO A 302 12.88 -27.99 -37.43
CA PRO A 302 12.40 -27.49 -38.72
C PRO A 302 11.27 -28.31 -39.31
N ARG A 303 10.90 -29.42 -38.65
CA ARG A 303 9.73 -30.20 -39.02
C ARG A 303 8.53 -29.89 -38.14
N SER A 304 8.71 -29.15 -37.04
CA SER A 304 7.62 -28.93 -36.09
C SER A 304 6.44 -28.23 -36.74
N PHE A 305 6.70 -27.31 -37.66
CA PHE A 305 5.64 -26.56 -38.33
C PHE A 305 5.54 -26.92 -39.80
N TYR A 306 5.98 -28.12 -40.18
CA TYR A 306 5.97 -28.52 -41.57
C TYR A 306 4.53 -28.61 -42.08
N GLY A 307 4.29 -28.05 -43.27
CA GLY A 307 3.01 -28.13 -43.93
C GLY A 307 2.11 -26.93 -43.73
N LEU A 308 2.35 -26.11 -42.71
CA LEU A 308 1.49 -24.97 -42.41
C LEU A 308 1.84 -23.82 -43.36
N SER A 309 1.74 -24.12 -44.66
CA SER A 309 2.09 -23.17 -45.70
C SER A 309 1.07 -22.05 -45.87
N ASN A 310 0.07 -21.96 -44.99
CA ASN A 310 -1.02 -21.01 -45.18
C ASN A 310 -1.38 -20.28 -43.90
N LEU A 311 -0.53 -20.34 -42.88
CA LEU A 311 -0.81 -19.65 -41.63
C LEU A 311 -0.67 -18.14 -41.81
N ARG A 312 -1.40 -17.39 -41.00
CA ARG A 312 -1.34 -15.93 -41.02
C ARG A 312 -1.34 -15.29 -39.65
N TYR A 313 -1.17 -16.09 -38.59
CA TYR A 313 -1.10 -15.57 -37.23
C TYR A 313 -0.63 -16.72 -36.35
N LEU A 314 0.09 -16.38 -35.28
CA LEU A 314 0.62 -17.39 -34.36
C LEU A 314 1.05 -16.72 -33.08
N SER A 315 0.59 -17.24 -31.95
CA SER A 315 0.99 -16.75 -30.65
C SER A 315 1.84 -17.81 -29.97
N LEU A 316 2.84 -17.37 -29.22
CA LEU A 316 3.71 -18.25 -28.46
C LEU A 316 3.89 -17.73 -27.03
N LYS A 317 2.98 -16.87 -26.59
CA LYS A 317 3.08 -16.28 -25.27
C LYS A 317 3.07 -17.34 -24.19
N ARG A 318 4.17 -17.45 -23.45
CA ARG A 318 4.34 -18.44 -22.38
C ARG A 318 4.25 -19.87 -22.89
N ALA A 319 4.59 -20.10 -24.15
CA ALA A 319 4.48 -21.42 -24.76
C ALA A 319 5.66 -22.33 -24.44
N PHE A 320 6.82 -21.76 -24.13
CA PHE A 320 8.03 -22.56 -23.93
C PHE A 320 8.24 -22.88 -22.45
N THR A 321 9.01 -23.93 -22.22
CA THR A 321 9.24 -24.42 -20.86
C THR A 321 9.86 -23.33 -19.99
N LYS A 322 9.80 -23.56 -18.68
CA LYS A 322 10.20 -22.55 -17.71
C LYS A 322 11.71 -22.51 -17.54
N GLN A 323 12.16 -21.66 -16.62
CA GLN A 323 13.59 -21.40 -16.46
C GLN A 323 14.28 -22.55 -15.73
N SER A 324 13.65 -23.05 -14.67
CA SER A 324 14.24 -24.08 -13.80
C SER A 324 15.60 -23.65 -13.26
N ALA A 328 17.84 -26.04 -14.67
CA ALA A 328 18.79 -25.67 -15.71
C ALA A 328 18.20 -25.91 -17.10
N SER A 329 16.96 -26.39 -17.13
CA SER A 329 16.27 -26.66 -18.38
C SER A 329 15.88 -25.34 -19.04
N HIS A 330 16.40 -25.11 -20.24
CA HIS A 330 16.15 -23.88 -20.97
C HIS A 330 15.55 -24.22 -22.33
N PRO A 331 14.53 -23.47 -22.77
CA PRO A 331 13.96 -23.72 -24.08
C PRO A 331 14.98 -23.48 -25.18
N ASN A 332 14.78 -24.12 -26.32
CA ASN A 332 15.70 -24.00 -27.45
C ASN A 332 14.92 -24.13 -28.75
N ILE A 333 14.76 -23.02 -29.45
CA ILE A 333 14.27 -23.01 -30.82
C ILE A 333 15.46 -22.95 -31.76
N ASP A 334 15.70 -24.03 -32.49
CA ASP A 334 16.86 -24.12 -33.36
C ASP A 334 16.62 -23.30 -34.62
N ASP A 335 17.65 -23.21 -35.44
CA ASP A 335 17.58 -22.37 -36.63
C ASP A 335 16.62 -22.97 -37.65
N PHE A 336 16.26 -22.14 -38.64
CA PHE A 336 15.40 -22.55 -39.75
C PHE A 336 14.06 -23.10 -39.26
N SER A 337 13.61 -22.66 -38.09
CA SER A 337 12.38 -23.18 -37.53
C SER A 337 11.14 -22.70 -38.27
N PHE A 338 11.19 -21.50 -38.86
CA PHE A 338 10.02 -20.89 -39.47
C PHE A 338 10.11 -20.83 -40.99
N GLN A 339 10.91 -21.71 -41.60
CA GLN A 339 11.08 -21.64 -43.05
C GLN A 339 9.81 -22.01 -43.79
N TRP A 340 8.84 -22.65 -43.13
CA TRP A 340 7.62 -23.08 -43.81
C TRP A 340 6.51 -22.04 -43.76
N LEU A 341 6.45 -21.22 -42.70
CA LEU A 341 5.41 -20.21 -42.56
C LEU A 341 5.70 -19.04 -43.50
N LYS A 342 5.52 -19.30 -44.78
CA LYS A 342 5.83 -18.34 -45.83
C LYS A 342 4.80 -17.23 -45.95
N TYR A 343 3.65 -17.37 -45.30
CA TYR A 343 2.63 -16.33 -45.31
C TYR A 343 2.36 -15.74 -43.93
N LEU A 344 3.12 -16.13 -42.91
CA LEU A 344 2.90 -15.60 -41.57
C LEU A 344 3.08 -14.09 -41.56
N GLU A 345 2.30 -13.41 -40.71
CA GLU A 345 2.40 -11.96 -40.61
C GLU A 345 2.45 -11.45 -39.17
N TYR A 346 1.99 -12.22 -38.20
CA TYR A 346 2.01 -11.80 -36.80
C TYR A 346 2.61 -12.94 -35.99
N LEU A 347 3.46 -12.61 -35.03
CA LEU A 347 4.10 -13.64 -34.20
C LEU A 347 4.36 -13.06 -32.82
N ASN A 348 3.43 -13.30 -31.89
CA ASN A 348 3.63 -12.94 -30.50
C ASN A 348 4.52 -13.99 -29.84
N MET A 349 5.54 -13.56 -29.10
CA MET A 349 6.44 -14.48 -28.43
C MET A 349 6.74 -14.02 -27.01
N ASP A 350 5.76 -13.43 -26.34
CA ASP A 350 6.00 -12.88 -25.01
C ASP A 350 6.26 -13.99 -23.99
N ASP A 351 6.84 -13.58 -22.86
CA ASP A 351 6.96 -14.41 -21.66
C ASP A 351 7.58 -15.78 -21.95
N ASN A 352 8.86 -15.75 -22.37
CA ASN A 352 9.59 -16.99 -22.59
C ASN A 352 10.97 -16.86 -21.97
N ASN A 353 11.83 -17.83 -22.27
CA ASN A 353 13.19 -17.86 -21.74
C ASN A 353 14.20 -18.29 -22.79
N ILE A 354 13.94 -17.95 -24.05
CA ILE A 354 14.91 -18.17 -25.12
C ILE A 354 16.19 -17.44 -24.74
N PRO A 355 17.35 -18.09 -24.79
CA PRO A 355 18.60 -17.43 -24.37
C PRO A 355 18.93 -16.22 -25.22
N SER A 356 18.91 -16.38 -26.54
CA SER A 356 19.21 -15.30 -27.47
C SER A 356 18.77 -15.73 -28.86
N THR A 357 18.93 -14.82 -29.81
CA THR A 357 18.60 -15.09 -31.20
C THR A 357 19.81 -15.63 -31.95
N LYS A 358 19.59 -16.71 -32.69
CA LYS A 358 20.64 -17.33 -33.48
C LYS A 358 20.77 -16.58 -34.81
N SER A 359 21.53 -17.13 -35.75
CA SER A 359 21.82 -16.45 -37.00
C SER A 359 20.86 -16.86 -38.12
N ASN A 360 19.92 -17.76 -37.85
CA ASN A 360 18.94 -18.11 -38.88
C ASN A 360 17.53 -18.33 -38.33
N THR A 361 17.24 -17.89 -37.10
CA THR A 361 15.97 -18.22 -36.46
C THR A 361 14.77 -17.86 -37.32
N PHE A 362 14.69 -16.62 -37.80
CA PHE A 362 13.53 -16.16 -38.54
C PHE A 362 13.68 -16.27 -40.05
N THR A 363 14.59 -17.12 -40.53
CA THR A 363 14.78 -17.29 -41.96
C THR A 363 13.49 -17.78 -42.62
N GLY A 364 13.19 -17.22 -43.78
CA GLY A 364 12.04 -17.61 -44.56
C GLY A 364 10.77 -16.85 -44.25
N LEU A 365 10.75 -16.09 -43.16
CA LEU A 365 9.59 -15.30 -42.80
C LEU A 365 9.51 -14.06 -43.68
N VAL A 366 9.12 -14.23 -44.94
CA VAL A 366 9.21 -13.16 -45.93
C VAL A 366 7.90 -12.39 -45.96
N SER A 367 7.05 -12.58 -44.95
CA SER A 367 5.81 -11.82 -44.84
C SER A 367 5.54 -11.36 -43.42
N LEU A 368 6.44 -11.60 -42.48
CA LEU A 368 6.24 -11.14 -41.12
C LEU A 368 6.13 -9.63 -41.08
N LYS A 369 5.10 -9.13 -40.40
CA LYS A 369 4.87 -7.69 -40.31
C LYS A 369 4.93 -7.22 -38.87
N TYR A 370 4.24 -7.91 -37.97
CA TYR A 370 4.15 -7.55 -36.57
C TYR A 370 4.85 -8.61 -35.73
N LEU A 371 5.90 -8.21 -35.02
CA LEU A 371 6.66 -9.12 -34.18
C LEU A 371 6.78 -8.52 -32.78
N SER A 372 6.38 -9.29 -31.78
CA SER A 372 6.50 -8.88 -30.38
C SER A 372 7.50 -9.78 -29.68
N LEU A 373 8.28 -9.20 -28.78
CA LEU A 373 9.30 -9.95 -28.04
C LEU A 373 9.32 -9.50 -26.58
N SER A 374 8.18 -9.05 -26.07
CA SER A 374 8.12 -8.51 -24.72
C SER A 374 8.46 -9.59 -23.71
N LYS A 375 9.62 -9.46 -23.07
CA LYS A 375 10.02 -10.32 -21.96
C LYS A 375 10.18 -11.77 -22.42
N THR A 376 10.79 -11.96 -23.58
CA THR A 376 11.04 -13.28 -24.11
C THR A 376 12.46 -13.79 -23.86
N PHE A 377 13.39 -12.90 -23.57
CA PHE A 377 14.79 -13.26 -23.43
C PHE A 377 15.23 -13.24 -21.98
N THR A 378 16.37 -13.84 -21.73
CA THR A 378 17.00 -13.84 -20.41
C THR A 378 18.48 -13.52 -20.46
N SER A 379 19.15 -13.79 -21.58
CA SER A 379 20.60 -13.62 -21.70
C SER A 379 20.98 -12.78 -22.91
N LEU A 380 20.19 -11.76 -23.23
CA LEU A 380 20.56 -10.92 -24.37
C LEU A 380 21.56 -9.84 -24.00
N GLN A 381 21.12 -8.86 -23.22
CA GLN A 381 21.97 -7.83 -22.60
C GLN A 381 22.77 -7.00 -23.60
N THR A 382 22.69 -7.29 -24.89
CA THR A 382 23.46 -6.56 -25.90
C THR A 382 22.88 -6.87 -27.28
N LEU A 383 22.40 -5.83 -27.96
CA LEU A 383 21.92 -5.98 -29.33
C LEU A 383 23.03 -5.62 -30.31
N THR A 384 23.80 -6.61 -30.75
CA THR A 384 24.89 -6.40 -31.68
C THR A 384 24.35 -6.30 -33.10
N ASN A 385 25.25 -6.13 -34.07
CA ASN A 385 24.88 -6.02 -35.47
C ASN A 385 24.61 -7.38 -36.11
N GLU A 386 24.48 -8.44 -35.31
CA GLU A 386 24.22 -9.77 -35.85
C GLU A 386 23.05 -10.47 -35.21
N THR A 387 22.46 -9.94 -34.12
CA THR A 387 21.30 -10.59 -33.52
C THR A 387 20.05 -10.46 -34.37
N PHE A 388 20.05 -9.61 -35.39
CA PHE A 388 18.90 -9.45 -36.27
C PHE A 388 19.22 -9.70 -37.74
N VAL A 389 20.32 -10.40 -38.03
CA VAL A 389 20.62 -10.76 -39.41
C VAL A 389 19.56 -11.71 -39.95
N SER A 390 18.95 -12.53 -39.09
CA SER A 390 17.92 -13.47 -39.51
C SER A 390 16.66 -12.77 -39.99
N LEU A 391 16.47 -11.49 -39.66
CA LEU A 391 15.28 -10.74 -40.04
C LEU A 391 15.52 -9.84 -41.25
N ALA A 392 16.63 -10.00 -41.95
CA ALA A 392 16.95 -9.13 -43.08
C ALA A 392 15.94 -9.24 -44.21
N HIS A 393 15.13 -10.29 -44.24
CA HIS A 393 14.20 -10.53 -45.33
C HIS A 393 12.74 -10.53 -44.87
N SER A 394 12.40 -9.62 -43.96
CA SER A 394 11.04 -9.56 -43.43
C SER A 394 10.55 -8.13 -43.41
N PRO A 395 9.47 -7.81 -44.12
CA PRO A 395 8.93 -6.45 -44.07
C PRO A 395 8.27 -6.11 -42.74
N LEU A 396 9.07 -6.07 -41.68
CA LEU A 396 8.53 -5.75 -40.35
C LEU A 396 7.89 -4.38 -40.34
N LEU A 397 6.93 -4.20 -39.43
CA LEU A 397 6.29 -2.92 -39.16
C LEU A 397 6.15 -2.62 -37.68
N THR A 398 6.71 -3.45 -36.80
CA THR A 398 6.64 -3.25 -35.36
C THR A 398 7.64 -4.20 -34.71
N LEU A 399 8.19 -3.80 -33.57
CA LEU A 399 9.10 -4.66 -32.81
C LEU A 399 8.99 -4.27 -31.34
N ASN A 400 8.19 -5.03 -30.59
CA ASN A 400 8.00 -4.79 -29.17
C ASN A 400 9.10 -5.51 -28.39
N LEU A 401 10.00 -4.75 -27.77
CA LEU A 401 11.13 -5.35 -27.08
C LEU A 401 11.23 -4.96 -25.61
N THR A 402 10.10 -4.75 -24.94
CA THR A 402 10.15 -4.33 -23.55
C THR A 402 10.54 -5.48 -22.64
N LYS A 403 11.11 -5.14 -21.48
CA LYS A 403 11.37 -6.08 -20.39
C LYS A 403 12.34 -7.19 -20.80
N ASN A 404 13.48 -6.79 -21.34
CA ASN A 404 14.52 -7.74 -21.70
C ASN A 404 15.84 -7.48 -21.01
N HIS A 405 15.92 -6.49 -20.11
CA HIS A 405 17.15 -6.13 -19.40
C HIS A 405 18.29 -5.81 -20.37
N ILE A 406 17.95 -5.22 -21.51
CA ILE A 406 18.96 -4.79 -22.46
C ILE A 406 19.83 -3.74 -21.81
N SER A 407 21.14 -3.88 -21.94
CA SER A 407 22.08 -2.99 -21.26
C SER A 407 22.81 -2.04 -22.20
N LYS A 408 22.99 -2.41 -23.46
CA LYS A 408 23.70 -1.57 -24.41
C LYS A 408 23.44 -2.08 -25.82
N ILE A 409 23.57 -1.19 -26.80
CA ILE A 409 23.37 -1.53 -28.20
C ILE A 409 24.64 -1.16 -28.96
N ALA A 410 24.95 -1.92 -30.00
CA ALA A 410 26.11 -1.63 -30.82
C ALA A 410 25.71 -0.78 -32.01
N ASN A 411 26.70 -0.13 -32.62
CA ASN A 411 26.45 0.72 -33.77
C ASN A 411 25.91 -0.10 -34.94
N GLY A 412 24.78 0.32 -35.48
CA GLY A 412 24.20 -0.34 -36.63
C GLY A 412 23.50 -1.65 -36.36
N THR A 413 23.02 -1.87 -35.14
CA THR A 413 22.24 -3.06 -34.84
C THR A 413 21.02 -3.15 -35.75
N PHE A 414 20.34 -2.03 -35.94
CA PHE A 414 19.13 -1.98 -36.76
C PHE A 414 19.41 -1.67 -38.22
N SER A 415 20.61 -1.99 -38.71
CA SER A 415 20.91 -1.77 -40.12
C SER A 415 20.11 -2.69 -41.03
N TRP A 416 19.41 -3.67 -40.47
CA TRP A 416 18.69 -4.64 -41.30
C TRP A 416 17.25 -4.21 -41.52
N LEU A 417 16.57 -3.76 -40.47
CA LEU A 417 15.13 -3.48 -40.51
C LEU A 417 14.83 -2.16 -41.21
N GLY A 418 15.19 -2.08 -42.49
CA GLY A 418 15.01 -0.86 -43.26
C GLY A 418 13.57 -0.48 -43.57
N GLN A 419 12.61 -1.21 -43.02
CA GLN A 419 11.20 -0.95 -43.28
C GLN A 419 10.40 -0.84 -41.99
N LEU A 420 11.09 -0.78 -40.85
CA LEU A 420 10.42 -0.69 -39.56
C LEU A 420 9.68 0.63 -39.43
N ARG A 421 8.58 0.61 -38.68
CA ARG A 421 7.84 1.83 -38.35
C ARG A 421 7.87 2.15 -36.87
N ILE A 422 7.43 1.23 -36.01
CA ILE A 422 7.39 1.43 -34.58
C ILE A 422 8.46 0.56 -33.95
N LEU A 423 9.17 1.10 -32.96
CA LEU A 423 10.18 0.35 -32.23
C LEU A 423 9.97 0.62 -30.74
N ASP A 424 9.90 -0.44 -29.96
CA ASP A 424 9.64 -0.35 -28.52
C ASP A 424 10.88 -0.84 -27.79
N LEU A 425 11.45 0.02 -26.96
CA LEU A 425 12.64 -0.33 -26.18
C LEU A 425 12.46 0.00 -24.70
N GLY A 426 11.24 0.35 -24.30
CA GLY A 426 10.98 0.74 -22.94
C GLY A 426 11.21 -0.38 -21.94
N LEU A 427 11.25 0.03 -20.66
CA LEU A 427 11.35 -0.90 -19.54
C LEU A 427 12.58 -1.80 -19.65
N ASN A 428 13.72 -1.19 -19.96
CA ASN A 428 14.98 -1.91 -19.98
C ASN A 428 16.03 -1.18 -19.14
N GLU A 429 17.27 -1.64 -19.20
CA GLU A 429 18.37 -1.04 -18.47
C GLU A 429 19.39 -0.42 -19.42
N ILE A 430 18.91 0.20 -20.49
CA ILE A 430 19.80 0.87 -21.43
C ILE A 430 20.53 1.99 -20.70
N GLU A 431 21.85 2.05 -20.88
CA GLU A 431 22.66 3.08 -20.22
C GLU A 431 23.88 3.31 -21.11
N GLN A 432 23.82 4.36 -21.93
CA GLN A 432 24.91 4.66 -22.85
C GLN A 432 24.69 6.05 -23.41
N LYS A 433 25.69 6.55 -24.12
CA LYS A 433 25.60 7.81 -24.84
C LYS A 433 25.11 7.53 -26.26
N LEU A 434 23.99 8.13 -26.62
CA LEU A 434 23.36 7.87 -27.92
C LEU A 434 24.17 8.59 -28.99
N SER A 435 25.27 7.96 -29.41
CA SER A 435 26.15 8.55 -30.42
C SER A 435 25.43 8.81 -31.74
N GLY A 436 24.29 8.16 -31.97
CA GLY A 436 23.49 8.38 -33.16
C GLY A 436 23.57 7.27 -34.19
N GLN A 437 24.58 6.41 -34.10
CA GLN A 437 24.74 5.33 -35.06
C GLN A 437 23.86 4.12 -34.75
N GLU A 438 23.23 4.08 -33.58
CA GLU A 438 22.36 2.96 -33.24
C GLU A 438 21.21 2.84 -34.22
N TRP A 439 20.70 3.98 -34.70
CA TRP A 439 19.58 4.00 -35.63
C TRP A 439 20.01 3.91 -37.08
N ARG A 440 21.19 3.38 -37.37
CA ARG A 440 21.66 3.30 -38.74
C ARG A 440 20.75 2.42 -39.57
N GLY A 441 20.27 2.96 -40.69
CA GLY A 441 19.50 2.21 -41.66
C GLY A 441 18.00 2.39 -41.59
N LEU A 442 17.48 2.84 -40.44
CA LEU A 442 16.03 3.00 -40.26
C LEU A 442 15.56 4.24 -41.00
N ARG A 443 15.63 4.17 -42.33
CA ARG A 443 15.21 5.31 -43.15
C ARG A 443 13.69 5.46 -43.19
N ASN A 444 12.94 4.57 -42.55
CA ASN A 444 11.49 4.64 -42.52
C ASN A 444 10.91 4.61 -41.11
N ILE A 445 11.74 4.81 -40.09
CA ILE A 445 11.26 4.79 -38.72
C ILE A 445 10.17 5.85 -38.54
N PHE A 446 9.20 5.54 -37.68
CA PHE A 446 8.05 6.41 -37.49
C PHE A 446 7.81 6.74 -36.02
N GLU A 447 8.16 5.84 -35.11
CA GLU A 447 8.05 6.07 -33.67
C GLU A 447 9.14 5.28 -32.97
N ILE A 448 9.68 5.85 -31.90
CA ILE A 448 10.68 5.17 -31.09
C ILE A 448 10.30 5.39 -29.63
N TYR A 449 10.35 4.32 -28.84
CA TYR A 449 9.86 4.33 -27.46
C TYR A 449 11.02 4.02 -26.53
N LEU A 450 11.45 5.02 -25.75
CA LEU A 450 12.62 4.88 -24.89
C LEU A 450 12.31 5.06 -23.41
N SER A 451 11.04 5.24 -23.04
CA SER A 451 10.70 5.53 -21.65
C SER A 451 11.18 4.40 -20.74
N TYR A 452 11.39 4.74 -19.47
CA TYR A 452 11.73 3.79 -18.41
C TYR A 452 13.02 3.02 -18.72
N ASN A 453 14.13 3.76 -18.79
CA ASN A 453 15.46 3.17 -18.89
C ASN A 453 16.33 3.70 -17.74
N LYS A 454 17.61 3.34 -17.76
CA LYS A 454 18.50 3.77 -16.69
C LYS A 454 18.91 5.23 -16.85
N TYR A 455 19.62 5.53 -17.93
CA TYR A 455 19.84 6.91 -18.37
C TYR A 455 20.56 6.89 -19.72
N LEU A 456 20.36 7.96 -20.49
CA LEU A 456 20.98 8.12 -21.79
C LEU A 456 21.68 9.47 -21.83
N GLN A 457 22.82 9.52 -22.51
CA GLN A 457 23.57 10.76 -22.70
C GLN A 457 23.41 11.19 -24.15
N LEU A 458 22.51 12.13 -24.40
CA LEU A 458 22.28 12.60 -25.75
C LEU A 458 23.48 13.39 -26.26
N SER A 459 23.50 13.64 -27.56
CA SER A 459 24.57 14.38 -28.21
C SER A 459 24.01 15.04 -29.45
N THR A 460 24.77 16.00 -29.98
CA THR A 460 24.30 16.80 -31.12
C THR A 460 23.86 15.93 -32.28
N SER A 461 24.59 14.84 -32.54
CA SER A 461 24.28 13.95 -33.65
C SER A 461 23.55 12.69 -33.21
N SER A 462 22.73 12.77 -32.17
CA SER A 462 22.01 11.60 -31.69
C SER A 462 20.89 11.20 -32.65
N PHE A 463 20.04 12.16 -33.02
CA PHE A 463 18.86 11.89 -33.83
C PHE A 463 19.04 12.33 -35.28
N ALA A 464 20.28 12.63 -35.69
CA ALA A 464 20.50 13.16 -37.02
C ALA A 464 20.24 12.12 -38.10
N LEU A 465 20.32 10.84 -37.77
CA LEU A 465 20.17 9.78 -38.76
C LEU A 465 18.73 9.35 -39.00
N VAL A 466 17.79 9.84 -38.19
CA VAL A 466 16.37 9.48 -38.36
C VAL A 466 15.55 10.75 -38.55
N PRO A 467 15.65 11.43 -39.68
CA PRO A 467 14.85 12.64 -39.88
C PRO A 467 13.37 12.38 -40.00
N SER A 468 12.96 11.19 -40.44
CA SER A 468 11.55 10.92 -40.65
C SER A 468 10.81 10.57 -39.36
N LEU A 469 11.45 10.67 -38.21
CA LEU A 469 10.79 10.36 -36.95
C LEU A 469 9.56 11.25 -36.76
N GLN A 470 8.56 10.73 -36.07
CA GLN A 470 7.32 11.47 -35.89
C GLN A 470 6.86 11.51 -34.45
N ARG A 471 7.22 10.50 -33.66
CA ARG A 471 6.92 10.47 -32.23
C ARG A 471 8.16 10.06 -31.47
N LEU A 472 8.21 10.38 -30.18
CA LEU A 472 9.41 10.13 -29.38
C LEU A 472 9.04 10.20 -27.91
N MET A 473 9.33 9.14 -27.16
CA MET A 473 8.99 9.07 -25.74
C MET A 473 10.24 8.85 -24.91
N LEU A 474 10.54 9.81 -24.03
CA LEU A 474 11.69 9.73 -23.13
C LEU A 474 11.23 9.93 -21.69
N ARG A 475 10.17 9.24 -21.27
CA ARG A 475 9.73 9.35 -19.86
C ARG A 475 10.73 8.67 -18.94
N ARG A 476 10.75 9.04 -17.65
CA ARG A 476 11.65 8.44 -16.62
C ARG A 476 12.87 7.78 -17.25
N VAL A 477 13.73 8.58 -17.86
CA VAL A 477 14.99 8.04 -18.42
C VAL A 477 16.16 8.82 -17.81
N ALA A 478 15.90 9.85 -16.98
CA ALA A 478 16.97 10.58 -16.31
C ALA A 478 18.01 11.06 -17.32
N LEU A 479 17.53 11.91 -18.23
CA LEU A 479 18.36 12.47 -19.28
C LEU A 479 19.53 13.27 -18.70
N LYS A 480 20.59 13.38 -19.50
CA LYS A 480 21.69 14.29 -19.23
C LYS A 480 22.12 14.90 -20.55
N ASN A 481 22.97 15.92 -20.46
CA ASN A 481 23.55 16.59 -21.63
C ASN A 481 22.45 17.05 -22.58
N VAL A 482 21.46 17.73 -22.02
CA VAL A 482 20.30 18.17 -22.79
C VAL A 482 20.47 19.58 -23.33
N ASP A 483 21.32 20.41 -22.73
CA ASP A 483 21.54 21.77 -23.20
C ASP A 483 22.87 21.83 -23.94
N ILE A 484 22.82 21.51 -25.22
CA ILE A 484 24.00 21.53 -26.09
C ILE A 484 23.60 22.17 -27.42
N SER A 485 24.49 22.98 -27.97
CA SER A 485 24.04 23.60 -29.21
C SER A 485 24.77 23.00 -30.40
N PRO A 486 24.07 22.78 -31.53
CA PRO A 486 22.61 22.95 -31.65
C PRO A 486 21.85 21.84 -30.93
N SER A 487 20.57 22.06 -30.66
CA SER A 487 19.74 21.10 -29.94
C SER A 487 19.71 19.77 -30.69
N PRO A 488 19.81 18.64 -29.97
CA PRO A 488 19.72 17.34 -30.66
C PRO A 488 18.40 17.13 -31.37
N PHE A 489 17.35 17.83 -30.96
CA PHE A 489 16.03 17.71 -31.58
C PHE A 489 15.89 18.57 -32.84
N ARG A 490 16.82 19.50 -33.04
CA ARG A 490 16.72 20.42 -34.20
C ARG A 490 16.51 19.64 -35.50
N PRO A 491 17.20 18.51 -35.83
CA PRO A 491 17.00 17.87 -37.15
C PRO A 491 15.63 17.22 -37.31
N LEU A 492 14.92 16.90 -36.24
CA LEU A 492 13.64 16.18 -36.34
C LEU A 492 12.56 17.15 -36.83
N ARG A 493 12.55 17.36 -38.15
CA ARG A 493 11.62 18.31 -38.74
C ARG A 493 10.19 17.81 -38.69
N ASN A 494 9.97 16.52 -38.48
CA ASN A 494 8.65 15.92 -38.55
C ASN A 494 8.12 15.46 -37.20
N LEU A 495 8.81 15.81 -36.11
CA LEU A 495 8.38 15.36 -34.80
C LEU A 495 7.08 16.06 -34.40
N THR A 496 6.19 15.32 -33.72
CA THR A 496 4.95 15.89 -33.22
C THR A 496 4.75 15.73 -31.72
N ILE A 497 4.99 14.54 -31.16
CA ILE A 497 4.89 14.32 -29.68
C ILE A 497 6.32 14.31 -29.13
N LEU A 498 6.55 14.56 -27.84
CA LEU A 498 7.97 14.62 -27.40
C LEU A 498 8.20 13.95 -26.05
N ASP A 499 7.24 13.98 -25.15
CA ASP A 499 7.36 13.29 -23.83
C ASP A 499 8.79 13.28 -23.32
N LEU A 500 9.39 14.46 -23.17
CA LEU A 500 10.69 14.56 -22.46
C LEU A 500 10.33 14.79 -20.99
N SER A 501 9.52 13.92 -20.39
CA SER A 501 9.02 14.19 -19.01
C SER A 501 9.78 13.43 -17.94
N ASN A 502 9.42 13.63 -16.67
CA ASN A 502 10.03 12.93 -15.50
C ASN A 502 11.50 12.58 -15.70
N ASN A 503 12.32 13.53 -16.15
CA ASN A 503 13.77 13.26 -16.28
C ASN A 503 14.56 14.19 -15.38
N ASN A 504 13.92 15.19 -14.77
CA ASN A 504 14.60 16.18 -13.90
C ASN A 504 15.65 16.96 -14.71
N ILE A 505 15.21 17.92 -15.53
CA ILE A 505 16.15 18.69 -16.39
C ILE A 505 16.48 20.04 -15.73
N ALA A 506 17.68 20.18 -15.16
CA ALA A 506 18.05 21.40 -14.46
C ALA A 506 18.13 22.59 -15.40
N ASN A 507 18.68 22.38 -16.60
CA ASN A 507 18.96 23.48 -17.50
C ASN A 507 18.46 23.17 -18.90
N ILE A 508 17.71 24.10 -19.48
CA ILE A 508 17.17 23.99 -20.82
C ILE A 508 17.60 25.22 -21.58
N ASN A 509 18.64 25.10 -22.39
CA ASN A 509 19.00 26.19 -23.28
C ASN A 509 17.84 26.47 -24.21
N GLU A 510 17.65 27.74 -24.55
CA GLU A 510 16.46 28.13 -25.29
C GLU A 510 16.58 27.82 -26.78
N ASP A 511 17.71 27.26 -27.22
CA ASP A 511 17.82 26.80 -28.60
C ASP A 511 17.01 25.54 -28.84
N LEU A 512 16.79 24.73 -27.80
CA LEU A 512 16.00 23.53 -27.93
C LEU A 512 14.62 23.86 -28.50
N LEU A 513 14.07 22.92 -29.26
CA LEU A 513 12.74 22.97 -29.85
C LEU A 513 12.66 23.96 -31.00
N GLU A 514 13.75 24.61 -31.37
CA GLU A 514 13.73 25.51 -32.52
C GLU A 514 13.69 24.71 -33.80
N GLY A 515 12.71 24.98 -34.65
CA GLY A 515 12.58 24.30 -35.92
C GLY A 515 11.65 23.10 -35.92
N LEU A 516 11.18 22.65 -34.77
CA LEU A 516 10.16 21.60 -34.69
C LEU A 516 8.80 22.23 -34.91
N GLU A 517 8.58 22.72 -36.12
CA GLU A 517 7.38 23.49 -36.42
C GLU A 517 6.13 22.63 -36.36
N ASN A 518 6.24 21.33 -36.62
CA ASN A 518 5.09 20.44 -36.65
C ASN A 518 4.72 19.88 -35.29
N LEU A 519 5.39 20.29 -34.23
CA LEU A 519 5.14 19.70 -32.92
C LEU A 519 3.75 20.06 -32.42
N GLU A 520 3.06 19.08 -31.85
CA GLU A 520 1.70 19.26 -31.36
C GLU A 520 1.54 18.96 -29.88
N ILE A 521 2.21 17.94 -29.38
CA ILE A 521 2.15 17.58 -27.97
C ILE A 521 3.55 17.74 -27.39
N LEU A 522 3.66 18.52 -26.32
CA LEU A 522 4.89 18.57 -25.53
C LEU A 522 4.56 18.26 -24.07
N ASP A 523 5.17 17.20 -23.56
CA ASP A 523 5.02 16.80 -22.17
C ASP A 523 6.31 17.10 -21.43
N PHE A 524 6.26 18.00 -20.44
CA PHE A 524 7.45 18.41 -19.72
C PHE A 524 7.19 18.45 -18.22
N GLN A 525 6.68 17.36 -17.67
CA GLN A 525 6.36 17.32 -16.25
C GLN A 525 7.53 16.82 -15.42
N HIS A 526 7.46 17.11 -14.13
CA HIS A 526 8.40 16.58 -13.15
C HIS A 526 9.85 16.79 -13.56
N ASN A 527 10.18 18.03 -13.93
CA ASN A 527 11.54 18.33 -14.37
C ASN A 527 12.21 19.44 -13.57
N ASN A 528 11.61 19.94 -12.50
CA ASN A 528 12.35 20.91 -11.65
C ASN A 528 13.06 21.95 -12.51
N LEU A 529 12.35 22.54 -13.47
CA LEU A 529 12.94 23.62 -14.33
C LEU A 529 12.61 24.99 -13.74
N ALA A 530 12.20 25.03 -12.48
CA ALA A 530 11.70 26.25 -11.85
C ALA A 530 12.53 27.49 -12.18
N ARG A 531 13.78 27.50 -11.75
CA ARG A 531 14.69 28.64 -11.90
C ARG A 531 14.62 29.28 -13.28
N LEU A 532 14.49 28.47 -14.33
CA LEU A 532 14.47 29.01 -15.69
C LEU A 532 13.50 30.18 -15.80
N TRP A 533 12.25 29.95 -15.39
CA TRP A 533 11.29 31.03 -15.26
C TRP A 533 11.68 31.88 -14.06
N LYS A 534 11.95 33.17 -14.28
CA LYS A 534 12.34 34.03 -13.17
C LYS A 534 12.29 35.47 -13.65
N ARG A 535 11.86 36.38 -12.76
CA ARG A 535 12.04 37.80 -13.03
C ARG A 535 13.43 38.27 -12.65
N ALA A 536 14.14 37.52 -11.79
CA ALA A 536 15.49 37.90 -11.43
C ALA A 536 16.46 37.67 -12.57
N ASN A 537 16.15 36.72 -13.45
CA ASN A 537 16.80 36.54 -14.75
C ASN A 537 18.32 36.58 -14.71
N PRO A 538 18.99 35.51 -14.27
CA PRO A 538 20.42 35.40 -14.57
C PRO A 538 20.68 35.62 -16.04
N GLY A 539 19.89 34.95 -16.87
CA GLY A 539 19.72 35.33 -18.27
C GLY A 539 18.25 35.63 -18.48
N GLY A 540 17.98 36.43 -19.51
CA GLY A 540 16.62 36.80 -19.92
C GLY A 540 15.69 35.59 -19.86
N PRO A 541 14.42 35.76 -19.45
CA PRO A 541 13.54 34.60 -19.26
C PRO A 541 13.53 33.68 -20.47
N VAL A 542 13.78 32.40 -20.25
CA VAL A 542 13.85 31.46 -21.37
C VAL A 542 12.49 31.43 -22.09
N ASN A 543 12.56 31.27 -23.40
CA ASN A 543 11.36 31.20 -24.25
C ASN A 543 11.46 30.01 -25.19
N PHE A 544 11.80 28.85 -24.64
CA PHE A 544 12.00 27.68 -25.50
C PHE A 544 10.76 27.36 -26.33
N LEU A 545 9.59 27.81 -25.90
CA LEU A 545 8.38 27.70 -26.72
C LEU A 545 8.34 28.87 -27.71
N LYS A 546 9.41 28.96 -28.48
CA LYS A 546 9.61 30.11 -29.37
C LYS A 546 8.56 30.21 -30.45
N GLY A 547 8.55 29.26 -31.39
CA GLY A 547 7.67 29.39 -32.53
C GLY A 547 6.88 28.13 -32.87
N LEU A 548 6.63 27.28 -31.88
CA LEU A 548 5.80 26.12 -32.13
C LEU A 548 4.35 26.53 -32.28
N SER A 549 3.95 26.88 -33.50
CA SER A 549 2.60 27.37 -33.74
C SER A 549 1.59 26.24 -33.87
N HIS A 550 2.01 25.00 -33.96
CA HIS A 550 1.11 23.87 -34.02
C HIS A 550 0.87 23.20 -32.67
N LEU A 551 1.35 23.78 -31.58
CA LEU A 551 1.08 23.22 -30.26
C LEU A 551 -0.41 23.16 -29.98
N HIS A 552 -0.87 22.03 -29.47
CA HIS A 552 -2.23 21.88 -29.00
C HIS A 552 -2.30 21.64 -27.50
N ILE A 553 -1.61 20.64 -26.99
CA ILE A 553 -1.60 20.30 -25.58
C ILE A 553 -0.19 20.47 -25.04
N LEU A 554 -0.06 21.26 -23.98
CA LEU A 554 1.23 21.61 -23.40
C LEU A 554 1.12 21.37 -21.90
N ASN A 555 1.83 20.38 -21.39
CA ASN A 555 1.72 20.00 -19.99
C ASN A 555 3.03 20.27 -19.27
N LEU A 556 3.04 21.29 -18.41
CA LEU A 556 4.21 21.70 -17.64
C LEU A 556 3.95 21.50 -16.15
N GLU A 557 3.38 20.36 -15.79
CA GLU A 557 2.94 20.11 -14.42
C GLU A 557 4.11 19.70 -13.53
N SER A 558 4.08 20.20 -12.29
CA SER A 558 4.97 19.74 -11.22
C SER A 558 6.44 20.09 -11.49
N ASN A 559 6.68 21.34 -11.87
CA ASN A 559 8.05 21.81 -12.08
C ASN A 559 8.43 22.93 -11.14
N GLY A 560 7.69 23.11 -10.04
CA GLY A 560 7.97 24.18 -9.12
C GLY A 560 7.96 25.57 -9.72
N LEU A 561 7.09 25.82 -10.70
CA LEU A 561 6.99 27.14 -11.29
C LEU A 561 6.43 28.13 -10.29
N ASP A 562 6.93 29.37 -10.36
CA ASP A 562 6.37 30.39 -9.49
C ASP A 562 6.19 31.73 -10.20
N GLU A 563 6.61 31.86 -11.45
CA GLU A 563 6.37 33.08 -12.21
C GLU A 563 6.60 32.74 -13.68
N ILE A 564 5.55 32.81 -14.48
CA ILE A 564 5.68 32.60 -15.92
C ILE A 564 6.00 33.94 -16.58
N PRO A 565 7.09 33.98 -17.34
CA PRO A 565 7.44 35.19 -18.04
C PRO A 565 6.36 35.61 -19.03
N VAL A 566 6.30 36.91 -19.27
CA VAL A 566 5.33 37.45 -20.22
C VAL A 566 5.91 37.36 -21.62
N GLY A 567 5.24 36.60 -22.49
CA GLY A 567 5.70 36.46 -23.85
C GLY A 567 5.89 35.01 -24.23
N VAL A 568 5.80 34.13 -23.24
CA VAL A 568 6.02 32.71 -23.49
C VAL A 568 4.86 32.08 -24.23
N PHE A 569 3.67 32.65 -24.10
CA PHE A 569 2.49 32.13 -24.79
C PHE A 569 2.07 33.00 -25.96
N LYS A 570 2.95 33.90 -26.39
CA LYS A 570 2.62 34.82 -27.47
C LYS A 570 2.59 34.08 -28.81
N ASN A 571 1.46 34.16 -29.50
CA ASN A 571 1.23 33.65 -30.86
C ASN A 571 1.07 32.14 -30.95
N LEU A 572 0.81 31.43 -29.85
CA LEU A 572 0.48 30.01 -29.93
C LEU A 572 -1.05 29.92 -29.93
N PHE A 573 -1.62 30.10 -31.11
CA PHE A 573 -3.04 30.36 -31.24
C PHE A 573 -3.88 29.09 -31.17
N GLU A 574 -3.29 27.92 -31.29
CA GLU A 574 -4.04 26.68 -31.35
C GLU A 574 -3.96 25.85 -30.08
N LEU A 575 -3.35 26.36 -29.01
CA LEU A 575 -3.32 25.62 -27.77
C LEU A 575 -4.73 25.26 -27.32
N LYS A 576 -4.95 23.98 -27.03
CA LYS A 576 -6.23 23.50 -26.55
C LYS A 576 -6.23 23.11 -25.08
N SER A 577 -5.12 22.61 -24.56
CA SER A 577 -5.04 22.24 -23.15
C SER A 577 -3.72 22.72 -22.56
N ILE A 578 -3.80 23.33 -21.39
CA ILE A 578 -2.63 23.77 -20.64
C ILE A 578 -2.76 23.18 -19.25
N ASN A 579 -1.78 22.39 -18.84
CA ASN A 579 -1.79 21.79 -17.52
C ASN A 579 -0.61 22.33 -16.73
N LEU A 580 -0.88 23.27 -15.82
CA LEU A 580 0.14 23.85 -14.95
C LEU A 580 -0.06 23.47 -13.49
N GLY A 581 -0.63 22.30 -13.23
CA GLY A 581 -0.88 21.89 -11.87
C GLY A 581 0.39 21.71 -11.06
N LEU A 582 0.19 21.53 -9.75
CA LEU A 582 1.25 21.18 -8.81
C LEU A 582 2.47 22.09 -8.96
N ASN A 583 2.24 23.39 -8.83
CA ASN A 583 3.34 24.35 -8.89
C ASN A 583 3.18 25.33 -7.73
N ASN A 584 3.90 26.44 -7.81
CA ASN A 584 3.89 27.45 -6.76
C ASN A 584 3.44 28.81 -7.28
N LEU A 585 2.65 28.81 -8.36
CA LEU A 585 2.13 30.06 -8.89
C LEU A 585 1.25 30.76 -7.86
N ASN A 586 1.54 32.02 -7.59
CA ASN A 586 0.66 32.85 -6.79
C ASN A 586 0.49 34.18 -7.50
N LYS A 587 1.57 34.66 -8.11
CA LYS A 587 1.55 35.90 -8.85
C LYS A 587 1.22 35.59 -10.31
N LEU A 588 0.28 36.34 -10.86
CA LEU A 588 -0.15 36.16 -12.24
C LEU A 588 0.04 37.48 -12.98
N GLU A 589 1.09 37.54 -13.80
CA GLU A 589 1.37 38.74 -14.55
C GLU A 589 0.19 39.06 -15.47
N PRO A 590 -0.23 40.32 -15.55
CA PRO A 590 -1.30 40.69 -16.48
C PRO A 590 -1.02 40.22 -17.90
N PHE A 591 -2.09 39.86 -18.60
CA PHE A 591 -2.06 39.61 -20.04
C PHE A 591 -1.14 38.45 -20.42
N ILE A 592 -1.03 37.44 -19.57
CA ILE A 592 -0.20 36.29 -19.94
C ILE A 592 -0.92 35.40 -20.94
N PHE A 593 -2.25 35.39 -20.93
CA PHE A 593 -3.03 34.51 -21.80
C PHE A 593 -3.78 35.29 -22.87
N ASP A 594 -3.21 36.39 -23.35
CA ASP A 594 -3.92 37.22 -24.31
C ASP A 594 -4.17 36.50 -25.63
N ASP A 595 -3.25 35.62 -26.04
CA ASP A 595 -3.35 34.94 -27.32
C ASP A 595 -3.99 33.57 -27.24
N GLN A 596 -4.48 33.17 -26.07
CA GLN A 596 -5.10 31.84 -25.93
C GLN A 596 -6.62 31.97 -25.91
N THR A 597 -7.17 32.07 -27.11
CA THR A 597 -8.61 32.21 -27.28
C THR A 597 -9.31 30.90 -27.58
N SER A 598 -8.61 29.94 -28.19
CA SER A 598 -9.18 28.63 -28.47
C SER A 598 -9.04 27.65 -27.31
N LEU A 599 -8.65 28.11 -26.13
CA LEU A 599 -8.42 27.22 -25.01
C LEU A 599 -9.70 26.48 -24.65
N ARG A 600 -9.63 25.14 -24.67
CA ARG A 600 -10.75 24.32 -24.23
C ARG A 600 -10.54 23.68 -22.88
N SER A 601 -9.30 23.56 -22.42
CA SER A 601 -9.01 22.92 -21.14
C SER A 601 -7.93 23.71 -20.43
N LEU A 602 -8.17 24.04 -19.16
CA LEU A 602 -7.20 24.74 -18.33
C LEU A 602 -7.14 24.07 -16.96
N ASN A 603 -5.95 23.66 -16.55
CA ASN A 603 -5.78 23.00 -15.26
C ASN A 603 -4.71 23.72 -14.46
N LEU A 604 -5.11 24.33 -13.35
CA LEU A 604 -4.19 24.98 -12.41
C LEU A 604 -4.42 24.47 -11.00
N GLN A 605 -4.72 23.18 -10.85
CA GLN A 605 -4.97 22.62 -9.54
C GLN A 605 -3.71 22.63 -8.69
N LYS A 606 -3.91 22.58 -7.37
CA LYS A 606 -2.83 22.37 -6.40
C LYS A 606 -1.72 23.40 -6.55
N ASN A 607 -2.10 24.67 -6.51
CA ASN A 607 -1.14 25.77 -6.60
C ASN A 607 -1.23 26.66 -5.38
N LEU A 608 -0.63 27.84 -5.47
CA LEU A 608 -0.67 28.81 -4.38
C LEU A 608 -1.42 30.06 -4.82
N ILE A 609 -2.36 29.89 -5.75
CA ILE A 609 -3.11 31.02 -6.26
C ILE A 609 -4.06 31.53 -5.18
N THR A 610 -4.08 32.83 -4.97
CA THR A 610 -4.90 33.44 -3.94
C THR A 610 -5.95 34.37 -4.50
N SER A 611 -5.73 34.95 -5.67
CA SER A 611 -6.68 35.87 -6.28
C SER A 611 -6.85 35.49 -7.74
N VAL A 612 -8.08 35.58 -8.22
CA VAL A 612 -8.42 35.29 -9.61
C VAL A 612 -9.00 36.57 -10.22
N GLU A 613 -8.19 37.28 -10.98
CA GLU A 613 -8.57 38.56 -11.55
C GLU A 613 -9.04 38.36 -12.99
N LYS A 614 -9.41 39.48 -13.64
CA LYS A 614 -9.97 39.45 -14.98
C LYS A 614 -8.96 39.74 -16.08
N ASP A 615 -8.01 40.64 -15.81
CA ASP A 615 -6.95 40.96 -16.76
C ASP A 615 -6.03 39.79 -17.08
N VAL A 616 -6.15 38.67 -16.38
CA VAL A 616 -5.44 37.44 -16.72
C VAL A 616 -6.37 36.38 -17.27
N PHE A 617 -7.45 36.08 -16.57
CA PHE A 617 -8.30 34.96 -16.95
C PHE A 617 -9.45 35.28 -17.90
N GLY A 618 -9.72 36.55 -18.21
CA GLY A 618 -10.74 36.86 -19.19
C GLY A 618 -10.59 36.05 -20.46
N PRO A 619 -9.53 36.32 -21.21
CA PRO A 619 -9.34 35.69 -22.51
C PRO A 619 -9.57 34.19 -22.43
N PRO A 620 -8.82 33.44 -21.60
CA PRO A 620 -9.03 31.99 -21.62
C PRO A 620 -10.44 31.61 -21.23
N PHE A 621 -11.02 32.32 -20.26
CA PHE A 621 -12.39 32.01 -19.83
C PHE A 621 -13.41 32.25 -20.92
N GLN A 622 -13.03 32.90 -22.02
CA GLN A 622 -14.04 33.37 -22.95
C GLN A 622 -14.76 32.20 -23.63
N ASN A 623 -14.08 31.05 -23.75
CA ASN A 623 -14.62 29.93 -24.50
C ASN A 623 -14.34 28.58 -23.84
N LEU A 624 -13.93 28.58 -22.57
CA LEU A 624 -13.50 27.35 -21.91
C LEU A 624 -14.62 26.32 -21.82
N ASN A 625 -14.28 25.06 -22.07
CA ASN A 625 -15.21 23.96 -21.85
C ASN A 625 -14.96 23.24 -20.53
N SER A 626 -13.74 23.29 -20.00
CA SER A 626 -13.40 22.55 -18.80
C SER A 626 -12.31 23.30 -18.05
N LEU A 627 -12.53 23.53 -16.77
CA LEU A 627 -11.58 24.24 -15.92
C LEU A 627 -11.36 23.48 -14.63
N ASP A 628 -10.11 23.40 -14.20
CA ASP A 628 -9.76 22.72 -12.95
C ASP A 628 -8.77 23.59 -12.19
N MET A 629 -9.22 24.19 -11.09
CA MET A 629 -8.37 25.10 -10.33
C MET A 629 -8.57 24.90 -8.83
N ARG A 630 -8.87 23.68 -8.40
CA ARG A 630 -9.18 23.39 -7.02
C ARG A 630 -7.91 23.32 -6.18
N PHE A 631 -8.10 23.19 -4.86
CA PHE A 631 -7.00 23.15 -3.90
C PHE A 631 -6.18 24.43 -3.94
N ASN A 632 -6.86 25.58 -3.88
CA ASN A 632 -6.14 26.84 -3.92
C ASN A 632 -6.58 27.75 -2.80
N PRO A 633 -5.63 28.40 -2.11
CA PRO A 633 -5.99 29.35 -1.05
C PRO A 633 -6.60 30.64 -1.57
N PHE A 634 -7.77 30.56 -2.20
CA PHE A 634 -8.44 31.75 -2.73
C PHE A 634 -8.60 32.83 -1.68
N ASP A 635 -8.57 34.08 -2.11
CA ASP A 635 -8.91 35.20 -1.24
C ASP A 635 -10.41 35.48 -1.31
N CYS A 636 -11.13 35.19 -0.24
CA CYS A 636 -12.55 35.49 -0.20
C CYS A 636 -12.82 36.97 0.09
N THR A 637 -12.47 37.83 -0.86
CA THR A 637 -12.97 39.19 -0.89
C THR A 637 -13.34 39.51 -2.34
N CYS A 638 -14.43 40.29 -2.49
CA CYS A 638 -14.92 40.61 -3.82
C CYS A 638 -13.85 41.20 -4.72
N GLU A 639 -12.86 41.91 -4.15
CA GLU A 639 -11.77 42.44 -4.95
C GLU A 639 -10.93 41.34 -5.59
N SER A 640 -10.87 40.17 -4.98
CA SER A 640 -10.04 39.08 -5.48
C SER A 640 -10.81 38.04 -6.27
N ILE A 641 -12.10 37.82 -5.96
CA ILE A 641 -12.85 36.73 -6.56
C ILE A 641 -14.22 37.15 -7.09
N SER A 642 -14.63 38.41 -6.92
CA SER A 642 -15.95 38.84 -7.37
C SER A 642 -16.22 38.47 -8.82
N TRP A 643 -15.32 38.86 -9.72
CA TRP A 643 -15.51 38.55 -11.12
C TRP A 643 -15.59 37.05 -11.34
N PHE A 644 -14.69 36.30 -10.70
CA PHE A 644 -14.67 34.86 -10.86
C PHE A 644 -16.01 34.27 -10.46
N VAL A 645 -16.46 34.55 -9.24
CA VAL A 645 -17.74 34.04 -8.74
C VAL A 645 -18.89 34.43 -9.64
N ASN A 646 -18.85 35.62 -10.24
CA ASN A 646 -19.91 35.97 -11.19
C ASN A 646 -19.86 35.05 -12.39
N TRP A 647 -18.66 34.84 -12.93
CA TRP A 647 -18.52 33.95 -14.06
C TRP A 647 -19.02 32.57 -13.71
N ILE A 648 -18.70 32.08 -12.51
CA ILE A 648 -19.17 30.78 -12.05
C ILE A 648 -20.70 30.74 -12.01
N ASN A 649 -21.31 31.84 -11.62
CA ASN A 649 -22.78 31.88 -11.61
C ASN A 649 -23.37 31.90 -13.01
N GLN A 650 -22.66 32.43 -13.99
CA GLN A 650 -23.27 32.59 -15.31
C GLN A 650 -22.57 31.82 -16.43
N THR A 651 -21.72 30.85 -16.13
CA THR A 651 -21.05 30.12 -17.20
C THR A 651 -21.50 28.67 -17.24
N HIS A 652 -21.45 28.09 -18.43
CA HIS A 652 -21.81 26.70 -18.65
C HIS A 652 -20.61 25.77 -18.65
N THR A 653 -19.43 26.27 -18.33
CA THR A 653 -18.23 25.44 -18.33
C THR A 653 -18.41 24.26 -17.38
N ASN A 654 -17.79 23.14 -17.74
CA ASN A 654 -17.78 21.97 -16.88
C ASN A 654 -16.74 22.18 -15.79
N ILE A 655 -17.19 22.37 -14.56
CA ILE A 655 -16.32 22.49 -13.40
C ILE A 655 -16.55 21.27 -12.53
N SER A 656 -15.50 20.50 -12.29
CA SER A 656 -15.64 19.31 -11.48
C SER A 656 -15.42 19.62 -10.00
N GLU A 657 -16.19 18.93 -9.15
CA GLU A 657 -16.13 19.10 -7.70
C GLU A 657 -16.18 20.56 -7.30
N LEU A 658 -17.05 21.33 -7.95
CA LEU A 658 -17.16 22.75 -7.67
C LEU A 658 -17.49 23.00 -6.20
N SER A 659 -18.46 22.27 -5.68
CA SER A 659 -19.10 22.59 -4.41
C SER A 659 -18.24 22.24 -3.20
N THR A 660 -17.17 21.50 -3.36
CA THR A 660 -16.45 20.95 -2.21
C THR A 660 -14.95 21.21 -2.17
N HIS A 661 -14.29 21.43 -3.31
CA HIS A 661 -12.85 21.63 -3.31
C HIS A 661 -12.44 23.03 -3.74
N TYR A 662 -13.31 24.01 -3.61
CA TYR A 662 -12.95 25.40 -3.85
C TYR A 662 -13.25 26.17 -2.58
N LEU A 663 -12.30 26.13 -1.65
CA LEU A 663 -12.45 26.74 -0.34
C LEU A 663 -11.42 27.85 -0.15
N CYS A 664 -11.84 28.92 0.53
CA CYS A 664 -10.90 30.00 0.83
C CYS A 664 -10.17 29.63 2.11
N ASN A 665 -8.85 29.78 2.12
CA ASN A 665 -8.10 29.60 3.37
C ASN A 665 -8.00 30.97 4.04
N THR A 666 -8.74 31.96 3.53
CA THR A 666 -8.71 33.34 4.07
C THR A 666 -10.03 34.02 3.72
N PRO A 667 -10.62 34.94 4.51
CA PRO A 667 -10.03 35.48 5.73
C PRO A 667 -10.66 34.95 7.04
N HIS A 668 -10.72 33.62 7.23
CA HIS A 668 -11.22 32.99 8.49
C HIS A 668 -12.73 33.16 8.67
N HIS A 669 -13.24 34.38 8.54
CA HIS A 669 -14.70 34.62 8.61
C HIS A 669 -15.25 33.69 7.54
N TYR A 670 -14.38 33.32 6.60
CA TYR A 670 -14.82 32.43 5.50
C TYR A 670 -13.85 31.24 5.38
N TYR A 671 -13.14 30.89 6.44
CA TYR A 671 -12.27 29.69 6.29
C TYR A 671 -13.17 28.48 6.08
N GLY A 672 -13.15 27.88 4.89
CA GLY A 672 -14.00 26.75 4.60
C GLY A 672 -15.21 27.13 3.78
N PHE A 673 -15.46 28.41 3.59
CA PHE A 673 -16.64 28.85 2.88
C PHE A 673 -16.56 28.41 1.43
N PRO A 674 -17.58 27.71 0.92
CA PRO A 674 -17.58 27.34 -0.50
C PRO A 674 -17.57 28.58 -1.38
N LEU A 675 -16.60 28.61 -2.31
CA LEU A 675 -16.44 29.76 -3.21
C LEU A 675 -17.77 30.15 -3.86
N LYS A 676 -18.44 29.17 -4.47
CA LYS A 676 -19.68 29.45 -5.20
C LYS A 676 -20.71 30.15 -4.32
N LEU A 677 -20.62 30.02 -3.01
CA LEU A 677 -21.56 30.63 -2.08
C LEU A 677 -21.17 32.06 -1.71
N PHE A 678 -20.12 32.62 -2.31
CA PHE A 678 -19.62 33.92 -1.90
C PHE A 678 -20.57 35.01 -2.38
N ASP A 679 -21.10 35.79 -1.44
CA ASP A 679 -21.97 36.89 -1.81
C ASP A 679 -21.16 38.02 -2.43
N THR A 680 -21.65 38.54 -3.56
CA THR A 680 -20.94 39.55 -4.33
C THR A 680 -21.69 40.86 -4.49
N SER A 681 -23.00 40.87 -4.22
CA SER A 681 -23.86 42.01 -4.53
C SER A 681 -23.27 43.36 -4.13
N SER A 682 -22.90 43.50 -2.86
CA SER A 682 -22.52 44.81 -2.32
C SER A 682 -21.02 45.07 -2.49
N CYS A 683 -20.57 45.10 -3.75
CA CYS A 683 -19.16 45.33 -4.02
C CYS A 683 -19.04 46.08 -5.36
N LYS A 684 -19.01 47.40 -5.27
CA LYS A 684 -18.74 48.31 -6.39
C LYS A 684 -18.91 49.76 -5.96
N TYR B 10 2.89 25.31 4.73
CA TYR B 10 3.87 26.34 4.29
C TYR B 10 3.96 27.44 5.34
N PHE B 11 3.86 28.72 4.93
CA PHE B 11 3.88 29.90 5.85
C PHE B 11 5.28 30.16 6.43
N GLN B 12 5.89 31.29 6.05
CA GLN B 12 7.26 31.62 6.53
C GLN B 12 7.23 32.98 7.24
N SER B 13 7.53 34.05 6.49
CA SER B 13 7.34 35.47 6.89
C SER B 13 8.26 35.82 8.07
N GLN B 14 7.99 36.94 8.76
CA GLN B 14 8.76 37.24 9.99
C GLN B 14 8.57 36.03 10.90
N CYS B 15 9.64 35.49 11.48
CA CYS B 15 9.52 34.28 12.28
C CYS B 15 8.48 34.46 13.37
N THR B 16 7.81 33.35 13.70
CA THR B 16 6.72 33.35 14.68
C THR B 16 7.34 33.50 16.08
N VAL B 17 7.38 34.73 16.56
CA VAL B 17 7.92 35.01 17.89
C VAL B 17 6.91 34.60 18.95
N ARG B 18 7.40 34.07 20.06
CA ARG B 18 6.56 33.57 21.14
C ARG B 18 6.97 34.22 22.45
N TYR B 19 6.50 33.67 23.58
CA TYR B 19 6.79 34.27 24.87
C TYR B 19 8.27 34.13 25.19
N ASN B 20 9.04 35.18 24.90
CA ASN B 20 10.49 35.26 25.12
C ASN B 20 11.21 34.01 24.63
N VAL B 21 10.64 33.33 23.64
CA VAL B 21 11.29 32.24 22.91
C VAL B 21 11.11 32.51 21.43
N ALA B 22 12.12 33.13 20.81
CA ALA B 22 12.02 33.58 19.42
C ALA B 22 12.60 32.51 18.50
N ASP B 23 11.76 31.59 18.05
CA ASP B 23 12.15 30.58 17.09
C ASP B 23 12.08 31.19 15.69
N CYS B 24 13.20 31.14 14.96
CA CYS B 24 13.28 31.68 13.60
C CYS B 24 13.97 30.69 12.68
N SER B 25 13.54 29.43 12.74
CA SER B 25 14.16 28.39 11.95
C SER B 25 13.68 28.44 10.50
N HIS B 26 14.47 27.83 9.62
CA HIS B 26 14.04 27.66 8.21
C HIS B 26 13.54 28.95 7.56
N LEU B 27 14.27 30.07 7.69
CA LEU B 27 13.87 31.29 7.02
C LEU B 27 14.91 31.78 6.03
N LYS B 28 15.96 31.01 5.79
CA LYS B 28 17.05 31.41 4.89
C LYS B 28 17.60 32.79 5.25
N LEU B 29 17.71 33.05 6.54
CA LEU B 29 18.17 34.35 7.02
C LEU B 29 19.62 34.59 6.63
N THR B 30 19.99 35.88 6.60
CA THR B 30 21.37 36.28 6.41
C THR B 30 21.81 37.33 7.42
N HIS B 31 20.88 38.07 8.00
CA HIS B 31 21.17 39.00 9.08
C HIS B 31 20.54 38.49 10.37
N ILE B 32 20.77 39.21 11.45
CA ILE B 32 20.18 38.90 12.74
C ILE B 32 18.99 39.85 12.95
N PRO B 33 17.78 39.35 13.16
CA PRO B 33 16.64 40.24 13.39
C PRO B 33 16.79 41.00 14.70
N ASP B 34 16.43 42.29 14.67
CA ASP B 34 16.58 43.16 15.83
C ASP B 34 15.26 43.69 16.38
N ASP B 35 14.22 43.76 15.55
CA ASP B 35 12.91 44.29 15.94
C ASP B 35 12.36 43.59 17.18
N LEU B 36 12.84 42.38 17.45
CA LEU B 36 12.33 41.54 18.53
C LEU B 36 12.44 42.25 19.87
N PRO B 37 11.58 41.90 20.83
CA PRO B 37 11.60 42.60 22.12
C PRO B 37 12.91 42.34 22.87
N SER B 38 13.17 43.20 23.85
CA SER B 38 14.37 43.10 24.67
C SER B 38 14.15 42.26 25.92
N ASN B 39 13.05 41.50 25.98
CA ASN B 39 12.76 40.62 27.11
C ASN B 39 12.91 39.15 26.76
N ILE B 40 13.50 38.85 25.61
CA ILE B 40 13.63 37.49 25.11
C ILE B 40 14.80 36.82 25.81
N THR B 41 14.76 35.49 25.87
CA THR B 41 15.80 34.70 26.51
C THR B 41 16.30 33.60 25.58
N VAL B 42 15.60 33.36 24.47
CA VAL B 42 15.92 32.26 23.57
C VAL B 42 15.94 32.78 22.15
N LEU B 43 16.84 32.24 21.33
CA LEU B 43 16.87 32.54 19.90
C LEU B 43 17.17 31.24 19.16
N ASN B 44 16.12 30.55 18.74
CA ASN B 44 16.27 29.33 17.96
C ASN B 44 16.51 29.72 16.51
N LEU B 45 17.76 30.04 16.19
CA LEU B 45 18.17 30.44 14.85
C LEU B 45 18.57 29.24 14.00
N THR B 46 18.06 28.07 14.34
CA THR B 46 18.44 26.83 13.69
C THR B 46 18.08 26.86 12.20
N HIS B 47 18.84 26.11 11.40
CA HIS B 47 18.49 25.93 9.96
C HIS B 47 18.44 27.24 9.19
N ASN B 48 19.54 27.99 9.16
CA ASN B 48 19.60 29.16 8.30
C ASN B 48 20.93 29.20 7.55
N GLN B 49 21.15 30.32 6.86
CA GLN B 49 22.37 30.47 6.03
C GLN B 49 23.10 31.74 6.48
N LEU B 50 23.41 31.84 7.77
CA LEU B 50 24.17 32.98 8.29
C LEU B 50 25.66 32.76 8.04
N ARG B 51 26.40 33.84 7.76
CA ARG B 51 27.83 33.72 7.54
C ARG B 51 28.61 33.93 8.84
N ARG B 52 28.16 34.87 9.67
CA ARG B 52 28.79 35.12 10.95
C ARG B 52 27.84 35.92 11.83
N LEU B 53 28.27 36.24 13.05
CA LEU B 53 27.45 36.90 14.06
C LEU B 53 28.20 38.09 14.63
N PRO B 54 27.97 39.28 14.08
CA PRO B 54 28.58 40.49 14.65
C PRO B 54 28.10 40.73 16.07
N PRO B 55 29.02 40.85 17.04
CA PRO B 55 28.60 40.98 18.43
C PRO B 55 27.92 42.30 18.76
N THR B 56 27.72 43.14 17.74
CA THR B 56 27.07 44.43 17.92
C THR B 56 25.58 44.40 17.59
N ASN B 57 25.15 43.53 16.67
CA ASN B 57 23.75 43.42 16.30
C ASN B 57 22.90 42.76 17.38
N PHE B 58 23.48 42.47 18.55
CA PHE B 58 22.74 41.94 19.69
C PHE B 58 22.61 42.96 20.81
N THR B 59 23.14 44.18 20.61
CA THR B 59 23.05 45.20 21.64
C THR B 59 21.61 45.50 22.02
N ARG B 60 20.67 45.26 21.11
CA ARG B 60 19.26 45.52 21.38
C ARG B 60 18.79 44.82 22.64
N TYR B 61 19.08 43.52 22.77
CA TYR B 61 18.59 42.72 23.89
C TYR B 61 19.78 42.08 24.60
N SER B 62 20.15 42.64 25.75
CA SER B 62 21.10 42.04 26.66
C SER B 62 20.45 41.07 27.62
N GLN B 63 19.25 40.59 27.29
CA GLN B 63 18.47 39.72 28.16
C GLN B 63 18.49 38.27 27.73
N LEU B 64 19.19 37.94 26.64
CA LEU B 64 19.26 36.57 26.16
C LEU B 64 19.80 35.64 27.22
N ALA B 65 19.21 34.45 27.32
CA ALA B 65 19.66 33.43 28.23
C ALA B 65 20.32 32.24 27.55
N ILE B 66 19.72 31.73 26.48
CA ILE B 66 20.26 30.60 25.73
C ILE B 66 20.27 30.99 24.26
N LEU B 67 21.37 30.73 23.57
CA LEU B 67 21.50 31.05 22.16
C LEU B 67 21.70 29.76 21.37
N ASP B 68 20.80 29.48 20.43
CA ASP B 68 20.86 28.28 19.60
C ASP B 68 21.10 28.74 18.16
N ALA B 69 22.35 28.68 17.71
CA ALA B 69 22.69 29.09 16.35
C ALA B 69 23.13 27.89 15.53
N GLY B 70 22.60 26.70 15.83
CA GLY B 70 22.96 25.52 15.10
C GLY B 70 22.53 25.58 13.64
N PHE B 71 23.18 24.75 12.83
CA PHE B 71 22.86 24.59 11.41
C PHE B 71 22.91 25.93 10.68
N ASN B 72 24.12 26.48 10.65
CA ASN B 72 24.39 27.72 9.92
C ASN B 72 25.75 27.60 9.24
N SER B 73 26.27 28.72 8.75
CA SER B 73 27.62 28.74 8.21
C SER B 73 28.51 29.74 8.94
N ILE B 74 28.42 29.77 10.28
CA ILE B 74 29.24 30.67 11.06
C ILE B 74 30.69 30.21 11.03
N SER B 75 31.60 31.15 10.78
CA SER B 75 33.01 30.83 10.65
C SER B 75 33.89 31.43 11.73
N LYS B 76 33.38 32.41 12.49
CA LYS B 76 34.16 33.05 13.53
C LYS B 76 33.24 33.74 14.52
N LEU B 77 33.53 33.53 15.81
CA LEU B 77 32.80 34.17 16.90
C LEU B 77 33.70 35.26 17.48
N GLU B 78 33.12 36.17 18.24
CA GLU B 78 33.89 37.28 18.79
C GLU B 78 33.81 37.27 20.31
N PRO B 79 34.90 37.59 21.01
CA PRO B 79 34.84 37.65 22.48
C PRO B 79 33.86 38.69 23.00
N GLU B 80 33.58 39.74 22.22
CA GLU B 80 32.65 40.76 22.67
C GLU B 80 31.23 40.22 22.76
N LEU B 81 30.92 39.16 22.00
CA LEU B 81 29.59 38.55 22.06
C LEU B 81 29.24 38.12 23.47
N CYS B 82 30.24 37.60 24.20
CA CYS B 82 30.00 37.13 25.57
C CYS B 82 29.64 38.29 26.49
N GLN B 83 30.45 39.36 26.47
CA GLN B 83 30.21 40.46 27.40
C GLN B 83 28.98 41.28 27.01
N ILE B 84 28.61 41.29 25.73
CA ILE B 84 27.37 41.94 25.33
C ILE B 84 26.15 41.15 25.80
N LEU B 85 26.29 39.83 25.94
CA LEU B 85 25.22 38.95 26.39
C LEU B 85 25.64 38.33 27.72
N PRO B 86 25.59 39.09 28.82
CA PRO B 86 26.12 38.60 30.10
C PRO B 86 25.28 37.53 30.76
N LEU B 87 24.03 37.34 30.33
CA LEU B 87 23.14 36.36 30.94
C LEU B 87 23.05 35.09 30.10
N LEU B 88 24.12 34.77 29.37
CA LEU B 88 24.13 33.61 28.50
C LEU B 88 24.44 32.37 29.32
N LYS B 89 23.68 31.30 29.10
CA LYS B 89 23.84 30.06 29.86
C LYS B 89 24.10 28.85 28.95
N VAL B 90 23.45 28.78 27.81
CA VAL B 90 23.57 27.64 26.90
C VAL B 90 23.88 28.18 25.50
N LEU B 91 24.87 27.58 24.85
CA LEU B 91 25.24 27.92 23.49
C LEU B 91 25.20 26.67 22.64
N ASN B 92 24.92 26.83 21.34
CA ASN B 92 24.81 25.71 20.43
C ASN B 92 25.27 26.14 19.04
N LEU B 93 26.29 25.48 18.51
CA LEU B 93 26.88 25.82 17.22
C LEU B 93 27.16 24.57 16.40
N GLN B 94 26.31 23.56 16.51
CA GLN B 94 26.56 22.33 15.78
C GLN B 94 26.30 22.52 14.28
N HIS B 95 26.94 21.66 13.48
CA HIS B 95 26.90 21.71 12.03
C HIS B 95 27.27 23.09 11.49
N ASN B 96 28.06 23.85 12.24
CA ASN B 96 28.62 25.09 11.75
C ASN B 96 29.99 24.80 11.14
N GLU B 97 30.74 25.84 10.79
CA GLU B 97 32.01 25.66 10.10
C GLU B 97 33.14 26.43 10.78
N LEU B 98 33.20 26.38 12.11
CA LEU B 98 34.33 26.97 12.81
C LEU B 98 35.61 26.19 12.50
N SER B 99 36.75 26.86 12.61
CA SER B 99 38.03 26.23 12.32
C SER B 99 39.10 26.49 13.37
N GLN B 100 39.00 27.55 14.17
CA GLN B 100 40.05 27.89 15.11
C GLN B 100 39.44 28.46 16.38
N ILE B 101 39.96 28.03 17.53
CA ILE B 101 39.52 28.51 18.83
C ILE B 101 40.73 29.18 19.48
N SER B 102 40.71 30.50 19.55
CA SER B 102 41.81 31.24 20.14
C SER B 102 41.64 31.32 21.66
N ASP B 103 42.72 31.73 22.33
CA ASP B 103 42.74 31.80 23.78
C ASP B 103 41.82 32.89 24.33
N GLN B 104 41.36 33.82 23.49
CA GLN B 104 40.57 34.96 23.95
C GLN B 104 39.10 34.84 23.58
N THR B 105 38.71 33.78 22.86
CA THR B 105 37.34 33.68 22.36
C THR B 105 36.34 33.56 23.50
N PHE B 106 36.52 32.58 24.38
CA PHE B 106 35.60 32.32 25.47
C PHE B 106 36.00 32.98 26.77
N VAL B 107 36.71 34.12 26.72
CA VAL B 107 37.18 34.75 27.94
C VAL B 107 36.05 35.40 28.73
N PHE B 108 35.14 36.12 28.08
CA PHE B 108 34.11 36.84 28.79
C PHE B 108 32.91 35.99 29.18
N CYS B 109 32.69 34.86 28.52
CA CYS B 109 31.60 33.97 28.90
C CYS B 109 31.95 33.27 30.22
N THR B 110 31.20 33.59 31.27
CA THR B 110 31.39 32.95 32.56
C THR B 110 30.12 32.34 33.13
N ASN B 111 28.94 32.84 32.77
CA ASN B 111 27.68 32.24 33.17
C ASN B 111 27.30 31.07 32.28
N LEU B 112 28.23 30.57 31.48
CA LEU B 112 27.96 29.46 30.59
C LEU B 112 27.98 28.15 31.35
N THR B 113 26.98 27.31 31.10
CA THR B 113 26.92 25.97 31.67
C THR B 113 27.02 24.86 30.65
N GLU B 114 26.35 24.99 29.51
CA GLU B 114 26.43 24.01 28.43
C GLU B 114 27.03 24.71 27.21
N LEU B 115 27.91 24.01 26.50
CA LEU B 115 28.57 24.56 25.32
C LEU B 115 28.75 23.42 24.33
N ASP B 116 28.24 23.63 23.11
CA ASP B 116 28.24 22.60 22.08
C ASP B 116 28.93 23.14 20.83
N LEU B 117 29.86 22.35 20.28
CA LEU B 117 30.63 22.70 19.09
C LEU B 117 30.74 21.49 18.17
N MET B 118 29.65 20.74 18.02
CA MET B 118 29.73 19.37 17.53
C MET B 118 30.40 19.24 16.17
N SER B 119 29.77 19.73 15.11
CA SER B 119 30.18 19.40 13.76
C SER B 119 30.97 20.56 13.15
N ASN B 120 31.76 21.22 13.98
CA ASN B 120 32.65 22.28 13.56
C ASN B 120 33.93 21.65 12.99
N SER B 121 35.00 22.39 12.74
CA SER B 121 36.22 21.82 12.18
C SER B 121 37.44 22.23 12.99
N ILE B 122 37.40 22.08 14.31
CA ILE B 122 38.54 22.45 15.13
C ILE B 122 39.53 21.29 15.08
N HIS B 123 40.44 21.35 14.11
CA HIS B 123 41.41 20.28 13.95
C HIS B 123 42.49 20.31 15.03
N LYS B 124 42.58 21.41 15.77
CA LYS B 124 43.61 21.55 16.78
C LYS B 124 43.22 22.64 17.77
N ILE B 125 43.74 22.51 18.99
CA ILE B 125 43.51 23.48 20.06
C ILE B 125 44.75 23.52 20.94
N LYS B 126 45.36 24.70 21.04
CA LYS B 126 46.59 24.87 21.78
C LYS B 126 46.55 26.17 22.58
N SER B 127 45.93 26.10 23.75
CA SER B 127 45.81 27.24 24.65
C SER B 127 45.14 26.79 25.95
N ASN B 128 44.81 27.75 26.80
CA ASN B 128 43.94 27.46 27.95
C ASN B 128 42.63 28.20 27.75
N PRO B 129 41.87 27.87 26.70
CA PRO B 129 40.74 28.72 26.32
C PRO B 129 39.54 28.59 27.23
N PHE B 130 39.48 27.55 28.06
CA PHE B 130 38.33 27.32 28.93
C PHE B 130 38.64 27.77 30.36
N LYS B 131 39.60 28.67 30.51
CA LYS B 131 40.00 29.13 31.84
C LYS B 131 38.84 29.79 32.58
N ASN B 132 38.15 30.71 31.92
CA ASN B 132 37.03 31.41 32.54
C ASN B 132 35.77 30.57 32.64
N GLN B 133 35.84 29.29 32.31
CA GLN B 133 34.67 28.43 32.33
C GLN B 133 34.58 27.67 33.64
N LYS B 134 34.31 28.38 34.75
CA LYS B 134 34.12 27.72 36.03
C LYS B 134 32.70 27.25 36.25
N ASN B 135 31.78 27.53 35.33
CA ASN B 135 30.41 27.05 35.41
C ASN B 135 30.06 26.06 34.31
N LEU B 136 31.00 25.72 33.43
CA LEU B 136 30.73 24.77 32.37
C LEU B 136 30.37 23.41 32.96
N ILE B 137 29.27 22.83 32.49
CA ILE B 137 28.79 21.57 33.02
C ILE B 137 28.86 20.50 31.94
N LYS B 138 28.40 20.81 30.74
CA LYS B 138 28.36 19.84 29.65
C LYS B 138 29.10 20.43 28.45
N LEU B 139 30.27 19.88 28.16
CA LEU B 139 31.09 20.31 27.03
C LEU B 139 30.98 19.27 25.93
N ASP B 140 30.80 19.73 24.69
CA ASP B 140 30.69 18.84 23.54
C ASP B 140 31.77 19.18 22.53
N LEU B 141 32.43 18.15 22.03
CA LEU B 141 33.36 18.30 20.90
C LEU B 141 33.23 17.13 19.93
N SER B 142 32.12 16.41 19.96
CA SER B 142 31.95 15.20 19.17
C SER B 142 31.97 15.53 17.69
N HIS B 143 32.78 14.80 16.93
CA HIS B 143 32.82 14.88 15.48
C HIS B 143 33.25 16.25 14.97
N ASN B 144 34.45 16.69 15.35
CA ASN B 144 35.03 17.89 14.77
C ASN B 144 36.49 17.68 14.40
N GLY B 145 36.88 16.43 14.16
CA GLY B 145 38.21 16.11 13.70
C GLY B 145 39.34 16.52 14.64
N LEU B 146 39.33 16.00 15.85
CA LEU B 146 40.45 16.20 16.76
C LEU B 146 41.39 14.99 16.71
N SER B 147 42.58 15.16 17.26
CA SER B 147 43.57 14.09 17.32
C SER B 147 44.28 14.01 18.65
N SER B 148 43.89 14.82 19.63
CA SER B 148 44.48 14.76 20.96
C SER B 148 43.47 15.31 21.96
N THR B 149 43.20 14.52 23.00
CA THR B 149 42.22 14.89 24.00
C THR B 149 42.67 16.05 24.88
N LYS B 150 43.92 16.48 24.76
CA LYS B 150 44.41 17.58 25.59
C LYS B 150 43.67 18.87 25.27
N LEU B 151 43.08 19.47 26.30
CA LEU B 151 42.41 20.76 26.16
C LEU B 151 43.01 21.83 27.05
N GLY B 152 44.19 21.60 27.61
CA GLY B 152 44.79 22.59 28.49
C GLY B 152 46.00 22.01 29.17
N THR B 153 46.59 22.81 30.06
CA THR B 153 47.78 22.39 30.79
C THR B 153 47.64 22.45 32.30
N GLY B 154 46.70 23.21 32.84
CA GLY B 154 46.45 23.22 34.27
C GLY B 154 45.09 22.63 34.57
N VAL B 155 44.87 22.34 35.85
CA VAL B 155 43.60 21.79 36.29
C VAL B 155 42.50 22.80 36.01
N GLN B 156 41.63 22.48 35.07
CA GLN B 156 40.59 23.40 34.61
C GLN B 156 39.26 22.66 34.62
N LEU B 157 38.18 23.38 34.28
CA LEU B 157 36.85 22.80 34.19
C LEU B 157 36.47 22.09 35.49
N GLU B 158 36.76 22.77 36.60
CA GLU B 158 36.57 22.18 37.93
C GLU B 158 35.18 21.59 38.09
N ASN B 159 34.16 22.31 37.60
CA ASN B 159 32.78 21.85 37.72
C ASN B 159 32.27 21.20 36.44
N LEU B 160 33.15 20.71 35.58
CA LEU B 160 32.70 19.95 34.42
C LEU B 160 31.99 18.69 34.87
N GLN B 161 30.99 18.28 34.09
CA GLN B 161 30.17 17.14 34.48
C GLN B 161 29.91 16.13 33.37
N GLU B 162 29.96 16.51 32.10
CA GLU B 162 29.56 15.62 31.01
C GLU B 162 30.36 15.99 29.77
N LEU B 163 31.46 15.28 29.54
CA LEU B 163 32.35 15.56 28.42
C LEU B 163 32.07 14.57 27.29
N LEU B 164 32.03 15.07 26.06
CA LEU B 164 31.78 14.24 24.89
C LEU B 164 32.87 14.48 23.86
N LEU B 165 33.45 13.40 23.34
CA LEU B 165 34.51 13.48 22.35
C LEU B 165 34.33 12.45 21.24
N ALA B 166 33.11 12.28 20.75
CA ALA B 166 32.84 11.25 19.77
C ALA B 166 33.41 11.62 18.40
N LYS B 167 33.55 10.60 17.55
CA LYS B 167 33.90 10.74 16.14
C LYS B 167 35.10 11.65 15.93
N ASN B 168 36.22 11.27 16.53
CA ASN B 168 37.46 12.01 16.31
C ASN B 168 38.56 11.06 15.86
N LYS B 169 39.79 11.57 15.78
CA LYS B 169 40.93 10.76 15.36
C LYS B 169 41.92 10.58 16.51
N ILE B 170 41.39 10.39 17.71
CA ILE B 170 42.22 10.10 18.87
C ILE B 170 42.83 8.72 18.68
N LEU B 171 44.15 8.62 18.84
CA LEU B 171 44.85 7.37 18.65
C LEU B 171 45.25 6.69 19.95
N ALA B 172 45.31 7.43 21.05
CA ALA B 172 45.65 6.87 22.35
C ALA B 172 45.33 7.89 23.43
N LEU B 173 45.37 7.44 24.68
CA LEU B 173 45.10 8.28 25.82
C LEU B 173 46.38 8.35 26.65
N ARG B 174 47.17 9.40 26.45
CA ARG B 174 48.36 9.61 27.25
C ARG B 174 47.97 9.90 28.69
N SER B 175 48.84 9.53 29.62
CA SER B 175 48.61 9.82 31.02
C SER B 175 48.64 11.31 31.30
N GLU B 176 49.43 12.08 30.55
CA GLU B 176 49.63 13.48 30.86
C GLU B 176 48.58 14.36 30.20
N GLU B 177 48.08 13.98 29.03
CA GLU B 177 47.17 14.83 28.27
C GLU B 177 45.74 14.78 28.80
N LEU B 178 45.52 14.18 29.97
CA LEU B 178 44.23 14.25 30.63
C LEU B 178 44.32 14.81 32.04
N GLU B 179 45.49 15.24 32.50
CA GLU B 179 45.66 15.66 33.89
C GLU B 179 44.98 17.00 34.19
N PHE B 180 44.41 17.66 33.18
CA PHE B 180 43.72 18.92 33.44
C PHE B 180 42.38 18.73 34.12
N LEU B 181 41.99 17.48 34.43
CA LEU B 181 40.75 17.16 35.10
C LEU B 181 40.98 16.70 36.54
N GLY B 182 41.93 17.33 37.25
CA GLY B 182 42.38 16.81 38.52
C GLY B 182 41.28 16.60 39.54
N ASN B 183 40.38 17.58 39.67
CA ASN B 183 39.33 17.54 40.69
C ASN B 183 37.97 17.87 40.06
N SER B 184 37.69 17.22 38.93
CA SER B 184 36.43 17.40 38.22
C SER B 184 35.74 16.04 38.13
N SER B 185 34.53 15.96 38.66
CA SER B 185 33.80 14.70 38.70
C SER B 185 33.12 14.42 37.37
N LEU B 186 33.82 13.74 36.46
CA LEU B 186 33.22 13.34 35.20
C LEU B 186 32.14 12.30 35.44
N ARG B 187 30.94 12.55 34.92
CA ARG B 187 29.85 11.60 35.07
C ARG B 187 29.43 10.97 33.76
N LYS B 188 29.99 11.42 32.64
CA LYS B 188 29.79 10.76 31.36
C LYS B 188 30.92 11.18 30.44
N LEU B 189 31.86 10.27 30.18
CA LEU B 189 33.01 10.56 29.33
C LEU B 189 32.85 9.79 28.04
N ASP B 190 32.24 10.43 27.05
CA ASP B 190 31.95 9.81 25.76
C ASP B 190 33.22 9.80 24.92
N LEU B 191 33.59 8.62 24.42
CA LEU B 191 34.72 8.48 23.51
C LEU B 191 34.41 7.53 22.37
N SER B 192 33.15 7.44 21.95
CA SER B 192 32.74 6.45 20.97
C SER B 192 33.37 6.74 19.60
N SER B 193 33.54 5.67 18.83
CA SER B 193 33.97 5.77 17.43
C SER B 193 35.28 6.53 17.28
N ASN B 194 36.22 6.24 18.18
CA ASN B 194 37.56 6.77 18.08
C ASN B 194 38.56 5.64 17.91
N PRO B 195 39.28 5.59 16.79
CA PRO B 195 40.16 4.44 16.53
C PRO B 195 41.36 4.42 17.46
N LEU B 196 41.10 4.04 18.71
CA LEU B 196 42.14 3.94 19.71
C LEU B 196 43.02 2.73 19.44
N LYS B 197 44.31 2.85 19.78
CA LYS B 197 45.24 1.74 19.63
C LYS B 197 46.10 1.50 20.87
N GLU B 198 46.09 2.42 21.82
CA GLU B 198 46.99 2.34 22.96
C GLU B 198 46.33 2.96 24.18
N PHE B 199 46.60 2.38 25.34
CA PHE B 199 46.19 2.92 26.63
C PHE B 199 47.42 2.95 27.53
N SER B 200 48.03 4.12 27.64
CA SER B 200 49.21 4.27 28.49
C SER B 200 48.82 4.09 29.95
N PRO B 201 49.75 3.59 30.78
CA PRO B 201 49.43 3.37 32.20
C PRO B 201 49.05 4.68 32.88
N GLY B 202 48.07 4.60 33.78
CA GLY B 202 47.58 5.77 34.49
C GLY B 202 46.59 6.62 33.70
N CYS B 203 46.13 6.13 32.54
CA CYS B 203 45.36 6.98 31.64
C CYS B 203 44.08 7.50 32.28
N PHE B 204 43.36 6.65 33.01
CA PHE B 204 42.09 7.06 33.60
C PHE B 204 42.20 7.46 35.06
N GLN B 205 43.14 6.86 35.81
CA GLN B 205 43.31 7.22 37.21
C GLN B 205 43.61 8.70 37.38
N THR B 206 44.12 9.36 36.33
CA THR B 206 44.46 10.77 36.41
C THR B 206 43.24 11.67 36.57
N ILE B 207 42.08 11.24 36.12
CA ILE B 207 40.85 12.01 36.28
C ILE B 207 40.45 11.98 37.74
N GLY B 208 39.76 13.04 38.19
CA GLY B 208 39.29 13.10 39.56
C GLY B 208 38.35 11.96 39.89
N LYS B 209 37.18 11.93 39.25
CA LYS B 209 36.25 10.83 39.38
C LYS B 209 35.70 10.47 38.01
N LEU B 210 35.55 9.19 37.75
CA LEU B 210 35.00 8.69 36.51
C LEU B 210 33.86 7.74 36.83
N PHE B 211 32.69 7.99 36.24
CA PHE B 211 31.51 7.17 36.49
C PHE B 211 31.08 6.35 35.31
N ALA B 212 30.86 6.97 34.15
CA ALA B 212 30.48 6.25 32.94
C ALA B 212 31.57 6.44 31.90
N LEU B 213 31.61 5.54 30.92
CA LEU B 213 32.57 5.62 29.83
C LEU B 213 31.99 4.89 28.64
N LEU B 214 31.93 5.57 27.51
CA LEU B 214 31.33 5.03 26.30
C LEU B 214 32.43 4.80 25.27
N LEU B 215 32.63 3.54 24.87
CA LEU B 215 33.63 3.22 23.87
C LEU B 215 32.98 2.49 22.70
N ASN B 216 31.79 2.95 22.31
CA ASN B 216 31.08 2.36 21.19
C ASN B 216 31.85 2.56 19.89
N ASN B 217 31.89 1.50 19.08
CA ASN B 217 32.43 1.57 17.72
C ASN B 217 33.91 1.98 17.75
N ALA B 218 34.61 1.54 18.78
CA ALA B 218 36.02 1.90 18.97
C ALA B 218 36.97 0.83 18.45
N GLN B 219 36.49 -0.12 17.65
CA GLN B 219 37.30 -1.14 16.99
C GLN B 219 38.19 -1.91 17.97
N LEU B 220 37.66 -2.30 19.12
CA LEU B 220 38.48 -2.98 20.12
C LEU B 220 38.66 -4.45 19.79
N ASN B 221 39.65 -5.07 20.42
CA ASN B 221 39.92 -6.49 20.32
C ASN B 221 40.16 -7.04 21.71
N PRO B 222 40.14 -8.36 21.91
CA PRO B 222 40.37 -8.90 23.27
C PRO B 222 41.65 -8.41 23.93
N HIS B 223 42.75 -8.31 23.17
CA HIS B 223 44.00 -7.80 23.74
C HIS B 223 43.87 -6.34 24.14
N LEU B 224 43.31 -5.52 23.25
CA LEU B 224 43.17 -4.10 23.54
C LEU B 224 42.28 -3.88 24.76
N THR B 225 41.13 -4.57 24.83
CA THR B 225 40.25 -4.38 25.97
C THR B 225 40.85 -4.99 27.24
N GLU B 226 41.72 -5.99 27.08
CA GLU B 226 42.43 -6.52 28.25
C GLU B 226 43.35 -5.46 28.84
N LYS B 227 44.16 -4.82 28.00
CA LYS B 227 44.99 -3.72 28.47
C LYS B 227 44.14 -2.59 29.03
N LEU B 228 43.03 -2.26 28.36
CA LEU B 228 42.12 -1.23 28.83
C LEU B 228 41.62 -1.53 30.24
N CYS B 229 41.08 -2.73 30.45
CA CYS B 229 40.54 -3.08 31.76
C CYS B 229 41.63 -3.11 32.81
N TRP B 230 42.83 -3.54 32.44
CA TRP B 230 43.94 -3.51 33.43
C TRP B 230 44.29 -2.06 33.74
N GLU B 231 43.95 -1.12 32.86
CA GLU B 231 44.17 0.28 33.16
C GLU B 231 42.93 0.98 33.75
N LEU B 232 41.80 0.29 33.84
CA LEU B 232 40.59 0.85 34.42
C LEU B 232 40.43 0.56 35.90
N SER B 233 41.17 -0.42 36.42
CA SER B 233 41.02 -0.84 37.80
C SER B 233 41.28 0.30 38.77
N ASN B 234 40.76 0.15 39.99
CA ASN B 234 41.04 1.07 41.10
C ASN B 234 40.47 2.46 40.85
N THR B 235 39.26 2.50 40.30
CA THR B 235 38.54 3.75 40.08
C THR B 235 37.11 3.58 40.53
N SER B 236 36.28 4.57 40.21
CA SER B 236 34.87 4.59 40.61
C SER B 236 33.93 4.43 39.43
N ILE B 237 34.34 3.74 38.37
CA ILE B 237 33.50 3.58 37.21
C ILE B 237 32.26 2.77 37.58
N GLN B 238 31.12 3.16 37.01
CA GLN B 238 29.87 2.46 37.31
C GLN B 238 29.15 1.97 36.06
N ASN B 239 29.19 2.74 34.98
CA ASN B 239 28.62 2.31 33.71
C ASN B 239 29.75 2.20 32.69
N LEU B 240 29.68 1.17 31.83
CA LEU B 240 30.68 0.96 30.79
C LEU B 240 30.02 0.25 29.62
N SER B 241 30.21 0.77 28.42
CA SER B 241 29.61 0.22 27.21
C SER B 241 30.70 -0.15 26.22
N LEU B 242 30.50 -1.25 25.51
CA LEU B 242 31.47 -1.75 24.53
C LEU B 242 30.76 -2.16 23.25
N ALA B 243 29.70 -1.46 22.89
CA ALA B 243 28.94 -1.80 21.70
C ALA B 243 29.78 -1.62 20.44
N ASN B 244 29.39 -2.35 19.39
CA ASN B 244 29.98 -2.18 18.05
C ASN B 244 31.49 -2.37 18.05
N ASN B 245 31.94 -3.59 18.37
CA ASN B 245 33.37 -3.85 18.36
C ASN B 245 33.69 -5.20 17.72
N GLN B 246 34.94 -5.65 17.87
CA GLN B 246 35.35 -6.94 17.34
C GLN B 246 35.68 -7.88 18.49
N LEU B 247 34.91 -7.79 19.57
CA LEU B 247 35.12 -8.62 20.76
C LEU B 247 34.57 -10.01 20.47
N LEU B 248 35.28 -10.74 19.63
CA LEU B 248 34.78 -12.02 19.12
C LEU B 248 34.80 -13.13 20.17
N ALA B 249 35.52 -12.93 21.27
CA ALA B 249 35.61 -13.98 22.29
C ALA B 249 36.00 -13.35 23.62
N THR B 250 35.84 -14.13 24.68
CA THR B 250 36.19 -13.70 26.03
C THR B 250 36.65 -14.89 26.84
N SER B 251 37.51 -14.62 27.81
CA SER B 251 38.00 -15.62 28.76
C SER B 251 38.03 -15.02 30.16
N GLU B 252 38.66 -15.74 31.09
CA GLU B 252 38.79 -15.23 32.44
C GLU B 252 39.67 -13.99 32.51
N SER B 253 40.75 -13.96 31.73
CA SER B 253 41.67 -12.84 31.76
C SER B 253 41.15 -11.62 31.01
N THR B 254 40.06 -11.75 30.27
CA THR B 254 39.55 -10.63 29.49
C THR B 254 39.17 -9.46 30.38
N PHE B 255 38.38 -9.72 31.42
CA PHE B 255 37.97 -8.69 32.37
C PHE B 255 38.71 -8.83 33.70
N SER B 256 39.93 -9.36 33.66
CA SER B 256 40.67 -9.60 34.90
C SER B 256 40.86 -8.33 35.72
N GLY B 257 40.99 -7.19 35.06
CA GLY B 257 41.25 -5.95 35.77
C GLY B 257 40.05 -5.38 36.50
N LEU B 258 38.83 -5.72 36.08
CA LEU B 258 37.63 -5.13 36.65
C LEU B 258 37.37 -5.52 38.09
N LYS B 259 38.19 -6.39 38.68
CA LYS B 259 37.92 -6.86 40.03
C LYS B 259 38.05 -5.76 41.07
N TRP B 260 38.77 -4.69 40.78
CA TRP B 260 38.96 -3.60 41.73
C TRP B 260 38.00 -2.44 41.48
N THR B 261 36.86 -2.71 40.86
CA THR B 261 35.89 -1.67 40.59
C THR B 261 34.50 -2.13 41.02
N ASN B 262 33.68 -1.17 41.41
CA ASN B 262 32.27 -1.42 41.74
C ASN B 262 31.41 -1.26 40.50
N LEU B 263 31.72 -2.01 39.44
CA LEU B 263 30.96 -1.91 38.21
C LEU B 263 29.50 -2.23 38.43
N THR B 264 28.63 -1.52 37.74
CA THR B 264 27.19 -1.72 37.86
C THR B 264 26.53 -2.13 36.55
N GLN B 265 26.83 -1.46 35.45
CA GLN B 265 26.31 -1.84 34.15
C GLN B 265 27.46 -2.30 33.28
N LEU B 266 27.15 -3.05 32.22
CA LEU B 266 28.14 -3.44 31.22
C LEU B 266 27.39 -3.85 29.96
N ASP B 267 27.60 -3.12 28.88
CA ASP B 267 26.94 -3.41 27.61
C ASP B 267 27.95 -4.05 26.67
N LEU B 268 27.55 -5.17 26.05
CA LEU B 268 28.40 -5.86 25.10
C LEU B 268 27.67 -6.12 23.79
N SER B 269 26.64 -5.33 23.49
CA SER B 269 25.84 -5.55 22.29
C SER B 269 26.68 -5.32 21.04
N TYR B 270 26.26 -5.99 19.95
CA TYR B 270 26.85 -5.79 18.62
C TYR B 270 28.35 -6.04 18.63
N ASN B 271 28.74 -7.26 18.96
CA ASN B 271 30.15 -7.64 18.96
C ASN B 271 30.44 -8.92 18.21
N ASN B 272 29.41 -9.58 17.68
CA ASN B 272 29.53 -10.97 17.22
C ASN B 272 30.20 -11.84 18.26
N LEU B 273 29.98 -11.52 19.54
CA LEU B 273 30.49 -12.30 20.65
C LEU B 273 30.11 -13.75 20.44
N HIS B 274 31.10 -14.62 20.27
CA HIS B 274 30.86 -15.95 19.75
C HIS B 274 30.83 -17.02 20.84
N ASP B 275 31.80 -17.01 21.75
CA ASP B 275 31.90 -18.04 22.77
C ASP B 275 32.29 -17.39 24.10
N VAL B 276 31.39 -17.46 25.08
CA VAL B 276 31.69 -16.98 26.42
C VAL B 276 32.57 -18.01 27.13
N GLY B 277 33.72 -17.56 27.61
CA GLY B 277 34.63 -18.46 28.28
C GLY B 277 34.14 -18.89 29.64
N ASN B 278 34.70 -19.99 30.13
CA ASN B 278 34.32 -20.53 31.43
C ASN B 278 34.79 -19.59 32.53
N GLY B 279 33.84 -19.07 33.30
CA GLY B 279 34.18 -18.17 34.39
C GLY B 279 34.55 -16.77 33.94
N SER B 280 34.17 -16.39 32.72
CA SER B 280 34.59 -15.11 32.15
C SER B 280 34.08 -13.90 32.92
N PHE B 281 33.10 -14.07 33.80
CA PHE B 281 32.58 -12.98 34.61
C PHE B 281 32.82 -13.20 36.09
N SER B 282 33.82 -14.01 36.45
CA SER B 282 34.10 -14.31 37.84
C SER B 282 34.53 -13.10 38.65
N TYR B 283 34.81 -11.97 38.01
CA TYR B 283 35.41 -10.82 38.68
C TYR B 283 34.42 -9.67 38.84
N LEU B 284 33.13 -9.92 38.71
CA LEU B 284 32.15 -8.85 38.84
C LEU B 284 31.09 -9.17 39.87
N PRO B 285 31.45 -9.24 41.16
CA PRO B 285 30.44 -9.53 42.18
C PRO B 285 29.54 -8.35 42.50
N SER B 286 29.57 -7.28 41.71
CA SER B 286 28.68 -6.14 41.89
C SER B 286 27.92 -5.77 40.63
N LEU B 287 28.14 -6.47 39.53
CA LEU B 287 27.40 -6.18 38.30
C LEU B 287 25.90 -6.32 38.55
N ARG B 288 25.14 -5.39 38.00
CA ARG B 288 23.69 -5.36 38.25
C ARG B 288 22.86 -5.24 36.98
N TYR B 289 23.41 -4.69 35.91
CA TYR B 289 22.70 -4.55 34.65
C TYR B 289 23.62 -4.97 33.52
N LEU B 290 23.37 -6.14 32.94
CA LEU B 290 24.20 -6.68 31.88
C LEU B 290 23.37 -6.78 30.62
N SER B 291 24.00 -6.60 29.47
CA SER B 291 23.35 -6.77 28.18
C SER B 291 24.21 -7.67 27.32
N LEU B 292 23.57 -8.43 26.42
CA LEU B 292 24.27 -9.29 25.48
C LEU B 292 23.61 -9.27 24.09
N GLU B 293 22.85 -8.22 23.80
CA GLU B 293 22.03 -8.20 22.59
C GLU B 293 22.88 -8.28 21.33
N TYR B 294 22.28 -8.84 20.27
CA TYR B 294 22.82 -8.82 18.92
C TYR B 294 24.27 -9.34 18.88
N ASN B 295 24.41 -10.61 19.24
CA ASN B 295 25.69 -11.30 19.14
C ASN B 295 25.42 -12.72 18.66
N ASN B 296 26.44 -13.57 18.75
CA ASN B 296 26.40 -14.91 18.20
C ASN B 296 26.90 -15.93 19.20
N ILE B 297 26.42 -15.86 20.44
CA ILE B 297 26.72 -16.90 21.42
C ILE B 297 26.29 -18.24 20.87
N GLN B 298 27.24 -19.18 20.82
CA GLN B 298 26.96 -20.50 20.26
C GLN B 298 26.41 -21.45 21.32
N ARG B 299 27.04 -21.50 22.48
CA ARG B 299 26.63 -22.38 23.56
C ARG B 299 26.78 -21.67 24.88
N LEU B 300 26.11 -22.22 25.89
CA LEU B 300 26.22 -21.75 27.27
C LEU B 300 26.50 -22.95 28.16
N SER B 301 27.40 -22.78 29.12
CA SER B 301 27.75 -23.80 30.09
C SER B 301 27.44 -23.32 31.50
N PRO B 302 27.27 -24.25 32.44
CA PRO B 302 27.00 -23.82 33.83
C PRO B 302 28.13 -23.01 34.43
N ARG B 303 29.23 -22.85 33.71
CA ARG B 303 30.31 -21.95 34.11
C ARG B 303 30.27 -20.62 33.40
N SER B 304 29.42 -20.47 32.39
CA SER B 304 29.42 -19.25 31.58
C SER B 304 29.10 -18.02 32.42
N PHE B 305 28.21 -18.16 33.41
CA PHE B 305 27.81 -17.05 34.27
C PHE B 305 28.30 -17.23 35.69
N TYR B 306 29.36 -18.00 35.88
CA TYR B 306 29.86 -18.27 37.23
C TYR B 306 30.35 -16.98 37.87
N GLY B 307 29.98 -16.77 39.12
CA GLY B 307 30.44 -15.63 39.90
C GLY B 307 29.49 -14.45 39.94
N LEU B 308 28.56 -14.35 38.98
CA LEU B 308 27.66 -13.20 38.91
C LEU B 308 26.54 -13.38 39.94
N SER B 309 26.95 -13.52 41.19
CA SER B 309 26.03 -13.78 42.29
C SER B 309 25.22 -12.54 42.69
N ASN B 310 25.32 -11.44 41.94
CA ASN B 310 24.71 -10.19 42.34
C ASN B 310 23.99 -9.49 41.19
N LEU B 311 23.76 -10.19 40.09
CA LEU B 311 23.06 -9.59 38.96
C LEU B 311 21.58 -9.38 39.29
N ARG B 312 20.98 -8.39 38.65
CA ARG B 312 19.56 -8.09 38.82
C ARG B 312 18.85 -7.75 37.52
N TYR B 313 19.50 -7.97 36.38
CA TYR B 313 18.87 -7.74 35.08
C TYR B 313 19.78 -8.35 34.03
N LEU B 314 19.21 -8.82 32.93
CA LEU B 314 19.97 -9.46 31.87
C LEU B 314 19.09 -9.54 30.62
N SER B 315 19.63 -9.08 29.50
CA SER B 315 18.96 -9.17 28.22
C SER B 315 19.72 -10.16 27.34
N LEU B 316 18.97 -10.93 26.55
CA LEU B 316 19.53 -11.88 25.60
C LEU B 316 18.89 -11.74 24.23
N LYS B 317 18.26 -10.59 23.99
CA LYS B 317 17.54 -10.37 22.74
C LYS B 317 18.50 -10.47 21.55
N ARG B 318 18.27 -11.47 20.69
CA ARG B 318 19.08 -11.72 19.51
C ARG B 318 20.53 -12.05 19.87
N ALA B 319 20.76 -12.61 21.06
CA ALA B 319 22.11 -12.90 21.52
C ALA B 319 22.66 -14.22 21.00
N PHE B 320 21.79 -15.15 20.61
CA PHE B 320 22.22 -16.49 20.21
C PHE B 320 22.37 -16.57 18.68
N THR B 321 23.17 -17.54 18.26
CA THR B 321 23.47 -17.71 16.84
C THR B 321 22.19 -17.92 16.03
N LYS B 322 22.32 -17.75 14.71
CA LYS B 322 21.18 -17.75 13.83
C LYS B 322 20.74 -19.18 13.50
N GLN B 323 19.74 -19.28 12.64
CA GLN B 323 19.11 -20.57 12.36
C GLN B 323 19.99 -21.41 11.43
N SER B 324 20.54 -20.80 10.39
CA SER B 324 21.32 -21.50 9.37
C SER B 324 20.51 -22.64 8.74
N ALA B 328 22.35 -25.56 9.63
CA ALA B 328 21.83 -26.51 10.59
C ALA B 328 22.32 -26.19 12.01
N SER B 329 23.10 -25.12 12.11
CA SER B 329 23.64 -24.69 13.40
C SER B 329 22.52 -24.08 14.23
N HIS B 330 22.25 -24.66 15.40
CA HIS B 330 21.19 -24.23 16.28
C HIS B 330 21.77 -23.91 17.64
N PRO B 331 21.35 -22.80 18.26
CA PRO B 331 21.83 -22.48 19.60
C PRO B 331 21.42 -23.55 20.60
N ASN B 332 22.19 -23.66 21.69
CA ASN B 332 21.92 -24.67 22.71
C ASN B 332 22.35 -24.12 24.06
N ILE B 333 21.36 -23.78 24.89
CA ILE B 333 21.60 -23.48 26.30
C ILE B 333 21.31 -24.74 27.11
N ASP B 334 22.35 -25.33 27.68
CA ASP B 334 22.20 -26.58 28.41
C ASP B 334 21.57 -26.31 29.77
N ASP B 335 21.26 -27.39 30.48
CA ASP B 335 20.58 -27.27 31.76
C ASP B 335 21.47 -26.63 32.82
N PHE B 336 20.85 -26.21 33.91
CA PHE B 336 21.55 -25.63 35.06
C PHE B 336 22.39 -24.41 34.66
N SER B 337 21.98 -23.73 33.59
CA SER B 337 22.76 -22.59 33.11
C SER B 337 22.67 -21.38 34.03
N PHE B 338 21.55 -21.21 34.74
CA PHE B 338 21.32 -20.01 35.53
C PHE B 338 21.35 -20.29 37.03
N GLN B 339 22.04 -21.35 37.45
CA GLN B 339 22.04 -21.68 38.87
C GLN B 339 22.78 -20.65 39.71
N TRP B 340 23.60 -19.79 39.08
CA TRP B 340 24.38 -18.81 39.84
C TRP B 340 23.65 -17.49 40.02
N LEU B 341 22.79 -17.10 39.08
CA LEU B 341 22.08 -15.82 39.16
C LEU B 341 20.95 -15.94 40.18
N LYS B 342 21.35 -15.99 41.44
CA LYS B 342 20.43 -16.20 42.54
C LYS B 342 19.62 -14.95 42.89
N TYR B 343 20.02 -13.79 42.36
CA TYR B 343 19.26 -12.57 42.58
C TYR B 343 18.66 -11.98 41.32
N LEU B 344 18.77 -12.67 40.18
CA LEU B 344 18.21 -12.16 38.94
C LEU B 344 16.70 -11.95 39.07
N GLU B 345 16.18 -10.93 38.39
CA GLU B 345 14.76 -10.64 38.43
C GLU B 345 14.14 -10.39 37.06
N TYR B 346 14.92 -10.01 36.07
CA TYR B 346 14.41 -9.74 34.73
C TYR B 346 15.30 -10.49 33.74
N LEU B 347 14.68 -11.11 32.74
CA LEU B 347 15.43 -11.86 31.73
C LEU B 347 14.71 -11.78 30.41
N ASN B 348 15.11 -10.83 29.56
CA ASN B 348 14.59 -10.76 28.20
C ASN B 348 15.34 -11.79 27.35
N MET B 349 14.60 -12.55 26.56
CA MET B 349 15.21 -13.56 25.69
C MET B 349 14.57 -13.55 24.31
N ASP B 350 14.21 -12.38 23.81
CA ASP B 350 13.52 -12.30 22.53
C ASP B 350 14.43 -12.70 21.38
N ASP B 351 13.80 -13.01 20.24
CA ASP B 351 14.48 -13.17 18.95
C ASP B 351 15.66 -14.14 19.02
N ASN B 352 15.33 -15.40 19.30
CA ASN B 352 16.36 -16.45 19.32
C ASN B 352 15.82 -17.66 18.58
N ASN B 353 16.57 -18.76 18.67
CA ASN B 353 16.21 -20.00 18.00
C ASN B 353 16.45 -21.21 18.88
N ILE B 354 16.29 -21.05 20.19
CA ILE B 354 16.32 -22.18 21.12
C ILE B 354 15.26 -23.18 20.69
N PRO B 355 15.60 -24.47 20.55
CA PRO B 355 14.61 -25.44 20.08
C PRO B 355 13.42 -25.56 21.00
N SER B 356 13.69 -25.77 22.29
CA SER B 356 12.63 -25.90 23.29
C SER B 356 13.27 -25.77 24.67
N THR B 357 12.43 -25.83 25.69
CA THR B 357 12.88 -25.75 27.07
C THR B 357 13.15 -27.15 27.62
N LYS B 358 14.31 -27.30 28.25
CA LYS B 358 14.68 -28.56 28.86
C LYS B 358 14.04 -28.67 30.25
N SER B 359 14.45 -29.67 31.03
CA SER B 359 13.82 -29.94 32.31
C SER B 359 14.54 -29.26 33.48
N ASN B 360 15.63 -28.54 33.22
CA ASN B 360 16.30 -27.83 34.29
C ASN B 360 16.82 -26.45 33.88
N THR B 361 16.39 -25.90 32.75
CA THR B 361 16.98 -24.69 32.21
C THR B 361 17.00 -23.55 33.24
N PHE B 362 15.87 -23.24 33.85
CA PHE B 362 15.78 -22.09 34.75
C PHE B 362 15.97 -22.47 36.21
N THR B 363 16.59 -23.61 36.50
CA THR B 363 16.81 -24.02 37.87
C THR B 363 17.66 -22.99 38.61
N GLY B 364 17.30 -22.72 39.86
CA GLY B 364 18.03 -21.81 40.70
C GLY B 364 17.58 -20.36 40.62
N LEU B 365 16.79 -20.02 39.62
CA LEU B 365 16.29 -18.66 39.47
C LEU B 365 15.18 -18.39 40.48
N VAL B 366 15.55 -18.23 41.75
CA VAL B 366 14.58 -18.17 42.84
C VAL B 366 14.16 -16.74 43.10
N SER B 367 14.50 -15.84 42.17
CA SER B 367 14.07 -14.45 42.27
C SER B 367 13.59 -13.88 40.94
N LEU B 368 13.51 -14.69 39.89
CA LEU B 368 13.02 -14.20 38.61
C LEU B 368 11.58 -13.72 38.75
N LYS B 369 11.32 -12.51 38.24
CA LYS B 369 9.99 -11.94 38.33
C LYS B 369 9.40 -11.69 36.95
N TYR B 370 10.18 -11.08 36.07
CA TYR B 370 9.74 -10.73 34.73
C TYR B 370 10.52 -11.54 33.71
N LEU B 371 9.82 -12.36 32.94
CA LEU B 371 10.42 -13.21 31.92
C LEU B 371 9.71 -12.99 30.61
N SER B 372 10.47 -12.67 29.57
CA SER B 372 9.95 -12.49 28.23
C SER B 372 10.50 -13.59 27.33
N LEU B 373 9.68 -14.08 26.41
CA LEU B 373 10.06 -15.14 25.49
C LEU B 373 9.53 -14.87 24.10
N SER B 374 9.33 -13.60 23.77
CA SER B 374 8.73 -13.23 22.49
C SER B 374 9.61 -13.68 21.34
N LYS B 375 9.14 -14.68 20.60
CA LYS B 375 9.78 -15.13 19.37
C LYS B 375 11.17 -15.71 19.63
N THR B 376 11.28 -16.49 20.71
CA THR B 376 12.54 -17.13 21.07
C THR B 376 12.63 -18.57 20.60
N PHE B 377 11.51 -19.22 20.32
CA PHE B 377 11.50 -20.64 19.99
C PHE B 377 11.24 -20.86 18.51
N THR B 378 11.52 -22.08 18.08
CA THR B 378 11.26 -22.51 16.71
C THR B 378 10.56 -23.85 16.63
N SER B 379 10.74 -24.72 17.65
CA SER B 379 10.22 -26.08 17.63
C SER B 379 9.41 -26.39 18.88
N LEU B 380 8.64 -25.43 19.38
CA LEU B 380 7.84 -25.72 20.57
C LEU B 380 6.51 -26.37 20.20
N GLN B 381 5.61 -25.60 19.58
CA GLN B 381 4.37 -26.09 18.99
C GLN B 381 3.43 -26.78 19.98
N THR B 382 3.83 -26.95 21.24
CA THR B 382 3.02 -27.64 22.23
C THR B 382 3.56 -27.34 23.63
N LEU B 383 2.74 -26.72 24.46
CA LEU B 383 3.11 -26.46 25.85
C LEU B 383 2.56 -27.57 26.73
N THR B 384 3.35 -28.61 26.98
CA THR B 384 2.93 -29.73 27.81
C THR B 384 3.09 -29.37 29.28
N ASN B 385 2.76 -30.31 30.15
CA ASN B 385 2.86 -30.11 31.60
C ASN B 385 4.29 -30.27 32.11
N GLU B 386 5.28 -30.31 31.23
CA GLU B 386 6.67 -30.46 31.63
C GLU B 386 7.60 -29.41 31.05
N THR B 387 7.16 -28.59 30.10
CA THR B 387 8.03 -27.56 29.56
C THR B 387 8.29 -26.42 30.54
N PHE B 388 7.56 -26.35 31.65
CA PHE B 388 7.77 -25.31 32.65
C PHE B 388 8.04 -25.88 34.04
N VAL B 389 8.44 -27.15 34.14
CA VAL B 389 8.83 -27.70 35.43
C VAL B 389 10.06 -26.98 35.98
N SER B 390 10.93 -26.50 35.10
CA SER B 390 12.13 -25.79 35.53
C SER B 390 11.82 -24.46 36.22
N LEU B 391 10.62 -23.93 36.05
CA LEU B 391 10.24 -22.65 36.64
C LEU B 391 9.38 -22.81 37.89
N ALA B 392 9.32 -24.01 38.46
CA ALA B 392 8.48 -24.26 39.62
C ALA B 392 8.93 -23.46 40.84
N HIS B 393 10.16 -22.94 40.84
CA HIS B 393 10.71 -22.24 42.00
C HIS B 393 11.04 -20.79 41.70
N SER B 394 10.20 -20.11 40.93
CA SER B 394 10.44 -18.74 40.56
C SER B 394 9.18 -17.90 40.75
N PRO B 395 9.21 -16.88 41.59
CA PRO B 395 8.03 -16.02 41.76
C PRO B 395 7.78 -15.14 40.55
N LEU B 396 7.45 -15.75 39.40
CA LEU B 396 7.17 -14.98 38.19
C LEU B 396 6.02 -14.02 38.40
N LEU B 397 6.03 -12.94 37.61
CA LEU B 397 4.93 -11.98 37.56
C LEU B 397 4.56 -11.58 36.15
N THR B 398 5.15 -12.20 35.13
CA THR B 398 4.87 -11.91 33.74
C THR B 398 5.48 -13.01 32.88
N LEU B 399 4.86 -13.29 31.74
CA LEU B 399 5.40 -14.29 30.80
C LEU B 399 4.94 -13.89 29.40
N ASN B 400 5.80 -13.21 28.66
CA ASN B 400 5.52 -12.78 27.29
C ASN B 400 5.88 -13.90 26.33
N LEU B 401 4.87 -14.50 25.71
CA LEU B 401 5.10 -15.66 24.85
C LEU B 401 4.59 -15.46 23.42
N THR B 402 4.62 -14.23 22.90
CA THR B 402 4.09 -14.00 21.57
C THR B 402 5.04 -14.53 20.49
N LYS B 403 4.47 -14.85 19.33
CA LYS B 403 5.22 -15.18 18.12
C LYS B 403 6.07 -16.45 18.30
N ASN B 404 5.44 -17.52 18.76
CA ASN B 404 6.11 -18.79 18.90
C ASN B 404 5.47 -19.91 18.10
N HIS B 405 4.43 -19.61 17.32
CA HIS B 405 3.72 -20.62 16.53
C HIS B 405 3.19 -21.76 17.40
N ILE B 406 2.79 -21.45 18.62
CA ILE B 406 2.20 -22.44 19.50
C ILE B 406 0.90 -22.93 18.87
N SER B 407 0.72 -24.24 18.84
CA SER B 407 -0.44 -24.84 18.18
C SER B 407 -1.46 -25.42 19.13
N LYS B 408 -1.06 -25.85 20.32
CA LYS B 408 -1.97 -26.45 21.27
C LYS B 408 -1.31 -26.50 22.64
N ILE B 409 -2.12 -26.55 23.69
CA ILE B 409 -1.65 -26.62 25.07
C ILE B 409 -2.27 -27.84 25.71
N ALA B 410 -1.52 -28.46 26.62
CA ALA B 410 -2.04 -29.62 27.35
C ALA B 410 -2.67 -29.17 28.66
N ASN B 411 -3.49 -30.05 29.23
CA ASN B 411 -4.17 -29.75 30.48
C ASN B 411 -3.14 -29.59 31.60
N GLY B 412 -3.22 -28.46 32.30
CA GLY B 412 -2.35 -28.21 33.43
C GLY B 412 -0.92 -27.84 33.09
N THR B 413 -0.68 -27.26 31.91
CA THR B 413 0.64 -26.77 31.58
C THR B 413 1.11 -25.74 32.59
N PHE B 414 0.23 -24.83 32.98
CA PHE B 414 0.55 -23.77 33.91
C PHE B 414 0.28 -24.15 35.37
N SER B 415 0.33 -25.44 35.69
CA SER B 415 0.14 -25.86 37.07
C SER B 415 1.31 -25.44 37.96
N TRP B 416 2.39 -24.94 37.37
CA TRP B 416 3.57 -24.59 38.16
C TRP B 416 3.54 -23.13 38.59
N LEU B 417 3.20 -22.23 37.66
CA LEU B 417 3.32 -20.78 37.89
C LEU B 417 2.18 -20.27 38.76
N GLY B 418 2.10 -20.75 40.00
CA GLY B 418 1.03 -20.39 40.90
C GLY B 418 1.05 -18.96 41.41
N GLN B 419 1.97 -18.13 40.89
CA GLN B 419 2.09 -16.75 41.32
C GLN B 419 2.09 -15.79 40.15
N LEU B 420 1.77 -16.28 38.96
CA LEU B 420 1.75 -15.45 37.76
C LEU B 420 0.66 -14.39 37.85
N ARG B 421 0.90 -13.25 37.22
CA ARG B 421 -0.10 -12.20 37.10
C ARG B 421 -0.54 -11.96 35.67
N ILE B 422 0.40 -11.65 34.78
CA ILE B 422 0.11 -11.37 33.38
C ILE B 422 0.62 -12.54 32.55
N LEU B 423 -0.15 -12.95 31.56
CA LEU B 423 0.24 -14.00 30.64
C LEU B 423 -0.07 -13.54 29.24
N ASP B 424 0.91 -13.64 28.34
CA ASP B 424 0.78 -13.17 26.96
C ASP B 424 0.88 -14.40 26.05
N LEU B 425 -0.17 -14.63 25.26
CA LEU B 425 -0.20 -15.75 24.33
C LEU B 425 -0.58 -15.31 22.93
N GLY B 426 -0.64 -14.00 22.70
CA GLY B 426 -1.05 -13.47 21.42
C GLY B 426 -0.12 -13.84 20.28
N LEU B 427 -0.61 -13.62 19.07
CA LEU B 427 0.17 -13.79 17.84
C LEU B 427 0.74 -15.20 17.72
N ASN B 428 -0.12 -16.18 17.97
CA ASN B 428 0.25 -17.59 17.78
C ASN B 428 -0.79 -18.29 16.92
N GLU B 429 -0.67 -19.61 16.80
CA GLU B 429 -1.58 -20.43 16.03
C GLU B 429 -2.36 -21.38 16.91
N ILE B 430 -2.76 -20.90 18.10
CA ILE B 430 -3.56 -21.71 19.00
C ILE B 430 -4.88 -22.05 18.32
N GLU B 431 -5.26 -23.31 18.36
CA GLU B 431 -6.51 -23.76 17.74
C GLU B 431 -6.98 -24.99 18.51
N GLN B 432 -7.91 -24.79 19.44
CA GLN B 432 -8.41 -25.88 20.27
C GLN B 432 -9.66 -25.40 20.99
N LYS B 433 -10.33 -26.33 21.65
CA LYS B 433 -11.47 -26.02 22.51
C LYS B 433 -10.96 -25.81 23.92
N LEU B 434 -11.22 -24.63 24.47
CA LEU B 434 -10.72 -24.26 25.79
C LEU B 434 -11.53 -25.01 26.84
N SER B 435 -11.18 -26.27 27.07
CA SER B 435 -11.89 -27.10 28.04
C SER B 435 -11.85 -26.52 29.45
N GLY B 436 -10.92 -25.61 29.73
CA GLY B 436 -10.83 -24.94 31.02
C GLY B 436 -9.72 -25.43 31.90
N GLN B 437 -9.14 -26.60 31.61
CA GLN B 437 -8.06 -27.14 32.42
C GLN B 437 -6.71 -26.55 32.09
N GLU B 438 -6.60 -25.80 30.99
CA GLU B 438 -5.32 -25.20 30.63
C GLU B 438 -4.83 -24.25 31.71
N TRP B 439 -5.75 -23.55 32.36
CA TRP B 439 -5.42 -22.59 33.39
C TRP B 439 -5.33 -23.21 34.78
N ARG B 440 -5.10 -24.52 34.87
CA ARG B 440 -5.03 -25.17 36.18
C ARG B 440 -3.88 -24.61 37.00
N GLY B 441 -4.19 -24.17 38.22
CA GLY B 441 -3.20 -23.74 39.17
C GLY B 441 -3.00 -22.24 39.28
N LEU B 442 -3.39 -21.48 38.26
CA LEU B 442 -3.18 -20.03 38.25
C LEU B 442 -4.20 -19.36 39.17
N ARG B 443 -4.06 -19.63 40.47
CA ARG B 443 -4.97 -19.04 41.44
C ARG B 443 -4.74 -17.56 41.65
N ASN B 444 -3.73 -16.97 41.00
CA ASN B 444 -3.41 -15.55 41.14
C ASN B 444 -3.36 -14.83 39.81
N ILE B 445 -3.84 -15.44 38.73
CA ILE B 445 -3.81 -14.80 37.42
C ILE B 445 -4.56 -13.48 37.47
N PHE B 446 -4.09 -12.52 36.70
CA PHE B 446 -4.63 -11.16 36.72
C PHE B 446 -5.00 -10.66 35.33
N GLU B 447 -4.30 -11.10 34.30
CA GLU B 447 -4.60 -10.74 32.92
C GLU B 447 -4.18 -11.89 32.03
N ILE B 448 -4.95 -12.14 30.97
CA ILE B 448 -4.61 -13.16 29.98
C ILE B 448 -4.84 -12.55 28.61
N TYR B 449 -3.89 -12.75 27.70
CA TYR B 449 -3.88 -12.10 26.40
C TYR B 449 -3.94 -13.17 25.31
N LEU B 450 -5.08 -13.25 24.62
CA LEU B 450 -5.32 -14.28 23.62
C LEU B 450 -5.52 -13.74 22.21
N SER B 451 -5.39 -12.44 22.00
CA SER B 451 -5.68 -11.86 20.70
C SER B 451 -4.79 -12.47 19.62
N TYR B 452 -5.28 -12.42 18.38
CA TYR B 452 -4.53 -12.85 17.20
C TYR B 452 -4.11 -14.33 17.28
N ASN B 453 -5.10 -15.22 17.30
CA ASN B 453 -4.86 -16.65 17.20
C ASN B 453 -5.68 -17.20 16.04
N LYS B 454 -5.66 -18.53 15.87
CA LYS B 454 -6.38 -19.14 14.76
C LYS B 454 -7.88 -19.19 15.05
N TYR B 455 -8.28 -19.95 16.07
CA TYR B 455 -9.63 -19.87 16.63
C TYR B 455 -9.69 -20.73 17.87
N LEU B 456 -10.61 -20.38 18.77
CA LEU B 456 -10.83 -21.11 20.02
C LEU B 456 -12.30 -21.47 20.12
N GLN B 457 -12.58 -22.64 20.68
CA GLN B 457 -13.95 -23.07 20.93
C GLN B 457 -14.21 -23.01 22.42
N LEU B 458 -14.87 -21.94 22.86
CA LEU B 458 -15.16 -21.78 24.27
C LEU B 458 -16.19 -22.81 24.73
N SER B 459 -16.33 -22.93 26.04
CA SER B 459 -17.27 -23.87 26.65
C SER B 459 -17.67 -23.33 28.01
N THR B 460 -18.74 -23.89 28.56
CA THR B 460 -19.31 -23.39 29.80
C THR B 460 -18.27 -23.33 30.92
N SER B 461 -17.39 -24.34 30.98
CA SER B 461 -16.36 -24.39 32.01
C SER B 461 -15.00 -23.95 31.52
N SER B 462 -14.95 -23.00 30.58
CA SER B 462 -13.67 -22.54 30.07
C SER B 462 -12.92 -21.69 31.08
N PHE B 463 -13.59 -20.69 31.65
CA PHE B 463 -12.97 -19.73 32.55
C PHE B 463 -13.34 -19.97 34.01
N ALA B 464 -13.90 -21.15 34.30
CA ALA B 464 -14.37 -21.40 35.66
C ALA B 464 -13.22 -21.54 36.65
N LEU B 465 -12.04 -21.89 36.18
CA LEU B 465 -10.89 -22.14 37.05
C LEU B 465 -10.09 -20.89 37.39
N VAL B 466 -10.39 -19.77 36.75
CA VAL B 466 -9.67 -18.52 37.04
C VAL B 466 -10.66 -17.43 37.44
N PRO B 467 -11.25 -17.52 38.63
CA PRO B 467 -12.20 -16.48 39.03
C PRO B 467 -11.56 -15.13 39.28
N SER B 468 -10.27 -15.09 39.63
CA SER B 468 -9.63 -13.83 39.96
C SER B 468 -9.19 -13.04 38.74
N LEU B 469 -9.56 -13.48 37.53
CA LEU B 469 -9.19 -12.75 36.32
C LEU B 469 -9.75 -11.33 36.36
N GLN B 470 -9.03 -10.40 35.73
CA GLN B 470 -9.46 -9.01 35.77
C GLN B 470 -9.48 -8.37 34.40
N ARG B 471 -8.67 -8.85 33.47
CA ARG B 471 -8.67 -8.39 32.09
C ARG B 471 -8.65 -9.59 31.16
N LEU B 472 -9.06 -9.39 29.91
CA LEU B 472 -9.19 -10.50 28.97
C LEU B 472 -9.28 -9.93 27.56
N MET B 473 -8.39 -10.36 26.67
CA MET B 473 -8.34 -9.87 25.30
C MET B 473 -8.52 -11.02 24.33
N LEU B 474 -9.58 -10.97 23.52
CA LEU B 474 -9.88 -11.96 22.50
C LEU B 474 -10.06 -11.30 21.15
N ARG B 475 -9.17 -10.40 20.78
CA ARG B 475 -9.27 -9.75 19.44
C ARG B 475 -8.93 -10.76 18.34
N ARG B 476 -9.38 -10.52 17.10
CA ARG B 476 -9.15 -11.40 15.92
C ARG B 476 -8.78 -12.82 16.31
N VAL B 477 -9.70 -13.53 16.96
CA VAL B 477 -9.46 -14.95 17.31
C VAL B 477 -10.57 -15.80 16.67
N ALA B 478 -11.55 -15.18 15.98
CA ALA B 478 -12.58 -15.94 15.29
C ALA B 478 -13.24 -16.96 16.23
N LEU B 479 -13.86 -16.40 17.27
CA LEU B 479 -14.53 -17.20 18.27
C LEU B 479 -15.63 -18.05 17.67
N LYS B 480 -15.95 -19.15 18.35
CA LYS B 480 -17.14 -19.95 18.07
C LYS B 480 -17.74 -20.38 19.40
N ASN B 481 -18.94 -20.93 19.33
CA ASN B 481 -19.65 -21.48 20.49
C ASN B 481 -19.74 -20.43 21.61
N VAL B 482 -20.17 -19.24 21.22
CA VAL B 482 -20.25 -18.12 22.16
C VAL B 482 -21.61 -18.01 22.83
N ASP B 483 -22.67 -18.55 22.23
CA ASP B 483 -24.01 -18.48 22.81
C ASP B 483 -24.35 -19.85 23.41
N ILE B 484 -23.93 -20.04 24.65
CA ILE B 484 -24.17 -21.28 25.39
C ILE B 484 -24.59 -20.91 26.81
N SER B 485 -25.56 -21.65 27.35
CA SER B 485 -25.94 -21.22 28.69
C SER B 485 -25.46 -22.23 29.73
N PRO B 486 -24.98 -21.74 30.89
CA PRO B 486 -24.76 -20.33 31.18
C PRO B 486 -23.55 -19.78 30.43
N SER B 487 -23.46 -18.45 30.33
CA SER B 487 -22.38 -17.81 29.60
C SER B 487 -21.03 -18.20 30.19
N PRO B 488 -20.02 -18.48 29.36
CA PRO B 488 -18.70 -18.80 29.91
C PRO B 488 -18.10 -17.67 30.73
N PHE B 489 -18.52 -16.43 30.51
CA PHE B 489 -18.03 -15.28 31.26
C PHE B 489 -18.72 -15.10 32.60
N ARG B 490 -19.84 -15.78 32.81
CA ARG B 490 -20.61 -15.60 34.07
C ARG B 490 -19.68 -15.75 35.28
N PRO B 491 -18.77 -16.76 35.42
CA PRO B 491 -17.99 -16.89 36.66
C PRO B 491 -17.01 -15.76 36.92
N LEU B 492 -16.60 -15.02 35.89
CA LEU B 492 -15.58 -13.98 36.05
C LEU B 492 -16.19 -12.77 36.75
N ARG B 493 -16.29 -12.88 38.08
CA ARG B 493 -16.92 -11.83 38.87
C ARG B 493 -16.07 -10.56 38.91
N ASN B 494 -14.79 -10.66 38.58
CA ASN B 494 -13.87 -9.54 38.74
C ASN B 494 -13.40 -8.98 37.41
N LEU B 495 -13.99 -9.40 36.30
CA LEU B 495 -13.56 -8.92 34.99
C LEU B 495 -13.92 -7.46 34.81
N THR B 496 -13.03 -6.69 34.16
CA THR B 496 -13.30 -5.30 33.85
C THR B 496 -13.21 -4.95 32.38
N ILE B 497 -12.17 -5.40 31.67
CA ILE B 497 -12.05 -5.17 30.20
C ILE B 497 -12.45 -6.46 29.50
N LEU B 498 -12.85 -6.46 28.22
CA LEU B 498 -13.32 -7.75 27.64
C LEU B 498 -12.82 -7.96 26.22
N ASP B 499 -12.68 -6.91 25.42
CA ASP B 499 -12.15 -7.03 24.04
C ASP B 499 -12.55 -8.34 23.38
N LEU B 500 -13.84 -8.60 23.30
CA LEU B 500 -14.32 -9.73 22.47
C LEU B 500 -14.57 -9.14 21.08
N SER B 501 -13.57 -8.50 20.47
CA SER B 501 -13.81 -7.78 19.20
C SER B 501 -13.35 -8.56 17.97
N ASN B 502 -13.55 -7.99 16.78
CA ASN B 502 -13.12 -8.59 15.48
C ASN B 502 -13.15 -10.13 15.49
N ASN B 503 -14.24 -10.73 15.96
CA ASN B 503 -14.34 -12.21 15.90
C ASN B 503 -15.51 -12.62 15.01
N ASN B 504 -16.36 -11.68 14.59
CA ASN B 504 -17.56 -11.98 13.77
C ASN B 504 -18.51 -12.90 14.52
N ILE B 505 -19.25 -12.35 15.49
CA ILE B 505 -20.19 -13.17 16.33
C ILE B 505 -21.62 -13.07 15.79
N ALA B 506 -22.11 -14.12 15.11
CA ALA B 506 -23.43 -14.08 14.51
C ALA B 506 -24.51 -14.00 15.56
N ASN B 507 -24.36 -14.72 16.66
CA ASN B 507 -25.43 -14.85 17.65
C ASN B 507 -24.89 -14.62 19.05
N ILE B 508 -25.56 -13.75 19.80
CA ILE B 508 -25.20 -13.43 21.16
C ILE B 508 -26.45 -13.64 22.01
N ASN B 509 -26.52 -14.78 22.69
CA ASN B 509 -27.60 -14.97 23.64
C ASN B 509 -27.50 -13.91 24.72
N GLU B 510 -28.65 -13.46 25.20
CA GLU B 510 -28.66 -12.32 26.12
C GLU B 510 -28.28 -12.70 27.54
N ASP B 511 -27.99 -13.97 27.80
CA ASP B 511 -27.47 -14.38 29.09
C ASP B 511 -26.03 -13.95 29.28
N LEU B 512 -25.29 -13.79 28.20
CA LEU B 512 -23.91 -13.34 28.27
C LEU B 512 -23.83 -12.01 29.01
N LEU B 513 -22.72 -11.81 29.72
CA LEU B 513 -22.39 -10.61 30.46
C LEU B 513 -23.24 -10.43 31.72
N GLU B 514 -24.11 -11.37 32.03
CA GLU B 514 -24.88 -11.28 33.26
C GLU B 514 -24.00 -11.61 34.45
N GLY B 515 -23.94 -10.70 35.42
CA GLY B 515 -23.16 -10.91 36.61
C GLY B 515 -21.77 -10.31 36.59
N LEU B 516 -21.30 -9.82 35.44
CA LEU B 516 -20.03 -9.10 35.37
C LEU B 516 -20.27 -7.65 35.80
N GLU B 517 -20.60 -7.49 37.07
CA GLU B 517 -21.00 -6.19 37.57
C GLU B 517 -19.86 -5.19 37.56
N ASN B 518 -18.62 -5.65 37.66
CA ASN B 518 -17.46 -4.76 37.73
C ASN B 518 -16.93 -4.37 36.36
N LEU B 519 -17.58 -4.77 35.27
CA LEU B 519 -17.04 -4.50 33.95
C LEU B 519 -17.07 -3.02 33.65
N GLU B 520 -15.99 -2.52 33.05
CA GLU B 520 -15.87 -1.10 32.73
C GLU B 520 -15.64 -0.83 31.25
N ILE B 521 -14.87 -1.66 30.57
CA ILE B 521 -14.62 -1.52 29.15
C ILE B 521 -15.17 -2.74 28.43
N LEU B 522 -16.04 -2.52 27.45
CA LEU B 522 -16.47 -3.57 26.55
C LEU B 522 -16.19 -3.15 25.11
N ASP B 523 -15.36 -3.93 24.42
CA ASP B 523 -15.05 -3.70 23.02
C ASP B 523 -15.72 -4.78 22.19
N PHE B 524 -16.65 -4.37 21.31
CA PHE B 524 -17.41 -5.32 20.52
C PHE B 524 -17.50 -4.87 19.06
N GLN B 525 -16.37 -4.58 18.46
CA GLN B 525 -16.35 -4.09 17.09
C GLN B 525 -16.24 -5.23 16.09
N HIS B 526 -16.60 -4.92 14.84
CA HIS B 526 -16.40 -5.83 13.72
C HIS B 526 -16.95 -7.23 14.00
N ASN B 527 -18.20 -7.29 14.46
CA ASN B 527 -18.80 -8.57 14.78
C ASN B 527 -20.10 -8.84 14.03
N ASN B 528 -20.52 -7.94 13.14
CA ASN B 528 -21.69 -8.13 12.30
C ASN B 528 -22.88 -8.73 13.06
N LEU B 529 -23.14 -8.21 14.27
CA LEU B 529 -24.27 -8.68 15.13
C LEU B 529 -25.55 -7.92 14.74
N ALA B 530 -25.58 -7.31 13.57
CA ALA B 530 -26.67 -6.45 13.13
C ALA B 530 -28.04 -6.99 13.51
N ARG B 531 -28.41 -8.14 12.94
CA ARG B 531 -29.74 -8.74 13.11
C ARG B 531 -30.23 -8.69 14.56
N LEU B 532 -29.33 -8.90 15.52
CA LEU B 532 -29.74 -8.94 16.93
C LEU B 532 -30.61 -7.73 17.26
N TRP B 533 -30.10 -6.55 16.96
CA TRP B 533 -30.90 -5.33 17.06
C TRP B 533 -31.91 -5.33 15.92
N LYS B 534 -33.20 -5.32 16.25
CA LYS B 534 -34.22 -5.32 15.21
C LYS B 534 -35.56 -4.99 15.83
N ARG B 535 -36.39 -4.24 15.11
CA ARG B 535 -37.77 -4.10 15.50
C ARG B 535 -38.63 -5.27 15.03
N ALA B 536 -38.16 -6.01 14.03
CA ALA B 536 -38.89 -7.18 13.57
C ALA B 536 -38.84 -8.32 14.56
N ASN B 537 -37.78 -8.37 15.37
CA ASN B 537 -37.67 -9.20 16.56
C ASN B 537 -38.10 -10.65 16.36
N PRO B 538 -37.27 -11.50 15.74
CA PRO B 538 -37.52 -12.94 15.87
C PRO B 538 -37.68 -13.32 17.33
N GLY B 539 -36.75 -12.84 18.16
CA GLY B 539 -36.98 -12.77 19.59
C GLY B 539 -36.87 -11.31 19.99
N GLY B 540 -37.50 -10.98 21.14
CA GLY B 540 -37.47 -9.64 21.72
C GLY B 540 -36.08 -9.04 21.63
N PRO B 541 -35.94 -7.72 21.37
CA PRO B 541 -34.61 -7.14 21.16
C PRO B 541 -33.64 -7.50 22.25
N VAL B 542 -32.47 -8.03 21.87
CA VAL B 542 -31.51 -8.47 22.87
C VAL B 542 -31.08 -7.28 23.71
N ASN B 543 -30.82 -7.55 24.99
CA ASN B 543 -30.40 -6.53 25.95
C ASN B 543 -29.21 -7.03 26.75
N PHE B 544 -28.20 -7.58 26.05
CA PHE B 544 -27.06 -8.17 26.74
C PHE B 544 -26.38 -7.17 27.66
N LEU B 545 -26.54 -5.88 27.41
CA LEU B 545 -26.06 -4.84 28.33
C LEU B 545 -27.10 -4.65 29.44
N LYS B 546 -27.41 -5.76 30.11
CA LYS B 546 -28.49 -5.78 31.08
C LYS B 546 -28.23 -4.89 32.28
N GLY B 547 -27.25 -5.23 33.10
CA GLY B 547 -27.05 -4.50 34.33
C GLY B 547 -25.63 -4.10 34.62
N LEU B 548 -24.81 -3.94 33.58
CA LEU B 548 -23.45 -3.46 33.78
C LEU B 548 -23.48 -1.99 34.13
N SER B 549 -23.61 -1.68 35.42
CA SER B 549 -23.71 -0.29 35.86
C SER B 549 -22.36 0.39 35.97
N HIS B 550 -21.27 -0.35 35.88
CA HIS B 550 -19.94 0.25 35.92
C HIS B 550 -19.35 0.49 34.54
N LEU B 551 -20.11 0.31 33.47
CA LEU B 551 -19.60 0.60 32.14
C LEU B 551 -19.19 2.05 32.01
N HIS B 552 -18.01 2.28 31.44
CA HIS B 552 -17.55 3.62 31.09
C HIS B 552 -17.43 3.82 29.59
N ILE B 553 -16.67 2.98 28.91
CA ILE B 553 -16.46 3.06 27.48
C ILE B 553 -17.03 1.83 26.81
N LEU B 554 -17.90 2.04 25.83
CA LEU B 554 -18.62 0.96 25.15
C LEU B 554 -18.47 1.21 23.67
N ASN B 555 -17.74 0.35 22.98
CA ASN B 555 -17.45 0.53 21.57
C ASN B 555 -18.11 -0.56 20.75
N LEU B 556 -19.16 -0.20 20.00
CA LEU B 556 -19.91 -1.13 19.15
C LEU B 556 -19.77 -0.73 17.69
N GLU B 557 -18.55 -0.42 17.27
CA GLU B 557 -18.31 0.11 15.94
C GLU B 557 -18.28 -0.98 14.89
N SER B 558 -18.85 -0.68 13.73
CA SER B 558 -18.72 -1.50 12.53
C SER B 558 -19.41 -2.86 12.67
N ASN B 559 -20.65 -2.84 13.15
CA ASN B 559 -21.43 -4.06 13.28
C ASN B 559 -22.69 -4.03 12.42
N GLY B 560 -22.74 -3.14 11.43
CA GLY B 560 -23.93 -3.03 10.60
C GLY B 560 -25.22 -2.74 11.34
N LEU B 561 -25.15 -1.98 12.43
CA LEU B 561 -26.35 -1.64 13.18
C LEU B 561 -27.25 -0.73 12.35
N ASP B 562 -28.56 -0.91 12.50
CA ASP B 562 -29.47 0.00 11.81
C ASP B 562 -30.66 0.40 12.67
N GLU B 563 -30.80 -0.14 13.89
CA GLU B 563 -31.85 0.30 14.79
C GLU B 563 -31.47 -0.20 16.18
N ILE B 564 -31.21 0.73 17.10
CA ILE B 564 -30.92 0.36 18.48
C ILE B 564 -32.25 0.29 19.23
N PRO B 565 -32.50 -0.85 19.88
CA PRO B 565 -33.71 -0.97 20.67
C PRO B 565 -33.76 0.04 21.80
N VAL B 566 -34.98 0.39 22.19
CA VAL B 566 -35.19 1.33 23.29
C VAL B 566 -35.12 0.56 24.60
N GLY B 567 -34.17 0.91 25.44
CA GLY B 567 -34.03 0.26 26.73
C GLY B 567 -32.66 -0.33 26.93
N VAL B 568 -31.86 -0.34 25.86
CA VAL B 568 -30.54 -0.93 25.93
C VAL B 568 -29.58 -0.06 26.72
N PHE B 569 -29.82 1.24 26.79
CA PHE B 569 -28.97 2.15 27.53
C PHE B 569 -29.61 2.61 28.82
N LYS B 570 -30.67 1.93 29.25
CA LYS B 570 -31.38 2.34 30.46
C LYS B 570 -30.56 2.00 31.70
N ASN B 571 -30.30 3.02 32.52
CA ASN B 571 -29.64 2.95 33.83
C ASN B 571 -28.13 2.72 33.78
N LEU B 572 -27.47 2.93 32.64
CA LEU B 572 -26.02 2.90 32.60
C LEU B 572 -25.54 4.34 32.75
N PHE B 573 -25.47 4.78 34.00
CA PHE B 573 -25.34 6.19 34.31
C PHE B 573 -23.92 6.70 34.19
N GLU B 574 -22.93 5.82 34.12
CA GLU B 574 -21.53 6.23 34.13
C GLU B 574 -20.85 6.12 32.78
N LEU B 575 -21.58 5.80 31.71
CA LEU B 575 -20.97 5.75 30.39
C LEU B 575 -20.30 7.07 30.06
N LYS B 576 -19.03 7.00 29.67
CA LYS B 576 -18.28 8.18 29.27
C LYS B 576 -18.02 8.27 27.78
N SER B 577 -17.86 7.14 27.09
CA SER B 577 -17.64 7.17 25.65
C SER B 577 -18.47 6.09 24.99
N ILE B 578 -19.15 6.47 23.90
CA ILE B 578 -19.92 5.56 23.07
C ILE B 578 -19.42 5.72 21.66
N ASN B 579 -18.94 4.64 21.07
CA ASN B 579 -18.47 4.67 19.68
C ASN B 579 -19.36 3.77 18.84
N LEU B 580 -20.27 4.38 18.07
CA LEU B 580 -21.15 3.66 17.16
C LEU B 580 -20.85 3.95 15.70
N GLY B 581 -19.59 4.24 15.38
CA GLY B 581 -19.23 4.56 14.01
C GLY B 581 -19.46 3.40 13.06
N LEU B 582 -19.33 3.72 11.77
CA LEU B 582 -19.34 2.73 10.70
C LEU B 582 -20.51 1.77 10.81
N ASN B 583 -21.72 2.32 10.85
CA ASN B 583 -22.92 1.50 10.89
C ASN B 583 -23.92 2.04 9.87
N ASN B 584 -25.16 1.61 9.99
CA ASN B 584 -26.21 2.01 9.06
C ASN B 584 -27.36 2.70 9.77
N LEU B 585 -27.09 3.33 10.91
CA LEU B 585 -28.12 4.07 11.63
C LEU B 585 -28.64 5.22 10.79
N ASN B 586 -29.95 5.27 10.63
CA ASN B 586 -30.58 6.43 10.02
C ASN B 586 -31.76 6.83 10.89
N LYS B 587 -32.45 5.83 11.41
CA LYS B 587 -33.58 6.06 12.29
C LYS B 587 -33.09 6.11 13.73
N LEU B 588 -33.54 7.12 14.46
CA LEU B 588 -33.14 7.31 15.85
C LEU B 588 -34.40 7.35 16.69
N GLU B 589 -34.67 6.26 17.40
CA GLU B 589 -35.85 6.19 18.24
C GLU B 589 -35.77 7.27 19.31
N PRO B 590 -36.87 7.98 19.57
CA PRO B 590 -36.88 8.97 20.65
C PRO B 590 -36.39 8.40 21.97
N PHE B 591 -35.72 9.26 22.73
CA PHE B 591 -35.37 8.98 24.13
C PHE B 591 -34.46 7.76 24.28
N ILE B 592 -33.58 7.52 23.32
CA ILE B 592 -32.66 6.39 23.48
C ILE B 592 -31.54 6.72 24.45
N PHE B 593 -31.18 8.00 24.58
CA PHE B 593 -30.08 8.43 25.43
C PHE B 593 -30.55 9.21 26.64
N ASP B 594 -31.72 8.86 27.17
CA ASP B 594 -32.26 9.63 28.29
C ASP B 594 -31.40 9.51 29.55
N ASP B 595 -30.76 8.36 29.76
CA ASP B 595 -29.98 8.12 30.97
C ASP B 595 -28.50 8.42 30.80
N GLN B 596 -28.07 8.94 29.67
CA GLN B 596 -26.66 9.22 29.44
C GLN B 596 -26.39 10.71 29.60
N THR B 597 -26.24 11.11 30.85
CA THR B 597 -26.00 12.51 31.19
C THR B 597 -24.54 12.83 31.43
N SER B 598 -23.75 11.84 31.84
CA SER B 598 -22.32 12.02 32.04
C SER B 598 -21.50 11.79 30.78
N LEU B 599 -22.13 11.69 29.62
CA LEU B 599 -21.41 11.40 28.39
C LEU B 599 -20.40 12.49 28.09
N ARG B 600 -19.14 12.09 27.96
CA ARG B 600 -18.08 13.03 27.56
C ARG B 600 -17.63 12.84 26.12
N SER B 601 -17.87 11.68 25.52
CA SER B 601 -17.42 11.42 24.16
C SER B 601 -18.51 10.66 23.43
N LEU B 602 -18.87 11.14 22.24
CA LEU B 602 -19.86 10.48 21.39
C LEU B 602 -19.33 10.45 19.97
N ASN B 603 -19.28 9.25 19.37
CA ASN B 603 -18.78 9.10 18.01
C ASN B 603 -19.82 8.35 17.19
N LEU B 604 -20.39 9.03 16.20
CA LEU B 604 -21.33 8.43 15.25
C LEU B 604 -20.88 8.71 13.82
N GLN B 605 -19.58 8.70 13.57
CA GLN B 605 -19.07 8.97 12.23
C GLN B 605 -19.47 7.87 11.26
N LYS B 606 -19.47 8.22 9.97
CA LYS B 606 -19.62 7.26 8.87
C LYS B 606 -20.89 6.43 9.02
N ASN B 607 -22.02 7.11 9.15
CA ASN B 607 -23.31 6.45 9.26
C ASN B 607 -24.24 6.91 8.16
N LEU B 608 -25.52 6.62 8.31
CA LEU B 608 -26.53 7.04 7.34
C LEU B 608 -27.51 8.00 7.99
N ILE B 609 -27.04 8.74 8.99
CA ILE B 609 -27.90 9.68 9.69
C ILE B 609 -28.22 10.85 8.78
N THR B 610 -29.49 11.21 8.72
CA THR B 610 -29.95 12.29 7.86
C THR B 610 -30.53 13.45 8.62
N SER B 611 -31.06 13.23 9.81
CA SER B 611 -31.64 14.29 10.62
C SER B 611 -31.13 14.18 12.04
N VAL B 612 -30.85 15.31 12.66
CA VAL B 612 -30.39 15.38 14.04
C VAL B 612 -31.42 16.18 14.83
N GLU B 613 -32.26 15.47 15.57
CA GLU B 613 -33.35 16.08 16.32
C GLU B 613 -32.92 16.30 17.78
N LYS B 614 -33.85 16.84 18.57
CA LYS B 614 -33.57 17.20 19.95
C LYS B 614 -34.03 16.16 20.96
N ASP B 615 -35.17 15.50 20.70
CA ASP B 615 -35.67 14.43 21.57
C ASP B 615 -34.75 13.22 21.64
N VAL B 616 -33.70 13.15 20.84
CA VAL B 616 -32.68 12.13 20.98
C VAL B 616 -31.36 12.69 21.51
N PHE B 617 -30.86 13.75 20.89
CA PHE B 617 -29.52 14.23 21.25
C PHE B 617 -29.47 15.29 22.34
N GLY B 618 -30.59 15.82 22.81
CA GLY B 618 -30.57 16.75 23.92
C GLY B 618 -29.72 16.24 25.07
N PRO B 619 -30.19 15.19 25.74
CA PRO B 619 -29.54 14.69 26.93
C PRO B 619 -28.04 14.55 26.71
N PRO B 620 -27.58 13.75 25.72
CA PRO B 620 -26.12 13.59 25.61
C PRO B 620 -25.42 14.91 25.35
N PHE B 621 -26.03 15.78 24.52
CA PHE B 621 -25.42 17.06 24.21
C PHE B 621 -25.30 17.96 25.42
N GLN B 622 -25.93 17.61 26.53
CA GLN B 622 -26.06 18.58 27.62
C GLN B 622 -24.69 18.89 28.23
N ASN B 623 -23.75 17.94 28.16
CA ASN B 623 -22.47 18.08 28.84
C ASN B 623 -21.30 17.57 28.01
N LEU B 624 -21.49 17.34 26.71
CA LEU B 624 -20.48 16.71 25.88
C LEU B 624 -19.21 17.56 25.81
N ASN B 625 -18.07 16.87 25.87
CA ASN B 625 -16.79 17.53 25.63
C ASN B 625 -16.25 17.28 24.22
N SER B 626 -16.65 16.19 23.58
CA SER B 626 -16.12 15.85 22.28
C SER B 626 -17.18 15.08 21.50
N LEU B 627 -17.44 15.51 20.27
CA LEU B 627 -18.44 14.88 19.42
C LEU B 627 -17.87 14.66 18.04
N ASP B 628 -18.14 13.49 17.47
CA ASP B 628 -17.68 13.15 16.13
C ASP B 628 -18.83 12.51 15.37
N MET B 629 -19.37 13.23 14.39
CA MET B 629 -20.52 12.75 13.64
C MET B 629 -20.40 13.09 12.16
N ARG B 630 -19.17 13.12 11.65
CA ARG B 630 -18.93 13.53 10.28
C ARG B 630 -19.24 12.39 9.29
N PHE B 631 -19.18 12.73 8.01
CA PHE B 631 -19.50 11.78 6.93
C PHE B 631 -20.94 11.30 7.02
N ASN B 632 -21.87 12.24 7.16
CA ASN B 632 -23.27 11.86 7.27
C ASN B 632 -24.12 12.66 6.28
N PRO B 633 -25.04 12.00 5.58
CA PRO B 633 -25.95 12.71 4.67
C PRO B 633 -27.00 13.54 5.39
N PHE B 634 -26.57 14.56 6.13
CA PHE B 634 -27.50 15.43 6.86
C PHE B 634 -28.58 15.99 5.94
N ASP B 635 -29.76 16.21 6.50
CA ASP B 635 -30.82 16.93 5.81
C ASP B 635 -30.70 18.43 6.07
N CYS B 636 -30.31 19.19 5.06
CA CYS B 636 -30.24 20.63 5.20
C CYS B 636 -31.62 21.29 5.10
N THR B 637 -32.47 21.03 6.09
CA THR B 637 -33.65 21.85 6.33
C THR B 637 -33.75 22.10 7.82
N CYS B 638 -34.21 23.30 8.18
CA CYS B 638 -34.29 23.69 9.59
C CYS B 638 -35.07 22.68 10.43
N GLU B 639 -36.04 21.99 9.82
CA GLU B 639 -36.78 20.97 10.56
C GLU B 639 -35.88 19.81 10.98
N SER B 640 -34.81 19.55 10.23
CA SER B 640 -33.95 18.42 10.53
C SER B 640 -32.68 18.80 11.28
N ILE B 641 -32.16 20.02 11.09
CA ILE B 641 -30.87 20.41 11.65
C ILE B 641 -30.88 21.74 12.37
N SER B 642 -32.01 22.46 12.37
CA SER B 642 -32.05 23.78 13.00
C SER B 642 -31.51 23.77 14.42
N TRP B 643 -32.05 22.88 15.26
CA TRP B 643 -31.59 22.80 16.64
C TRP B 643 -30.10 22.47 16.70
N PHE B 644 -29.67 21.51 15.89
CA PHE B 644 -28.27 21.11 15.89
C PHE B 644 -27.38 22.32 15.57
N VAL B 645 -27.63 22.98 14.44
CA VAL B 645 -26.85 24.14 14.02
C VAL B 645 -26.86 25.23 15.09
N ASN B 646 -27.97 25.41 15.80
CA ASN B 646 -27.96 26.38 16.89
C ASN B 646 -26.99 25.95 17.97
N TRP B 647 -27.06 24.68 18.35
CA TRP B 647 -26.16 24.18 19.37
C TRP B 647 -24.72 24.37 18.93
N ILE B 648 -24.43 24.10 17.64
CA ILE B 648 -23.09 24.29 17.11
C ILE B 648 -22.66 25.75 17.23
N ASN B 649 -23.60 26.67 17.03
CA ASN B 649 -23.26 28.08 17.18
C ASN B 649 -23.01 28.47 18.62
N GLN B 650 -23.64 27.79 19.58
CA GLN B 650 -23.53 28.24 20.96
C GLN B 650 -22.88 27.24 21.91
N THR B 651 -22.19 26.22 21.42
CA THR B 651 -21.58 25.26 22.32
C THR B 651 -20.06 25.33 22.25
N HIS B 652 -19.43 24.99 23.37
CA HIS B 652 -17.97 24.97 23.47
C HIS B 652 -17.39 23.58 23.25
N THR B 653 -18.19 22.60 22.85
CA THR B 653 -17.70 21.26 22.63
C THR B 653 -16.59 21.25 21.60
N ASN B 654 -15.64 20.34 21.76
CA ASN B 654 -14.58 20.17 20.79
C ASN B 654 -15.14 19.36 19.62
N ILE B 655 -15.29 20.00 18.47
CA ILE B 655 -15.73 19.33 17.24
C ILE B 655 -14.57 19.37 16.27
N SER B 656 -14.11 18.21 15.84
CA SER B 656 -12.99 18.15 14.93
C SER B 656 -13.46 18.21 13.47
N GLU B 657 -12.66 18.88 12.65
CA GLU B 657 -12.95 19.07 11.23
C GLU B 657 -14.39 19.52 10.99
N LEU B 658 -14.84 20.47 11.82
CA LEU B 658 -16.21 20.95 11.69
C LEU B 658 -16.48 21.53 10.32
N SER B 659 -15.56 22.34 9.81
CA SER B 659 -15.82 23.19 8.66
C SER B 659 -15.78 22.46 7.34
N THR B 660 -15.33 21.21 7.30
CA THR B 660 -15.08 20.55 6.03
C THR B 660 -15.72 19.19 5.87
N HIS B 661 -16.01 18.45 6.93
CA HIS B 661 -16.58 17.11 6.80
C HIS B 661 -18.00 16.99 7.34
N TYR B 662 -18.72 18.10 7.41
CA TYR B 662 -20.14 18.06 7.77
C TYR B 662 -20.90 18.70 6.62
N LEU B 663 -21.18 17.89 5.60
CA LEU B 663 -21.83 18.36 4.38
C LEU B 663 -23.18 17.68 4.21
N CYS B 664 -24.14 18.43 3.70
CA CYS B 664 -25.46 17.84 3.40
C CYS B 664 -25.39 17.21 2.03
N ASN B 665 -25.88 15.97 1.90
CA ASN B 665 -25.99 15.37 0.54
C ASN B 665 -27.39 15.71 0.03
N THR B 666 -28.12 16.58 0.72
CA THR B 666 -29.50 16.97 0.33
C THR B 666 -29.78 18.36 0.90
N PRO B 667 -30.57 19.25 0.26
CA PRO B 667 -31.33 18.98 -0.94
C PRO B 667 -30.77 19.62 -2.22
N HIS B 668 -29.48 19.39 -2.55
CA HIS B 668 -28.85 19.86 -3.80
C HIS B 668 -28.64 21.38 -3.80
N HIS B 669 -29.67 22.16 -3.49
CA HIS B 669 -29.53 23.62 -3.38
C HIS B 669 -28.42 23.79 -2.36
N TYR B 670 -28.21 22.74 -1.57
CA TYR B 670 -27.15 22.79 -0.53
C TYR B 670 -26.25 21.57 -0.64
N TYR B 671 -26.17 20.93 -1.81
CA TYR B 671 -25.23 19.79 -1.88
C TYR B 671 -23.81 20.33 -1.70
N GLY B 672 -23.16 20.01 -0.59
CA GLY B 672 -21.82 20.50 -0.33
C GLY B 672 -21.81 21.65 0.64
N PHE B 673 -22.97 22.18 0.99
CA PHE B 673 -23.04 23.33 1.87
C PHE B 673 -22.52 22.96 3.25
N PRO B 674 -21.55 23.69 3.78
CA PRO B 674 -21.08 23.42 5.15
C PRO B 674 -22.21 23.59 6.15
N LEU B 675 -22.41 22.56 6.97
CA LEU B 675 -23.49 22.57 7.96
C LEU B 675 -23.47 23.84 8.80
N LYS B 676 -22.31 24.18 9.37
CA LYS B 676 -22.22 25.35 10.25
C LYS B 676 -22.68 26.62 9.57
N LEU B 677 -22.69 26.67 8.24
CA LEU B 677 -23.11 27.84 7.50
C LEU B 677 -24.61 27.88 7.23
N PHE B 678 -25.37 26.92 7.78
CA PHE B 678 -26.78 26.81 7.47
C PHE B 678 -27.56 27.93 8.15
N ASP B 679 -28.25 28.75 7.36
CA ASP B 679 -29.05 29.82 7.94
C ASP B 679 -30.30 29.23 8.60
N THR B 680 -30.58 29.68 9.82
CA THR B 680 -31.68 29.15 10.61
C THR B 680 -32.74 30.17 10.98
N SER B 681 -32.43 31.46 10.87
CA SER B 681 -33.28 32.53 11.38
C SER B 681 -34.76 32.35 11.06
N SER B 682 -35.10 32.19 9.79
CA SER B 682 -36.50 32.22 9.36
C SER B 682 -37.13 30.82 9.40
N CYS B 683 -37.16 30.23 10.59
CA CYS B 683 -37.73 28.89 10.74
C CYS B 683 -38.38 28.79 12.12
#